data_3HQO
#
_entry.id   3HQO
#
_cell.length_a   107.516
_cell.length_b   128.133
_cell.length_c   204.361
_cell.angle_alpha   90.00
_cell.angle_beta   90.03
_cell.angle_gamma   90.00
#
_symmetry.space_group_name_H-M   'C 1 2 1'
#
loop_
_entity.id
_entity.type
_entity.pdbx_description
1 polymer 'Pyruvate kinase'
2 non-polymer 'MAGNESIUM ION'
3 non-polymer 'POTASSIUM ION'
4 non-polymer 'OXALATE ION'
5 non-polymer "ADENOSINE-5'-TRIPHOSPHATE"
#
_entity_poly.entity_id   1
_entity_poly.type   'polypeptide(L)'
_entity_poly.pdbx_seq_one_letter_code
;MSQLAHNLTLSIFDPVANYRAARIICTIGPSTQSVEALKGLIQSGMSVARMNFSHGSHEYHQTTINNVRQAAAELGVNIA
IALDTKGPEIRTGQFVGGDAVMERGATCYVTTDPAFADKGTKDKFYIDYQNLSKVVRPGNYIYIDDGILILQVQSHEDEQ
TLECTVTNSHTISDRRGVNLPGCDVDLPAVSAKDRVDLQFGVEQGVDMIFASFIRSAEQVGDVRKALGPKGRDIMIICKI
ENHQGVQNIDSIIEESDGIMVARGDLGVEIPAEKVVVAQKILISKCNVAGKPVICATQMLESMTYNPRPTRAEVSDVANA
VFNGADCVMLSGETAKGKYPNEVVQYMARICLEAQSALNEYVFFNSIKKLQHIPMSADEAVCSSAVNSVYETKAKAMVVL
SNTGRSARLVAKYRPNCPIVCVTTRLQTCRQLNITQGVESVFFDADKLGHDEGKEHRVAAGVEFAKSKGYVQTGDYCVVI
HADHKVKGYANQTRILLVE
;
_entity_poly.pdbx_strand_id   K,A,B,C
#
# COMPACT_ATOMS: atom_id res chain seq x y z
N SER A 2 -36.99 27.89 -17.67
CA SER A 2 -35.56 27.56 -17.90
C SER A 2 -34.95 26.87 -16.69
N GLN A 3 -33.75 26.31 -16.88
CA GLN A 3 -33.04 25.63 -15.78
C GLN A 3 -32.69 26.62 -14.67
N LEU A 4 -32.32 27.84 -15.06
CA LEU A 4 -31.92 28.85 -14.10
C LEU A 4 -33.09 29.30 -13.24
N ALA A 5 -34.28 29.34 -13.84
CA ALA A 5 -35.51 29.71 -13.14
C ALA A 5 -35.92 28.67 -12.12
N HIS A 6 -35.79 27.39 -12.50
CA HIS A 6 -36.12 26.28 -11.62
C HIS A 6 -35.16 26.17 -10.43
N ASN A 7 -33.91 26.59 -10.63
CA ASN A 7 -32.94 26.62 -9.55
C ASN A 7 -33.30 27.58 -8.41
N LEU A 8 -34.03 28.64 -8.75
CA LEU A 8 -34.40 29.68 -7.78
C LEU A 8 -35.52 29.23 -6.85
N THR A 9 -36.27 28.22 -7.30
CA THR A 9 -37.43 27.70 -6.57
C THR A 9 -37.06 26.60 -5.57
N LEU A 10 -35.81 26.16 -5.62
CA LEU A 10 -35.35 25.11 -4.73
C LEU A 10 -35.06 25.63 -3.31
N SER A 11 -34.93 24.70 -2.38
CA SER A 11 -34.68 24.99 -0.97
C SER A 11 -34.06 23.74 -0.35
N ILE A 12 -33.11 23.93 0.54
CA ILE A 12 -32.48 22.81 1.24
C ILE A 12 -33.48 22.03 2.10
N PHE A 13 -34.52 22.72 2.58
CA PHE A 13 -35.53 22.15 3.47
C PHE A 13 -36.60 21.30 2.76
N ASP A 14 -36.67 21.41 1.43
CA ASP A 14 -37.68 20.70 0.64
C ASP A 14 -37.70 19.20 0.90
N PRO A 15 -38.87 18.66 1.31
CA PRO A 15 -39.03 17.26 1.68
C PRO A 15 -38.73 16.35 0.49
N VAL A 16 -38.04 15.24 0.78
CA VAL A 16 -37.64 14.28 -0.24
C VAL A 16 -38.83 13.44 -0.70
N ALA A 17 -38.73 12.92 -1.92
CA ALA A 17 -39.73 12.02 -2.49
C ALA A 17 -39.91 10.79 -1.61
N ASN A 18 -41.07 10.15 -1.69
CA ASN A 18 -41.33 8.94 -0.91
C ASN A 18 -40.80 7.64 -1.55
N TYR A 19 -40.06 7.78 -2.66
CA TYR A 19 -39.47 6.64 -3.37
C TYR A 19 -38.20 7.02 -4.11
N ARG A 20 -37.25 6.09 -4.21
CA ARG A 20 -36.04 6.33 -4.99
C ARG A 20 -36.20 5.77 -6.40
N ALA A 21 -35.69 6.49 -7.39
CA ALA A 21 -35.82 6.09 -8.80
C ALA A 21 -34.55 5.45 -9.35
N ALA A 22 -33.42 6.12 -9.13
CA ALA A 22 -32.12 5.63 -9.58
C ALA A 22 -31.81 4.30 -8.94
N ARG A 23 -31.21 3.40 -9.72
CA ARG A 23 -30.90 2.05 -9.25
C ARG A 23 -29.42 1.87 -8.97
N ILE A 24 -29.10 1.43 -7.75
CA ILE A 24 -27.71 1.16 -7.33
C ILE A 24 -27.22 -0.23 -7.74
N ILE A 25 -26.00 -0.32 -8.28
CA ILE A 25 -25.35 -1.61 -8.60
C ILE A 25 -24.01 -1.71 -7.86
N CYS A 26 -23.82 -2.80 -7.13
CA CYS A 26 -22.58 -3.01 -6.37
C CYS A 26 -21.75 -4.18 -6.90
N THR A 27 -20.45 -4.10 -6.69
CA THR A 27 -19.52 -5.15 -7.09
C THR A 27 -19.17 -6.01 -5.88
N ILE A 28 -19.41 -7.30 -6.01
CA ILE A 28 -19.15 -8.24 -4.92
C ILE A 28 -17.68 -8.64 -4.88
N GLY A 29 -17.05 -8.43 -3.72
CA GLY A 29 -15.67 -8.83 -3.49
C GLY A 29 -15.47 -9.40 -2.09
N PRO A 30 -14.21 -9.60 -1.69
CA PRO A 30 -13.83 -10.06 -0.35
C PRO A 30 -14.58 -9.39 0.81
N SER A 31 -14.92 -8.10 0.66
CA SER A 31 -15.63 -7.33 1.69
C SER A 31 -17.12 -7.66 1.77
N THR A 32 -17.64 -8.30 0.73
CA THR A 32 -19.08 -8.42 0.54
C THR A 32 -19.59 -9.76 0.02
N GLN A 33 -18.78 -10.82 0.08
CA GLN A 33 -19.21 -12.11 -0.50
C GLN A 33 -20.14 -12.91 0.41
N SER A 34 -19.93 -12.78 1.72
CA SER A 34 -20.76 -13.47 2.72
C SER A 34 -22.22 -13.06 2.62
N VAL A 35 -23.12 -13.99 2.96
CA VAL A 35 -24.56 -13.70 2.98
C VAL A 35 -24.91 -12.64 4.02
N GLU A 36 -24.20 -12.65 5.14
CA GLU A 36 -24.45 -11.67 6.21
C GLU A 36 -24.07 -10.24 5.80
N ALA A 37 -23.21 -10.11 4.80
CA ALA A 37 -22.86 -8.81 4.21
C ALA A 37 -23.76 -8.47 3.03
N LEU A 38 -24.08 -9.47 2.22
CA LEU A 38 -24.97 -9.31 1.07
C LEU A 38 -26.38 -8.88 1.47
N LYS A 39 -26.86 -9.39 2.60
CA LYS A 39 -28.13 -8.91 3.17
C LYS A 39 -27.98 -7.42 3.51
N GLY A 40 -26.85 -7.06 4.11
CA GLY A 40 -26.53 -5.68 4.43
C GLY A 40 -26.64 -4.76 3.22
N LEU A 41 -26.04 -5.16 2.11
CA LEU A 41 -26.09 -4.36 0.89
C LEU A 41 -27.51 -4.20 0.34
N ILE A 42 -28.32 -5.25 0.44
CA ILE A 42 -29.70 -5.23 -0.06
C ILE A 42 -30.59 -4.25 0.74
N GLN A 43 -30.48 -4.29 2.05
CA GLN A 43 -31.18 -3.34 2.92
C GLN A 43 -30.61 -1.92 2.85
N SER A 44 -29.33 -1.79 2.48
CA SER A 44 -28.71 -0.47 2.35
C SER A 44 -29.08 0.22 1.04
N GLY A 45 -29.43 -0.57 0.02
CA GLY A 45 -30.01 -0.04 -1.21
C GLY A 45 -29.58 -0.66 -2.52
N MET A 46 -28.75 -1.70 -2.46
CA MET A 46 -28.26 -2.37 -3.66
C MET A 46 -29.40 -3.01 -4.45
N SER A 47 -29.41 -2.78 -5.76
CA SER A 47 -30.42 -3.40 -6.63
C SER A 47 -29.83 -4.57 -7.40
N VAL A 48 -28.60 -4.41 -7.87
CA VAL A 48 -27.94 -5.42 -8.68
C VAL A 48 -26.55 -5.76 -8.15
N ALA A 49 -26.20 -7.04 -8.20
CA ALA A 49 -24.85 -7.49 -7.87
C ALA A 49 -24.08 -7.77 -9.15
N ARG A 50 -22.93 -7.13 -9.26
CA ARG A 50 -22.04 -7.28 -10.39
C ARG A 50 -20.94 -8.22 -9.96
N MET A 51 -20.63 -9.16 -10.84
CA MET A 51 -19.46 -9.99 -10.66
C MET A 51 -18.43 -9.60 -11.71
N ASN A 52 -17.24 -9.23 -11.26
CA ASN A 52 -16.17 -8.89 -12.20
C ASN A 52 -15.33 -10.10 -12.52
N PHE A 53 -15.48 -10.58 -13.75
CA PHE A 53 -14.83 -11.81 -14.19
C PHE A 53 -13.39 -11.61 -14.63
N SER A 54 -12.89 -10.41 -14.39
CA SER A 54 -11.48 -10.11 -14.57
C SER A 54 -10.68 -10.54 -13.34
N HIS A 55 -11.40 -10.98 -12.31
CA HIS A 55 -10.80 -11.48 -11.08
C HIS A 55 -11.54 -12.73 -10.58
N GLY A 56 -10.81 -13.66 -9.97
CA GLY A 56 -11.40 -14.85 -9.37
C GLY A 56 -11.79 -15.93 -10.36
N SER A 57 -11.92 -17.15 -9.86
CA SER A 57 -12.24 -18.31 -10.69
C SER A 57 -13.75 -18.50 -10.82
N HIS A 58 -14.13 -19.41 -11.72
CA HIS A 58 -15.52 -19.85 -11.84
C HIS A 58 -16.00 -20.47 -10.53
N GLU A 59 -15.06 -21.00 -9.75
CA GLU A 59 -15.35 -21.55 -8.42
C GLU A 59 -15.73 -20.43 -7.45
N TYR A 60 -15.08 -19.27 -7.58
CA TYR A 60 -15.33 -18.12 -6.71
C TYR A 60 -16.67 -17.47 -7.02
N HIS A 61 -16.90 -17.16 -8.29
CA HIS A 61 -18.12 -16.47 -8.73
C HIS A 61 -19.36 -17.31 -8.47
N GLN A 62 -19.17 -18.63 -8.44
CA GLN A 62 -20.24 -19.56 -8.11
C GLN A 62 -20.78 -19.25 -6.72
N THR A 63 -19.87 -19.12 -5.77
CA THR A 63 -20.20 -18.81 -4.39
C THR A 63 -20.95 -17.48 -4.32
N THR A 64 -20.47 -16.47 -5.05
CA THR A 64 -21.13 -15.17 -5.14
C THR A 64 -22.59 -15.35 -5.57
N ILE A 65 -22.79 -16.05 -6.68
CA ILE A 65 -24.12 -16.36 -7.20
C ILE A 65 -24.98 -17.07 -6.14
N ASN A 66 -24.45 -18.12 -5.55
CA ASN A 66 -25.18 -18.92 -4.55
C ASN A 66 -25.56 -18.15 -3.30
N ASN A 67 -24.76 -17.14 -2.96
CA ASN A 67 -25.01 -16.31 -1.77
C ASN A 67 -25.88 -15.09 -2.05
N VAL A 68 -25.70 -14.46 -3.21
CA VAL A 68 -26.58 -13.37 -3.65
C VAL A 68 -28.03 -13.87 -3.65
N ARG A 69 -28.26 -15.01 -4.31
CA ARG A 69 -29.58 -15.63 -4.39
C ARG A 69 -30.15 -16.02 -3.02
N GLN A 70 -29.29 -16.56 -2.16
CA GLN A 70 -29.73 -16.96 -0.82
C GLN A 70 -30.13 -15.75 0.03
N ALA A 71 -29.34 -14.68 -0.02
CA ALA A 71 -29.63 -13.44 0.71
C ALA A 71 -30.91 -12.77 0.22
N ALA A 72 -31.18 -12.90 -1.08
CA ALA A 72 -32.40 -12.38 -1.71
C ALA A 72 -33.65 -13.07 -1.18
N ALA A 73 -33.66 -14.40 -1.24
CA ALA A 73 -34.80 -15.20 -0.82
C ALA A 73 -35.12 -15.04 0.67
N GLU A 74 -34.09 -14.85 1.48
CA GLU A 74 -34.27 -14.68 2.92
C GLU A 74 -34.88 -13.32 3.27
N LEU A 75 -34.68 -12.34 2.39
CA LEU A 75 -35.25 -11.00 2.56
C LEU A 75 -36.54 -10.81 1.76
N GLY A 76 -36.79 -11.71 0.81
CA GLY A 76 -38.02 -11.73 0.01
C GLY A 76 -38.06 -10.74 -1.14
N VAL A 77 -36.89 -10.45 -1.71
CA VAL A 77 -36.79 -9.50 -2.82
C VAL A 77 -36.07 -10.11 -4.01
N ASN A 78 -36.28 -9.53 -5.20
CA ASN A 78 -35.58 -9.94 -6.40
C ASN A 78 -34.34 -9.08 -6.62
N ILE A 79 -33.15 -9.68 -6.52
CA ILE A 79 -31.90 -8.98 -6.79
C ILE A 79 -31.22 -9.57 -8.01
N ALA A 80 -30.86 -8.72 -8.97
CA ALA A 80 -30.28 -9.16 -10.23
C ALA A 80 -28.80 -9.46 -10.11
N ILE A 81 -28.31 -10.35 -10.98
CA ILE A 81 -26.91 -10.78 -10.99
C ILE A 81 -26.36 -10.48 -12.37
N ALA A 82 -25.22 -9.81 -12.41
CA ALA A 82 -24.62 -9.41 -13.67
C ALA A 82 -23.21 -9.97 -13.80
N LEU A 83 -22.90 -10.48 -14.98
CA LEU A 83 -21.55 -10.91 -15.32
C LEU A 83 -20.84 -9.80 -16.09
N ASP A 84 -19.63 -9.49 -15.67
CA ASP A 84 -18.84 -8.45 -16.31
C ASP A 84 -17.65 -9.11 -16.97
N THR A 85 -17.64 -9.15 -18.30
CA THR A 85 -16.61 -9.89 -19.06
C THR A 85 -15.21 -9.29 -18.92
N LYS A 86 -14.20 -10.10 -19.25
CA LYS A 86 -12.81 -9.62 -19.31
C LYS A 86 -12.64 -8.71 -20.53
N GLY A 87 -12.99 -9.23 -21.70
CA GLY A 87 -12.89 -8.49 -22.96
C GLY A 87 -11.51 -8.51 -23.57
N PRO A 88 -11.23 -7.58 -24.51
CA PRO A 88 -9.89 -7.33 -25.01
C PRO A 88 -9.09 -6.37 -24.14
N GLU A 89 -8.97 -6.72 -22.86
CA GLU A 89 -8.15 -5.93 -21.91
C GLU A 89 -6.75 -6.53 -21.75
N ILE A 90 -5.88 -5.77 -21.09
CA ILE A 90 -4.59 -6.30 -20.64
C ILE A 90 -4.49 -6.08 -19.14
N ARG A 91 -4.09 -7.11 -18.43
CA ARG A 91 -4.05 -7.10 -16.98
C ARG A 91 -2.63 -7.37 -16.53
N THR A 92 -2.22 -6.76 -15.41
CA THR A 92 -0.97 -7.15 -14.79
C THR A 92 -1.12 -8.53 -14.16
N GLY A 93 -0.09 -8.95 -13.45
CA GLY A 93 -0.08 -10.24 -12.80
C GLY A 93 -0.16 -10.05 -11.30
N GLN A 94 -0.33 -11.15 -10.58
CA GLN A 94 -0.45 -11.12 -9.13
C GLN A 94 0.84 -10.64 -8.44
N PHE A 95 0.75 -10.40 -7.13
CA PHE A 95 1.90 -10.00 -6.36
C PHE A 95 2.02 -10.79 -5.08
N VAL A 96 3.25 -11.07 -4.69
CA VAL A 96 3.55 -11.54 -3.35
C VAL A 96 3.05 -10.48 -2.36
N GLY A 97 2.17 -10.89 -1.44
CA GLY A 97 1.54 -9.98 -0.48
C GLY A 97 0.28 -9.34 -1.02
N GLY A 98 -0.23 -9.87 -2.13
CA GLY A 98 -1.46 -9.39 -2.75
C GLY A 98 -1.38 -7.98 -3.32
N ASP A 99 -0.21 -7.34 -3.18
CA ASP A 99 0.03 -5.97 -3.68
C ASP A 99 1.50 -5.54 -3.80
N ALA A 100 1.70 -4.38 -4.41
CA ALA A 100 3.02 -3.81 -4.68
C ALA A 100 3.01 -2.33 -4.38
N VAL A 101 4.10 -1.77 -3.86
CA VAL A 101 4.15 -0.33 -3.58
C VAL A 101 5.19 0.40 -4.40
N MET A 102 4.75 0.97 -5.53
CA MET A 102 5.65 1.61 -6.47
C MET A 102 5.91 3.06 -6.07
N GLU A 103 7.18 3.44 -5.95
CA GLU A 103 7.52 4.80 -5.52
C GLU A 103 8.11 5.63 -6.65
N ARG A 104 7.80 6.93 -6.64
CA ARG A 104 8.31 7.89 -7.61
C ARG A 104 9.84 7.86 -7.60
N GLY A 105 10.43 7.65 -8.78
CA GLY A 105 11.89 7.57 -8.92
C GLY A 105 12.38 6.15 -9.06
N ALA A 106 11.72 5.23 -8.36
CA ALA A 106 12.05 3.81 -8.38
C ALA A 106 11.96 3.18 -9.77
N THR A 107 12.73 2.11 -9.98
CA THR A 107 12.76 1.44 -11.27
C THR A 107 12.15 0.05 -11.16
N CYS A 108 11.41 -0.34 -12.19
CA CYS A 108 10.68 -1.59 -12.17
C CYS A 108 10.83 -2.36 -13.47
N TYR A 109 10.49 -3.65 -13.40
CA TYR A 109 10.66 -4.56 -14.52
C TYR A 109 9.36 -5.24 -14.91
N VAL A 110 8.94 -4.99 -16.15
CA VAL A 110 7.74 -5.60 -16.68
C VAL A 110 8.11 -6.72 -17.65
N THR A 111 7.99 -7.95 -17.18
CA THR A 111 8.28 -9.11 -18.02
C THR A 111 7.02 -9.72 -18.59
N THR A 112 7.17 -10.39 -19.72
CA THR A 112 6.05 -11.10 -20.32
C THR A 112 6.25 -12.60 -20.15
N ASP A 113 6.99 -12.98 -19.11
CA ASP A 113 7.28 -14.38 -18.80
C ASP A 113 6.18 -15.00 -17.97
N PRO A 114 5.39 -15.90 -18.58
CA PRO A 114 4.33 -16.64 -17.89
C PRO A 114 4.91 -17.58 -16.82
N ALA A 115 5.58 -16.97 -15.83
CA ALA A 115 6.14 -17.64 -14.67
C ALA A 115 6.47 -16.55 -13.67
N PHE A 116 6.27 -15.30 -14.11
CA PHE A 116 6.24 -14.15 -13.22
C PHE A 116 4.78 -13.70 -13.00
N ALA A 117 3.84 -14.57 -13.37
CA ALA A 117 2.43 -14.37 -13.07
C ALA A 117 2.14 -14.51 -11.57
N ASP A 118 2.60 -15.61 -10.96
N ASP A 118 2.61 -15.61 -10.99
CA ASP A 118 2.30 -15.90 -9.55
CA ASP A 118 2.36 -15.96 -9.59
C ASP A 118 3.12 -15.09 -8.55
C ASP A 118 3.08 -15.03 -8.62
N LYS A 119 4.34 -14.71 -8.93
CA LYS A 119 5.20 -13.87 -8.08
C LYS A 119 5.39 -12.47 -8.67
N GLY A 120 5.19 -11.44 -7.85
CA GLY A 120 5.26 -10.07 -8.33
C GLY A 120 5.81 -9.12 -7.28
N THR A 121 6.97 -8.56 -7.57
CA THR A 121 7.59 -7.56 -6.71
C THR A 121 7.25 -6.17 -7.22
N LYS A 122 7.61 -5.16 -6.43
CA LYS A 122 7.65 -3.78 -6.88
C LYS A 122 8.72 -3.64 -7.98
N ASP A 123 9.72 -4.51 -7.92
CA ASP A 123 10.82 -4.52 -8.87
C ASP A 123 10.43 -5.17 -10.19
N LYS A 124 9.61 -6.23 -10.13
CA LYS A 124 9.29 -7.04 -11.30
C LYS A 124 7.92 -7.69 -11.22
N PHE A 125 7.15 -7.58 -12.31
CA PHE A 125 5.87 -8.26 -12.45
C PHE A 125 5.52 -8.63 -13.90
N TYR A 126 4.30 -9.15 -14.08
CA TYR A 126 3.86 -9.74 -15.33
C TYR A 126 2.81 -8.86 -16.02
N ILE A 127 2.79 -8.87 -17.34
CA ILE A 127 1.73 -8.21 -18.14
C ILE A 127 1.31 -9.17 -19.26
N ASP A 128 0.03 -9.55 -19.26
CA ASP A 128 -0.43 -10.70 -20.04
C ASP A 128 -0.60 -10.49 -21.55
N TYR A 129 -0.06 -9.40 -22.07
CA TYR A 129 0.04 -9.23 -23.53
C TYR A 129 1.45 -9.57 -23.99
N GLN A 130 1.55 -10.62 -24.79
CA GLN A 130 2.83 -11.17 -25.25
C GLN A 130 3.61 -10.19 -26.14
N ASN A 131 2.90 -9.65 -27.13
CA ASN A 131 3.46 -8.73 -28.12
C ASN A 131 3.96 -7.40 -27.54
N LEU A 132 3.82 -7.21 -26.23
CA LEU A 132 4.15 -5.95 -25.54
C LEU A 132 5.49 -5.34 -25.94
N SER A 133 6.53 -6.17 -25.97
CA SER A 133 7.90 -5.72 -26.31
C SER A 133 8.00 -5.00 -27.66
N LYS A 134 7.18 -5.44 -28.63
CA LYS A 134 7.15 -4.83 -29.96
C LYS A 134 6.27 -3.58 -30.05
N VAL A 135 5.33 -3.43 -29.12
CA VAL A 135 4.39 -2.31 -29.13
C VAL A 135 4.98 -1.03 -28.56
N VAL A 136 6.00 -1.17 -27.71
CA VAL A 136 6.58 -0.04 -26.98
C VAL A 136 7.98 0.34 -27.43
N ARG A 137 8.32 1.59 -27.15
CA ARG A 137 9.66 2.12 -27.36
C ARG A 137 10.09 2.93 -26.14
N PRO A 138 11.41 3.07 -25.91
CA PRO A 138 11.90 3.94 -24.84
C PRO A 138 11.28 5.34 -24.93
N GLY A 139 10.66 5.76 -23.84
CA GLY A 139 9.97 7.05 -23.79
C GLY A 139 8.46 6.93 -23.62
N ASN A 140 7.86 5.95 -24.31
CA ASN A 140 6.42 5.66 -24.22
C ASN A 140 5.99 5.23 -22.83
N TYR A 141 4.79 5.62 -22.44
CA TYR A 141 4.28 5.28 -21.12
C TYR A 141 3.48 3.99 -21.11
N ILE A 142 3.41 3.39 -19.92
CA ILE A 142 2.56 2.25 -19.64
C ILE A 142 1.68 2.64 -18.47
N TYR A 143 0.37 2.61 -18.67
CA TYR A 143 -0.59 3.03 -17.67
C TYR A 143 -1.06 1.84 -16.86
N ILE A 144 -0.90 1.90 -15.55
CA ILE A 144 -1.34 0.84 -14.67
C ILE A 144 -2.52 1.34 -13.84
N ASP A 145 -3.56 0.51 -13.72
CA ASP A 145 -4.72 0.79 -12.85
C ASP A 145 -5.50 2.05 -13.23
N ASP A 146 -6.48 1.88 -14.12
CA ASP A 146 -7.35 2.97 -14.58
C ASP A 146 -6.64 4.32 -14.69
N GLY A 147 -5.42 4.29 -15.20
CA GLY A 147 -4.66 5.50 -15.49
C GLY A 147 -4.09 6.25 -14.30
N ILE A 148 -3.97 5.55 -13.17
CA ILE A 148 -3.46 6.17 -11.94
C ILE A 148 -1.93 6.18 -11.92
N LEU A 149 -1.33 4.99 -12.08
CA LEU A 149 0.11 4.81 -12.04
C LEU A 149 0.70 4.73 -13.45
N ILE A 150 1.70 5.57 -13.73
CA ILE A 150 2.36 5.58 -15.03
C ILE A 150 3.84 5.24 -14.97
N LEU A 151 4.27 4.36 -15.87
CA LEU A 151 5.65 3.94 -15.97
C LEU A 151 6.22 4.42 -17.31
N GLN A 152 7.39 5.06 -17.27
CA GLN A 152 8.09 5.45 -18.49
C GLN A 152 9.17 4.41 -18.86
N VAL A 153 9.07 3.88 -20.08
CA VAL A 153 9.97 2.84 -20.55
C VAL A 153 11.36 3.40 -20.86
N GLN A 154 12.39 2.85 -20.22
CA GLN A 154 13.78 3.29 -20.39
C GLN A 154 14.51 2.51 -21.47
N SER A 155 14.34 1.19 -21.47
CA SER A 155 15.05 0.30 -22.39
C SER A 155 14.48 -1.11 -22.32
N HIS A 156 14.98 -1.99 -23.19
CA HIS A 156 14.74 -3.42 -23.07
C HIS A 156 15.76 -4.04 -22.12
N GLU A 157 15.52 -5.30 -21.74
CA GLU A 157 16.50 -6.09 -21.00
C GLU A 157 16.74 -7.40 -21.72
N ASP A 158 15.68 -7.96 -22.28
CA ASP A 158 15.73 -9.08 -23.22
C ASP A 158 14.51 -9.05 -24.16
N GLU A 159 14.23 -10.17 -24.81
CA GLU A 159 13.03 -10.27 -25.64
C GLU A 159 11.84 -10.72 -24.79
N GLN A 160 11.69 -10.06 -23.62
CA GLN A 160 10.62 -10.34 -22.65
C GLN A 160 10.42 -9.25 -21.59
N THR A 161 11.47 -8.46 -21.32
CA THR A 161 11.46 -7.55 -20.17
C THR A 161 11.81 -6.10 -20.53
N LEU A 162 11.19 -5.17 -19.83
CA LEU A 162 11.45 -3.74 -20.02
C LEU A 162 11.90 -3.10 -18.72
N GLU A 163 12.84 -2.16 -18.83
CA GLU A 163 13.24 -1.32 -17.72
C GLU A 163 12.34 -0.08 -17.75
N CYS A 164 11.78 0.26 -16.59
CA CYS A 164 10.77 1.31 -16.50
C CYS A 164 10.89 2.21 -15.27
N THR A 165 10.95 3.51 -15.51
CA THR A 165 10.90 4.50 -14.45
C THR A 165 9.46 4.60 -13.98
N VAL A 166 9.25 4.55 -12.67
CA VAL A 166 7.95 4.81 -12.08
C VAL A 166 7.85 6.32 -11.79
N THR A 167 6.92 7.01 -12.46
CA THR A 167 6.84 8.47 -12.41
C THR A 167 6.04 9.06 -11.25
N ASN A 168 5.24 8.22 -10.60
CA ASN A 168 4.46 8.65 -9.43
C ASN A 168 4.24 7.53 -8.42
N SER A 169 4.15 7.91 -7.14
CA SER A 169 3.95 6.95 -6.06
C SER A 169 2.51 6.49 -6.03
N HIS A 170 2.29 5.21 -5.73
CA HIS A 170 0.96 4.61 -5.66
C HIS A 170 1.04 3.10 -5.41
N THR A 171 0.14 2.58 -4.58
CA THR A 171 0.05 1.15 -4.29
C THR A 171 -0.93 0.47 -5.23
N ILE A 172 -0.47 -0.60 -5.89
CA ILE A 172 -1.32 -1.42 -6.76
C ILE A 172 -1.53 -2.81 -6.19
N SER A 173 -2.76 -3.31 -6.22
CA SER A 173 -3.01 -4.70 -5.83
C SER A 173 -2.95 -5.62 -7.04
N ASP A 174 -3.47 -6.84 -6.92
CA ASP A 174 -3.39 -7.82 -8.01
C ASP A 174 -4.20 -7.42 -9.25
N ARG A 175 -3.71 -7.82 -10.41
CA ARG A 175 -4.42 -7.72 -11.70
C ARG A 175 -4.97 -6.33 -12.03
N ARG A 176 -4.15 -5.30 -11.89
CA ARG A 176 -4.55 -3.96 -12.31
C ARG A 176 -4.53 -3.88 -13.83
N GLY A 177 -5.56 -3.26 -14.40
CA GLY A 177 -5.62 -3.07 -15.84
C GLY A 177 -4.55 -2.13 -16.40
N VAL A 178 -3.80 -2.61 -17.38
CA VAL A 178 -2.84 -1.77 -18.10
C VAL A 178 -3.46 -1.26 -19.41
N ASN A 179 -3.26 0.02 -19.69
CA ASN A 179 -3.84 0.67 -20.85
C ASN A 179 -2.80 1.35 -21.71
N LEU A 180 -2.81 1.01 -23.00
CA LEU A 180 -1.86 1.58 -23.98
C LEU A 180 -2.60 2.50 -24.95
N PRO A 181 -2.42 3.83 -24.80
CA PRO A 181 -3.15 4.78 -25.63
C PRO A 181 -2.57 4.92 -27.03
N GLY A 182 -3.46 4.76 -28.03
CA GLY A 182 -3.13 4.98 -29.45
C GLY A 182 -2.30 3.91 -30.14
N CYS A 183 -2.11 2.78 -29.47
CA CYS A 183 -1.16 1.75 -29.91
C CYS A 183 -1.75 0.69 -30.85
N ASP A 184 -2.92 0.98 -31.41
CA ASP A 184 -3.62 0.11 -32.39
C ASP A 184 -3.64 -1.36 -31.94
N VAL A 185 -3.47 -1.57 -30.63
CA VAL A 185 -3.28 -2.89 -30.03
C VAL A 185 -4.33 -3.94 -30.43
N ASP A 186 -3.92 -4.80 -31.36
CA ASP A 186 -4.76 -5.86 -31.90
C ASP A 186 -5.01 -6.93 -30.83
N LEU A 187 -6.27 -7.08 -30.44
CA LEU A 187 -6.66 -8.12 -29.50
C LEU A 187 -8.06 -8.63 -29.82
N PRO A 188 -8.23 -9.96 -29.87
CA PRO A 188 -9.51 -10.64 -30.07
C PRO A 188 -10.68 -9.81 -29.58
N ALA A 189 -11.50 -9.36 -30.52
CA ALA A 189 -12.70 -8.57 -30.22
C ALA A 189 -13.63 -9.30 -29.25
N VAL A 190 -13.61 -10.62 -29.31
CA VAL A 190 -14.31 -11.48 -28.36
C VAL A 190 -13.38 -12.65 -27.98
N SER A 191 -12.71 -12.52 -26.82
CA SER A 191 -11.59 -13.39 -26.49
C SER A 191 -11.99 -14.79 -26.04
N ALA A 192 -11.05 -15.73 -26.18
CA ALA A 192 -11.26 -17.13 -25.80
C ALA A 192 -11.71 -17.26 -24.34
N LYS A 193 -11.03 -16.55 -23.44
CA LYS A 193 -11.35 -16.54 -22.01
C LYS A 193 -12.82 -16.20 -21.80
N ASP A 194 -13.36 -15.33 -22.65
CA ASP A 194 -14.72 -14.81 -22.52
C ASP A 194 -15.79 -15.83 -22.93
N ARG A 195 -15.57 -16.52 -24.05
CA ARG A 195 -16.50 -17.56 -24.49
C ARG A 195 -16.70 -18.61 -23.40
N VAL A 196 -15.63 -18.90 -22.68
CA VAL A 196 -15.67 -19.74 -21.48
C VAL A 196 -16.54 -19.07 -20.39
N ASP A 197 -16.23 -17.81 -20.09
CA ASP A 197 -16.91 -17.01 -19.06
C ASP A 197 -18.40 -16.83 -19.34
N LEU A 198 -18.73 -16.53 -20.60
CA LEU A 198 -20.11 -16.30 -21.03
C LEU A 198 -20.98 -17.56 -20.93
N GLN A 199 -20.47 -18.69 -21.41
N GLN A 199 -20.47 -18.68 -21.43
CA GLN A 199 -21.22 -19.95 -21.36
CA GLN A 199 -21.16 -19.97 -21.37
C GLN A 199 -21.49 -20.39 -19.92
C GLN A 199 -21.53 -20.29 -19.93
N PHE A 200 -20.60 -20.01 -19.01
CA PHE A 200 -20.80 -20.24 -17.58
C PHE A 200 -21.96 -19.39 -17.06
N GLY A 201 -22.12 -18.20 -17.63
CA GLY A 201 -23.19 -17.29 -17.27
C GLY A 201 -24.55 -17.85 -17.64
N VAL A 202 -24.64 -18.39 -18.85
CA VAL A 202 -25.88 -18.98 -19.36
C VAL A 202 -26.30 -20.20 -18.55
N GLU A 203 -25.33 -21.03 -18.17
CA GLU A 203 -25.60 -22.24 -17.39
C GLU A 203 -26.14 -21.93 -15.99
N GLN A 204 -25.48 -21.00 -15.29
CA GLN A 204 -25.92 -20.62 -13.96
C GLN A 204 -27.14 -19.70 -13.98
N GLY A 205 -27.31 -18.98 -15.09
CA GLY A 205 -28.52 -18.18 -15.31
C GLY A 205 -28.39 -16.75 -14.87
N VAL A 206 -27.29 -16.11 -15.26
CA VAL A 206 -27.08 -14.68 -15.01
C VAL A 206 -28.15 -13.86 -15.76
N ASP A 207 -28.53 -12.72 -15.18
CA ASP A 207 -29.61 -11.90 -15.72
C ASP A 207 -29.16 -10.96 -16.83
N MET A 208 -27.92 -10.47 -16.74
CA MET A 208 -27.36 -9.59 -17.77
C MET A 208 -25.83 -9.71 -17.88
N ILE A 209 -25.34 -9.37 -19.07
CA ILE A 209 -23.91 -9.36 -19.36
C ILE A 209 -23.46 -7.93 -19.53
N PHE A 210 -22.47 -7.52 -18.73
CA PHE A 210 -21.78 -6.24 -18.95
C PHE A 210 -20.58 -6.50 -19.86
N ALA A 211 -20.78 -6.37 -21.16
CA ALA A 211 -19.75 -6.64 -22.15
C ALA A 211 -18.68 -5.54 -22.14
N SER A 212 -17.44 -5.92 -21.83
CA SER A 212 -16.33 -4.98 -21.71
C SER A 212 -15.77 -4.55 -23.06
N PHE A 213 -15.20 -3.34 -23.08
CA PHE A 213 -14.44 -2.81 -24.23
C PHE A 213 -15.09 -3.00 -25.62
N ILE A 214 -16.41 -2.85 -25.67
CA ILE A 214 -17.15 -2.90 -26.94
C ILE A 214 -16.71 -1.76 -27.82
N ARG A 215 -16.53 -2.03 -29.10
CA ARG A 215 -16.04 -1.00 -30.02
C ARG A 215 -16.84 -0.89 -31.32
N SER A 216 -17.62 -1.92 -31.64
CA SER A 216 -18.42 -1.91 -32.86
C SER A 216 -19.73 -2.69 -32.72
N ALA A 217 -20.63 -2.48 -33.67
CA ALA A 217 -21.92 -3.15 -33.69
C ALA A 217 -21.73 -4.65 -33.87
N GLU A 218 -20.93 -5.01 -34.88
CA GLU A 218 -20.57 -6.40 -35.19
C GLU A 218 -20.11 -7.14 -33.94
N GLN A 219 -19.37 -6.43 -33.10
CA GLN A 219 -18.80 -6.99 -31.88
C GLN A 219 -19.86 -7.46 -30.89
N VAL A 220 -20.97 -6.73 -30.81
CA VAL A 220 -22.06 -7.08 -29.89
C VAL A 220 -22.71 -8.40 -30.31
N GLY A 221 -22.91 -8.55 -31.62
CA GLY A 221 -23.45 -9.78 -32.20
C GLY A 221 -22.63 -11.00 -31.80
N ASP A 222 -21.31 -10.87 -31.92
CA ASP A 222 -20.36 -11.92 -31.52
C ASP A 222 -20.57 -12.36 -30.07
N VAL A 223 -21.04 -11.45 -29.23
CA VAL A 223 -21.34 -11.76 -27.84
C VAL A 223 -22.62 -12.58 -27.74
N ARG A 224 -23.71 -12.08 -28.33
CA ARG A 224 -25.01 -12.77 -28.27
C ARG A 224 -24.98 -14.12 -28.98
N LYS A 225 -24.22 -14.18 -30.09
CA LYS A 225 -24.02 -15.43 -30.82
C LYS A 225 -23.23 -16.43 -29.96
N ALA A 226 -22.27 -15.92 -29.18
CA ALA A 226 -21.47 -16.76 -28.29
C ALA A 226 -22.25 -17.20 -27.06
N LEU A 227 -23.27 -16.43 -26.68
CA LEU A 227 -24.16 -16.80 -25.58
C LEU A 227 -25.01 -18.01 -25.94
N GLY A 228 -25.20 -18.22 -27.24
CA GLY A 228 -25.97 -19.35 -27.75
C GLY A 228 -27.46 -19.09 -27.76
N PRO A 229 -28.26 -20.08 -28.21
CA PRO A 229 -29.71 -19.97 -28.20
C PRO A 229 -30.28 -20.15 -26.80
N LYS A 230 -29.51 -20.77 -25.90
CA LYS A 230 -29.91 -20.98 -24.52
C LYS A 230 -30.02 -19.66 -23.74
N GLY A 231 -29.20 -18.69 -24.11
CA GLY A 231 -29.18 -17.38 -23.46
C GLY A 231 -29.59 -16.25 -24.39
N ARG A 232 -30.74 -16.40 -25.03
CA ARG A 232 -31.29 -15.34 -25.86
C ARG A 232 -31.96 -14.28 -25.01
N ASP A 233 -32.45 -14.69 -23.84
CA ASP A 233 -33.23 -13.83 -22.94
C ASP A 233 -32.37 -12.87 -22.10
N ILE A 234 -31.07 -13.17 -22.00
CA ILE A 234 -30.11 -12.38 -21.21
C ILE A 234 -29.76 -11.06 -21.90
N MET A 235 -29.76 -9.97 -21.12
CA MET A 235 -29.47 -8.63 -21.63
C MET A 235 -27.98 -8.41 -21.86
N ILE A 236 -27.65 -7.57 -22.84
CA ILE A 236 -26.26 -7.25 -23.16
C ILE A 236 -25.97 -5.76 -23.01
N ILE A 237 -25.38 -5.40 -21.87
CA ILE A 237 -25.02 -4.02 -21.62
C ILE A 237 -23.61 -3.73 -22.08
N CYS A 238 -23.48 -2.92 -23.12
CA CYS A 238 -22.18 -2.59 -23.70
C CYS A 238 -21.44 -1.52 -22.91
N LYS A 239 -20.22 -1.86 -22.49
CA LYS A 239 -19.37 -0.93 -21.75
C LYS A 239 -18.55 -0.11 -22.73
N ILE A 240 -18.91 1.16 -22.89
CA ILE A 240 -18.16 2.06 -23.76
C ILE A 240 -16.97 2.59 -22.98
N GLU A 241 -15.78 2.10 -23.31
CA GLU A 241 -14.58 2.47 -22.56
C GLU A 241 -13.31 2.61 -23.43
N ASN A 242 -13.51 2.85 -24.72
CA ASN A 242 -12.39 3.14 -25.61
C ASN A 242 -12.77 4.15 -26.68
N HIS A 243 -11.77 4.59 -27.44
CA HIS A 243 -11.91 5.68 -28.38
C HIS A 243 -13.02 5.47 -29.42
N GLN A 244 -13.01 4.31 -30.06
CA GLN A 244 -13.95 4.01 -31.14
C GLN A 244 -15.37 3.69 -30.65
N GLY A 245 -15.46 2.98 -29.53
CA GLY A 245 -16.76 2.69 -28.92
C GLY A 245 -17.64 3.91 -28.77
N VAL A 246 -17.02 5.04 -28.42
CA VAL A 246 -17.70 6.33 -28.30
C VAL A 246 -18.15 6.84 -29.67
N GLN A 247 -17.24 6.75 -30.65
CA GLN A 247 -17.51 7.23 -32.00
C GLN A 247 -18.62 6.42 -32.69
N ASN A 248 -18.69 5.13 -32.37
CA ASN A 248 -19.70 4.24 -32.93
C ASN A 248 -20.89 3.98 -32.00
N ILE A 249 -21.06 4.83 -30.99
CA ILE A 249 -22.15 4.70 -30.01
C ILE A 249 -23.53 4.44 -30.63
N ASP A 250 -23.83 5.13 -31.72
CA ASP A 250 -25.12 5.02 -32.42
C ASP A 250 -25.49 3.57 -32.70
N SER A 251 -24.66 2.91 -33.50
CA SER A 251 -24.89 1.54 -33.94
C SER A 251 -24.75 0.52 -32.82
N ILE A 252 -23.94 0.83 -31.81
CA ILE A 252 -23.80 -0.04 -30.64
C ILE A 252 -25.08 -0.06 -29.83
N ILE A 253 -25.66 1.12 -29.60
CA ILE A 253 -26.92 1.25 -28.89
C ILE A 253 -28.00 0.41 -29.58
N GLU A 254 -28.08 0.52 -30.90
CA GLU A 254 -29.06 -0.21 -31.72
C GLU A 254 -29.05 -1.72 -31.46
N GLU A 255 -27.84 -2.29 -31.34
CA GLU A 255 -27.68 -3.72 -31.14
C GLU A 255 -27.80 -4.09 -29.68
N SER A 256 -27.35 -3.20 -28.79
CA SER A 256 -27.28 -3.49 -27.36
C SER A 256 -28.61 -3.33 -26.65
N ASP A 257 -28.68 -3.85 -25.43
CA ASP A 257 -29.86 -3.72 -24.61
C ASP A 257 -29.70 -2.53 -23.66
N GLY A 258 -28.47 -2.03 -23.55
CA GLY A 258 -28.16 -0.87 -22.70
C GLY A 258 -26.69 -0.47 -22.75
N ILE A 259 -26.36 0.67 -22.18
CA ILE A 259 -24.96 1.15 -22.16
C ILE A 259 -24.42 1.35 -20.74
N MET A 260 -23.13 1.06 -20.55
CA MET A 260 -22.44 1.53 -19.35
C MET A 260 -21.31 2.48 -19.75
N VAL A 261 -21.28 3.64 -19.11
CA VAL A 261 -20.15 4.54 -19.25
C VAL A 261 -19.10 4.10 -18.24
N ALA A 262 -18.27 3.15 -18.63
CA ALA A 262 -17.19 2.69 -17.78
C ALA A 262 -16.04 3.70 -17.84
N ARG A 263 -16.06 4.65 -16.91
CA ARG A 263 -15.17 5.82 -16.97
C ARG A 263 -13.70 5.50 -16.62
N GLY A 264 -13.49 4.46 -15.83
CA GLY A 264 -12.14 4.03 -15.48
C GLY A 264 -11.24 3.90 -16.70
N ASP A 265 -11.62 3.01 -17.61
CA ASP A 265 -10.81 2.75 -18.79
C ASP A 265 -10.92 3.90 -19.78
N LEU A 266 -12.10 4.53 -19.83
CA LEU A 266 -12.36 5.64 -20.75
C LEU A 266 -11.44 6.82 -20.45
N GLY A 267 -11.32 7.13 -19.17
CA GLY A 267 -10.51 8.25 -18.66
C GLY A 267 -9.03 8.14 -18.95
N VAL A 268 -8.63 6.99 -19.50
CA VAL A 268 -7.27 6.80 -19.95
C VAL A 268 -7.25 6.84 -21.47
N GLU A 269 -8.19 6.13 -22.09
CA GLU A 269 -8.24 5.98 -23.53
C GLU A 269 -8.55 7.29 -24.25
N ILE A 270 -9.31 8.17 -23.59
CA ILE A 270 -9.54 9.53 -24.10
C ILE A 270 -9.07 10.58 -23.08
N PRO A 271 -8.77 11.81 -23.55
CA PRO A 271 -8.36 12.90 -22.64
C PRO A 271 -9.38 13.16 -21.54
N ALA A 272 -8.95 12.99 -20.29
CA ALA A 272 -9.84 12.94 -19.13
C ALA A 272 -10.94 14.00 -19.08
N GLU A 273 -10.64 15.21 -19.54
CA GLU A 273 -11.64 16.29 -19.57
C GLU A 273 -12.82 15.97 -20.51
N LYS A 274 -12.53 15.20 -21.57
CA LYS A 274 -13.55 14.83 -22.55
C LYS A 274 -14.49 13.71 -22.05
N VAL A 275 -14.06 13.00 -21.01
CA VAL A 275 -14.90 11.98 -20.38
C VAL A 275 -16.24 12.62 -20.06
N VAL A 276 -16.20 13.85 -19.54
CA VAL A 276 -17.40 14.62 -19.17
C VAL A 276 -18.37 14.81 -20.35
N VAL A 277 -17.82 15.10 -21.53
CA VAL A 277 -18.63 15.34 -22.70
C VAL A 277 -19.24 14.01 -23.10
N ALA A 278 -18.41 12.97 -23.11
CA ALA A 278 -18.84 11.61 -23.44
C ALA A 278 -20.01 11.16 -22.57
N GLN A 279 -19.86 11.31 -21.26
CA GLN A 279 -20.92 10.96 -20.32
C GLN A 279 -22.25 11.50 -20.79
N LYS A 280 -22.32 12.83 -20.93
CA LYS A 280 -23.52 13.50 -21.40
C LYS A 280 -24.08 12.82 -22.65
N ILE A 281 -23.21 12.63 -23.65
CA ILE A 281 -23.61 12.12 -24.95
C ILE A 281 -24.24 10.75 -24.88
N LEU A 282 -23.53 9.81 -24.26
CA LEU A 282 -24.04 8.44 -24.09
C LEU A 282 -25.40 8.46 -23.38
N ILE A 283 -25.39 8.92 -22.13
CA ILE A 283 -26.60 9.00 -21.31
C ILE A 283 -27.79 9.54 -22.12
N SER A 284 -27.70 10.77 -22.60
CA SER A 284 -28.81 11.37 -23.36
C SER A 284 -29.22 10.52 -24.55
N LYS A 285 -28.25 9.95 -25.27
CA LYS A 285 -28.55 9.10 -26.43
C LYS A 285 -29.33 7.83 -26.03
N CYS A 286 -29.04 7.30 -24.84
CA CYS A 286 -29.81 6.20 -24.27
C CYS A 286 -31.19 6.66 -23.86
N ASN A 287 -31.26 7.80 -23.19
CA ASN A 287 -32.53 8.37 -22.80
C ASN A 287 -33.50 8.50 -23.98
N VAL A 288 -32.99 8.87 -25.15
CA VAL A 288 -33.81 9.05 -26.34
C VAL A 288 -34.30 7.71 -26.85
N ALA A 289 -33.43 6.70 -26.78
CA ALA A 289 -33.76 5.37 -27.28
C ALA A 289 -34.64 4.59 -26.31
N GLY A 290 -34.44 4.81 -25.01
CA GLY A 290 -35.20 4.13 -23.99
C GLY A 290 -34.45 2.93 -23.45
N LYS A 291 -33.16 2.87 -23.78
CA LYS A 291 -32.29 1.79 -23.31
C LYS A 291 -31.49 2.24 -22.10
N PRO A 292 -31.60 1.50 -20.97
CA PRO A 292 -31.04 1.95 -19.69
C PRO A 292 -29.54 2.26 -19.80
N VAL A 293 -29.11 3.27 -19.05
CA VAL A 293 -27.71 3.68 -19.05
C VAL A 293 -27.13 3.61 -17.63
N ILE A 294 -25.91 3.10 -17.48
CA ILE A 294 -25.25 3.05 -16.17
C ILE A 294 -24.01 3.94 -16.14
N CYS A 295 -23.95 4.83 -15.14
CA CYS A 295 -22.74 5.60 -14.86
C CYS A 295 -21.95 4.92 -13.75
N ALA A 296 -20.63 4.86 -13.90
CA ALA A 296 -19.80 4.02 -13.03
C ALA A 296 -18.35 4.47 -12.90
N THR A 297 -17.69 3.96 -11.85
CA THR A 297 -16.25 4.09 -11.58
C THR A 297 -15.86 5.36 -10.85
N GLN A 298 -15.23 5.18 -9.69
CA GLN A 298 -14.66 6.28 -8.90
C GLN A 298 -15.66 7.37 -8.48
N MET A 299 -16.94 7.02 -8.46
CA MET A 299 -17.96 7.97 -8.06
C MET A 299 -17.91 8.27 -6.56
N LEU A 300 -17.54 7.29 -5.76
CA LEU A 300 -17.42 7.48 -4.32
C LEU A 300 -16.13 6.90 -3.80
N GLU A 301 -15.08 6.99 -4.63
CA GLU A 301 -13.79 6.33 -4.37
C GLU A 301 -13.31 6.44 -2.92
N SER A 302 -13.28 7.64 -2.37
CA SER A 302 -12.72 7.86 -1.04
C SER A 302 -13.44 7.08 0.08
N MET A 303 -14.59 6.49 -0.22
CA MET A 303 -15.31 5.68 0.77
C MET A 303 -14.86 4.21 0.82
N THR A 304 -13.74 3.94 0.17
CA THR A 304 -13.04 2.68 0.33
C THR A 304 -12.15 2.82 1.58
N TYR A 305 -11.92 4.06 2.01
CA TYR A 305 -11.04 4.37 3.14
C TYR A 305 -11.73 5.13 4.27
N ASN A 306 -12.39 6.23 3.93
CA ASN A 306 -13.08 7.07 4.90
C ASN A 306 -14.56 6.70 4.97
N PRO A 307 -15.25 7.08 6.06
CA PRO A 307 -16.70 6.80 6.14
C PRO A 307 -17.59 7.90 5.54
N ARG A 308 -16.97 8.94 4.98
CA ARG A 308 -17.67 10.08 4.37
C ARG A 308 -17.01 10.54 3.08
N PRO A 309 -17.80 10.68 2.01
CA PRO A 309 -17.28 11.06 0.69
C PRO A 309 -16.85 12.53 0.62
N THR A 310 -16.01 12.89 -0.36
CA THR A 310 -15.66 14.30 -0.57
C THR A 310 -16.79 15.05 -1.31
N ARG A 311 -16.71 16.39 -1.32
CA ARG A 311 -17.75 17.24 -1.91
C ARG A 311 -17.79 17.12 -3.42
N ALA A 312 -16.67 16.67 -3.99
CA ALA A 312 -16.60 16.33 -5.41
C ALA A 312 -17.42 15.07 -5.66
N GLU A 313 -17.15 14.04 -4.84
CA GLU A 313 -17.76 12.74 -4.98
C GLU A 313 -19.28 12.78 -4.84
N VAL A 314 -19.76 13.49 -3.84
CA VAL A 314 -21.20 13.76 -3.75
C VAL A 314 -21.67 14.39 -5.06
N SER A 315 -21.08 15.52 -5.42
CA SER A 315 -21.41 16.24 -6.65
C SER A 315 -21.61 15.29 -7.83
N ASP A 316 -20.63 14.41 -8.04
CA ASP A 316 -20.66 13.43 -9.12
C ASP A 316 -21.93 12.58 -9.12
N VAL A 317 -22.21 11.90 -8.00
CA VAL A 317 -23.38 11.03 -7.90
C VAL A 317 -24.64 11.80 -8.30
N ALA A 318 -24.84 12.95 -7.67
CA ALA A 318 -26.02 13.77 -7.93
C ALA A 318 -26.07 14.22 -9.39
N ASN A 319 -25.04 14.93 -9.83
CA ASN A 319 -24.95 15.40 -11.21
C ASN A 319 -25.15 14.31 -12.26
N ALA A 320 -24.70 13.09 -11.96
CA ALA A 320 -24.98 11.92 -12.80
C ALA A 320 -26.49 11.65 -12.92
N VAL A 321 -27.19 11.69 -11.79
CA VAL A 321 -28.62 11.49 -11.79
C VAL A 321 -29.33 12.59 -12.60
N PHE A 322 -28.78 13.81 -12.49
CA PHE A 322 -29.29 14.95 -13.25
C PHE A 322 -29.09 14.77 -14.76
N ASN A 323 -27.93 14.21 -15.14
CA ASN A 323 -27.61 13.91 -16.54
C ASN A 323 -28.59 12.93 -17.18
N GLY A 324 -29.30 12.17 -16.35
CA GLY A 324 -30.31 11.22 -16.81
C GLY A 324 -29.97 9.74 -16.65
N ALA A 325 -28.87 9.45 -15.96
CA ALA A 325 -28.47 8.07 -15.67
C ALA A 325 -29.59 7.31 -15.02
N ASP A 326 -29.83 6.09 -15.49
CA ASP A 326 -30.77 5.17 -14.85
C ASP A 326 -30.12 4.56 -13.64
N CYS A 327 -28.85 4.19 -13.78
CA CYS A 327 -28.13 3.44 -12.74
C CYS A 327 -26.79 4.06 -12.37
N VAL A 328 -26.50 4.08 -11.08
CA VAL A 328 -25.17 4.44 -10.57
C VAL A 328 -24.53 3.20 -9.97
N MET A 329 -23.24 3.01 -10.25
CA MET A 329 -22.58 1.75 -9.86
C MET A 329 -21.30 1.91 -9.02
N LEU A 330 -21.23 1.10 -7.95
CA LEU A 330 -20.08 1.06 -7.05
C LEU A 330 -19.14 -0.08 -7.41
N SER A 331 -17.87 0.25 -7.60
CA SER A 331 -16.87 -0.73 -8.01
C SER A 331 -16.05 -1.20 -6.81
N GLY A 332 -14.84 -0.67 -6.67
CA GLY A 332 -13.97 -1.01 -5.53
C GLY A 332 -14.53 -0.59 -4.18
N GLU A 333 -15.44 0.38 -4.21
CA GLU A 333 -16.05 0.95 -3.02
C GLU A 333 -16.72 -0.10 -2.11
N THR A 334 -17.25 -1.16 -2.72
CA THR A 334 -17.92 -2.26 -2.00
C THR A 334 -17.11 -3.54 -2.08
N ALA A 335 -16.43 -3.74 -3.20
CA ALA A 335 -15.64 -4.95 -3.43
C ALA A 335 -14.54 -5.16 -2.39
N LYS A 336 -13.81 -4.10 -2.06
CA LYS A 336 -12.74 -4.17 -1.07
C LYS A 336 -12.79 -3.03 -0.03
N GLY A 337 -13.87 -2.26 -0.03
CA GLY A 337 -14.01 -1.12 0.89
C GLY A 337 -14.14 -1.50 2.35
N LYS A 338 -13.85 -0.55 3.23
CA LYS A 338 -14.04 -0.73 4.67
C LYS A 338 -15.48 -0.44 5.09
N TYR A 339 -16.15 0.41 4.31
CA TYR A 339 -17.52 0.81 4.60
C TYR A 339 -18.44 0.44 3.44
N PRO A 340 -18.84 -0.84 3.34
CA PRO A 340 -19.62 -1.26 2.18
C PRO A 340 -21.10 -0.96 2.34
N ASN A 341 -21.58 -0.87 3.58
CA ASN A 341 -22.96 -0.52 3.82
C ASN A 341 -23.13 1.00 3.81
N GLU A 342 -22.19 1.70 4.44
CA GLU A 342 -22.22 3.15 4.51
C GLU A 342 -22.08 3.80 3.13
N VAL A 343 -21.30 3.17 2.25
CA VAL A 343 -21.13 3.68 0.90
C VAL A 343 -22.41 3.57 0.06
N VAL A 344 -23.20 2.53 0.29
CA VAL A 344 -24.46 2.31 -0.45
C VAL A 344 -25.55 3.27 0.05
N GLN A 345 -25.63 3.39 1.37
CA GLN A 345 -26.59 4.28 2.01
C GLN A 345 -26.44 5.72 1.53
N TYR A 346 -25.20 6.23 1.57
CA TYR A 346 -24.88 7.57 1.08
C TYR A 346 -25.26 7.80 -0.39
N MET A 347 -25.07 6.78 -1.21
CA MET A 347 -25.45 6.88 -2.61
C MET A 347 -26.97 6.92 -2.77
N ALA A 348 -27.68 6.04 -2.06
CA ALA A 348 -29.13 6.05 -2.08
C ALA A 348 -29.68 7.41 -1.64
N ARG A 349 -29.03 7.98 -0.63
CA ARG A 349 -29.44 9.27 -0.06
C ARG A 349 -29.15 10.43 -1.01
N ILE A 350 -27.97 10.43 -1.64
CA ILE A 350 -27.63 11.44 -2.66
C ILE A 350 -28.56 11.34 -3.87
N CYS A 351 -28.94 10.12 -4.22
CA CYS A 351 -29.88 9.87 -5.29
C CYS A 351 -31.25 10.46 -5.00
N LEU A 352 -31.79 10.19 -3.81
CA LEU A 352 -33.05 10.78 -3.43
C LEU A 352 -33.02 12.30 -3.57
N GLU A 353 -31.99 12.91 -2.98
CA GLU A 353 -31.87 14.38 -2.93
C GLU A 353 -31.82 15.01 -4.32
N ALA A 354 -31.00 14.44 -5.20
CA ALA A 354 -30.90 14.90 -6.57
C ALA A 354 -32.24 14.75 -7.26
N GLN A 355 -32.87 13.60 -7.06
CA GLN A 355 -34.14 13.25 -7.70
C GLN A 355 -35.31 14.11 -7.24
N SER A 356 -35.29 14.52 -5.97
CA SER A 356 -36.32 15.38 -5.42
C SER A 356 -36.18 16.82 -5.91
N ALA A 357 -34.93 17.29 -6.04
CA ALA A 357 -34.65 18.64 -6.54
C ALA A 357 -34.55 18.69 -8.08
N LEU A 358 -35.20 17.73 -8.72
CA LEU A 358 -35.27 17.66 -10.18
C LEU A 358 -36.70 17.89 -10.65
N ASN A 359 -36.84 18.43 -11.86
CA ASN A 359 -38.15 18.56 -12.49
C ASN A 359 -38.34 17.53 -13.59
N GLU A 360 -38.99 16.42 -13.26
CA GLU A 360 -39.15 15.30 -14.18
C GLU A 360 -40.01 15.68 -15.38
N TYR A 361 -40.93 16.62 -15.15
CA TYR A 361 -41.84 17.10 -16.19
C TYR A 361 -41.08 17.63 -17.41
N VAL A 362 -39.93 18.26 -17.18
CA VAL A 362 -39.10 18.76 -18.27
C VAL A 362 -38.53 17.58 -19.07
N PHE A 363 -37.99 16.60 -18.35
CA PHE A 363 -37.43 15.38 -18.94
C PHE A 363 -38.43 14.69 -19.85
N PHE A 364 -39.69 14.69 -19.40
CA PHE A 364 -40.80 14.08 -20.10
C PHE A 364 -41.06 14.75 -21.45
N ASN A 365 -41.21 16.07 -21.44
CA ASN A 365 -41.39 16.83 -22.68
C ASN A 365 -40.19 16.78 -23.61
N SER A 366 -38.99 16.88 -23.07
CA SER A 366 -37.77 16.88 -23.88
C SER A 366 -37.67 15.57 -24.66
N ILE A 367 -37.89 14.46 -23.96
CA ILE A 367 -37.82 13.13 -24.56
C ILE A 367 -38.89 12.92 -25.62
N LYS A 368 -40.13 13.28 -25.29
CA LYS A 368 -41.25 13.22 -26.22
C LYS A 368 -41.00 14.00 -27.52
N LYS A 369 -40.45 15.21 -27.40
CA LYS A 369 -40.12 16.04 -28.55
C LYS A 369 -39.20 15.31 -29.52
N LEU A 370 -38.24 14.57 -28.99
CA LEU A 370 -37.22 13.90 -29.79
C LEU A 370 -37.63 12.51 -30.26
N GLN A 371 -38.92 12.27 -30.37
CA GLN A 371 -39.44 11.00 -30.86
C GLN A 371 -39.93 11.16 -32.29
N HIS A 372 -39.62 10.20 -33.15
CA HIS A 372 -40.08 10.27 -34.53
C HIS A 372 -41.58 10.04 -34.64
N ILE A 373 -42.29 11.10 -35.05
CA ILE A 373 -43.70 11.02 -35.38
C ILE A 373 -43.78 10.50 -36.81
N PRO A 374 -44.58 9.45 -37.07
CA PRO A 374 -45.55 8.81 -36.19
C PRO A 374 -44.95 7.74 -35.30
N MET A 375 -45.30 7.80 -34.02
CA MET A 375 -44.90 6.79 -33.04
C MET A 375 -45.60 5.48 -33.35
N SER A 376 -45.11 4.41 -32.74
CA SER A 376 -45.79 3.13 -32.83
C SER A 376 -47.05 3.19 -31.99
N ALA A 377 -47.96 2.25 -32.25
CA ALA A 377 -49.21 2.14 -31.50
C ALA A 377 -48.98 2.18 -29.99
N ASP A 378 -48.16 1.24 -29.50
CA ASP A 378 -47.97 1.07 -28.07
C ASP A 378 -47.09 2.15 -27.41
N GLU A 379 -46.18 2.75 -28.17
CA GLU A 379 -45.32 3.80 -27.61
C GLU A 379 -46.11 5.07 -27.31
N ALA A 380 -47.02 5.41 -28.21
CA ALA A 380 -47.93 6.53 -28.00
C ALA A 380 -48.74 6.32 -26.72
N VAL A 381 -49.25 5.11 -26.54
CA VAL A 381 -50.05 4.76 -25.37
C VAL A 381 -49.32 5.09 -24.07
N CYS A 382 -48.06 4.67 -23.96
CA CYS A 382 -47.22 4.93 -22.78
C CYS A 382 -46.94 6.41 -22.60
N SER A 383 -46.52 7.05 -23.70
CA SER A 383 -46.36 8.50 -23.77
C SER A 383 -47.58 9.19 -23.15
N SER A 384 -48.70 9.13 -23.85
CA SER A 384 -49.94 9.76 -23.38
C SER A 384 -50.37 9.35 -21.97
N ALA A 385 -50.18 8.08 -21.61
CA ALA A 385 -50.52 7.60 -20.28
C ALA A 385 -49.63 8.21 -19.19
N VAL A 386 -48.43 8.66 -19.57
CA VAL A 386 -47.57 9.42 -18.66
C VAL A 386 -47.98 10.90 -18.65
N ASN A 387 -48.37 11.40 -19.82
CA ASN A 387 -48.97 12.72 -19.91
C ASN A 387 -50.19 12.81 -19.02
N SER A 388 -50.92 11.69 -18.90
CA SER A 388 -52.08 11.58 -18.02
C SER A 388 -51.69 11.75 -16.56
N VAL A 389 -50.57 11.13 -16.17
CA VAL A 389 -50.07 11.15 -14.80
C VAL A 389 -49.78 12.58 -14.34
N TYR A 390 -49.14 13.35 -15.20
CA TYR A 390 -48.79 14.74 -14.88
C TYR A 390 -49.98 15.68 -14.69
N GLU A 391 -51.00 15.53 -15.54
CA GLU A 391 -52.20 16.35 -15.49
C GLU A 391 -53.12 15.97 -14.32
N THR A 392 -53.04 14.72 -13.89
CA THR A 392 -53.92 14.21 -12.84
C THR A 392 -53.25 14.11 -11.46
N LYS A 393 -51.95 14.40 -11.40
CA LYS A 393 -51.13 14.24 -10.19
C LYS A 393 -51.27 12.86 -9.56
N ALA A 394 -51.36 11.84 -10.43
CA ALA A 394 -51.45 10.45 -10.00
C ALA A 394 -50.21 10.07 -9.19
N LYS A 395 -50.43 9.38 -8.07
CA LYS A 395 -49.33 9.05 -7.16
C LYS A 395 -48.67 7.71 -7.42
N ALA A 396 -49.21 6.95 -8.39
CA ALA A 396 -48.63 5.67 -8.80
C ALA A 396 -49.10 5.24 -10.18
N MET A 397 -48.37 4.30 -10.79
CA MET A 397 -48.70 3.77 -12.10
C MET A 397 -48.58 2.24 -12.09
N VAL A 398 -49.46 1.55 -12.81
CA VAL A 398 -49.44 0.09 -12.89
C VAL A 398 -49.33 -0.37 -14.34
N VAL A 399 -48.29 -1.13 -14.65
CA VAL A 399 -48.11 -1.68 -16.01
C VAL A 399 -48.00 -3.20 -15.98
N LEU A 400 -48.65 -3.84 -16.95
CA LEU A 400 -48.56 -5.29 -17.11
C LEU A 400 -47.66 -5.62 -18.29
N SER A 401 -46.44 -6.02 -17.98
CA SER A 401 -45.48 -6.47 -18.98
C SER A 401 -44.84 -7.77 -18.51
N ASN A 402 -44.96 -8.81 -19.33
CA ASN A 402 -44.33 -10.09 -19.03
C ASN A 402 -42.87 -10.10 -19.45
N THR A 403 -42.60 -9.71 -20.71
CA THR A 403 -41.24 -9.60 -21.23
C THR A 403 -40.44 -8.48 -20.55
N GLY A 404 -41.11 -7.39 -20.23
CA GLY A 404 -40.47 -6.24 -19.59
C GLY A 404 -40.44 -4.99 -20.46
N ARG A 405 -40.65 -5.16 -21.76
CA ARG A 405 -40.60 -4.05 -22.72
C ARG A 405 -41.50 -2.88 -22.33
N SER A 406 -42.78 -3.17 -22.12
CA SER A 406 -43.79 -2.14 -21.83
C SER A 406 -43.40 -1.33 -20.61
N ALA A 407 -42.85 -2.02 -19.60
CA ALA A 407 -42.42 -1.39 -18.36
C ALA A 407 -41.35 -0.33 -18.63
N ARG A 408 -40.30 -0.75 -19.35
CA ARG A 408 -39.22 0.15 -19.72
C ARG A 408 -39.74 1.30 -20.57
N LEU A 409 -40.52 0.98 -21.60
CA LEU A 409 -41.11 1.98 -22.50
C LEU A 409 -41.91 3.04 -21.75
N VAL A 410 -42.45 2.70 -20.59
CA VAL A 410 -43.11 3.70 -19.75
C VAL A 410 -42.05 4.53 -19.03
N ALA A 411 -41.16 3.85 -18.31
CA ALA A 411 -40.07 4.52 -17.60
C ALA A 411 -39.27 5.46 -18.50
N LYS A 412 -39.33 5.21 -19.81
CA LYS A 412 -38.67 6.03 -20.81
C LYS A 412 -39.11 7.49 -20.75
N TYR A 413 -40.40 7.70 -20.41
CA TYR A 413 -41.00 9.03 -20.44
C TYR A 413 -41.03 9.74 -19.07
N ARG A 414 -40.29 9.18 -18.11
CA ARG A 414 -40.03 9.84 -16.82
C ARG A 414 -41.24 10.48 -16.11
N PRO A 415 -42.15 9.65 -15.55
CA PRO A 415 -43.23 10.17 -14.71
C PRO A 415 -42.74 10.55 -13.33
N ASN A 416 -43.54 11.33 -12.59
CA ASN A 416 -43.15 11.80 -11.25
C ASN A 416 -43.64 10.92 -10.12
N CYS A 417 -44.05 9.69 -10.46
CA CYS A 417 -44.53 8.71 -9.49
C CYS A 417 -43.85 7.36 -9.71
N PRO A 418 -43.94 6.44 -8.72
CA PRO A 418 -43.41 5.08 -8.90
C PRO A 418 -44.18 4.28 -9.95
N ILE A 419 -43.46 3.49 -10.73
CA ILE A 419 -44.05 2.61 -11.71
C ILE A 419 -44.06 1.19 -11.15
N VAL A 420 -45.25 0.69 -10.82
CA VAL A 420 -45.40 -0.69 -10.38
C VAL A 420 -45.60 -1.56 -11.61
N CYS A 421 -44.70 -2.52 -11.80
CA CYS A 421 -44.80 -3.43 -12.94
C CYS A 421 -45.18 -4.84 -12.50
N VAL A 422 -46.33 -5.29 -12.97
CA VAL A 422 -46.82 -6.62 -12.64
C VAL A 422 -46.46 -7.60 -13.76
N THR A 423 -45.62 -8.57 -13.43
CA THR A 423 -45.18 -9.59 -14.40
C THR A 423 -45.27 -11.00 -13.83
N THR A 424 -45.59 -11.94 -14.71
CA THR A 424 -45.73 -13.35 -14.33
C THR A 424 -44.39 -14.05 -14.27
N ARG A 425 -43.41 -13.52 -14.98
CA ARG A 425 -42.08 -14.14 -15.07
C ARG A 425 -41.10 -13.51 -14.10
N LEU A 426 -40.51 -14.35 -13.24
CA LEU A 426 -39.67 -13.89 -12.13
C LEU A 426 -38.37 -13.22 -12.59
N GLN A 427 -37.84 -13.66 -13.73
CA GLN A 427 -36.61 -13.11 -14.32
C GLN A 427 -36.78 -11.63 -14.66
N THR A 428 -37.94 -11.27 -15.21
CA THR A 428 -38.22 -9.89 -15.60
C THR A 428 -38.12 -8.93 -14.42
N CYS A 429 -38.40 -9.43 -13.22
CA CYS A 429 -38.30 -8.61 -12.01
C CYS A 429 -36.87 -8.20 -11.70
N ARG A 430 -35.95 -9.14 -11.86
CA ARG A 430 -34.52 -8.87 -11.65
C ARG A 430 -34.02 -7.97 -12.77
N GLN A 431 -34.37 -8.30 -14.02
CA GLN A 431 -33.93 -7.57 -15.20
C GLN A 431 -34.46 -6.15 -15.26
N LEU A 432 -35.47 -5.85 -14.46
CA LEU A 432 -35.98 -4.48 -14.38
C LEU A 432 -35.28 -3.67 -13.27
N ASN A 433 -34.38 -4.32 -12.54
CA ASN A 433 -33.63 -3.64 -11.50
C ASN A 433 -32.56 -2.70 -12.03
N ILE A 434 -32.53 -2.49 -13.34
CA ILE A 434 -31.59 -1.54 -13.92
C ILE A 434 -32.25 -0.38 -14.68
N THR A 435 -33.58 -0.41 -14.78
CA THR A 435 -34.29 0.71 -15.37
C THR A 435 -34.92 1.54 -14.25
N GLN A 436 -34.74 2.86 -14.35
CA GLN A 436 -35.08 3.81 -13.28
C GLN A 436 -36.57 3.90 -12.93
N GLY A 437 -36.84 4.07 -11.64
CA GLY A 437 -38.17 4.40 -11.13
C GLY A 437 -39.24 3.35 -11.34
N VAL A 438 -38.84 2.09 -11.26
CA VAL A 438 -39.75 0.97 -11.46
C VAL A 438 -39.61 0.02 -10.28
N GLU A 439 -40.74 -0.50 -9.82
CA GLU A 439 -40.76 -1.63 -8.89
C GLU A 439 -41.58 -2.79 -9.45
N SER A 440 -41.06 -4.01 -9.29
CA SER A 440 -41.62 -5.18 -9.94
C SER A 440 -42.37 -6.06 -8.95
N VAL A 441 -43.55 -6.53 -9.34
CA VAL A 441 -44.32 -7.44 -8.50
C VAL A 441 -44.58 -8.74 -9.24
N PHE A 442 -44.09 -9.83 -8.65
CA PHE A 442 -44.20 -11.16 -9.24
C PHE A 442 -45.59 -11.74 -9.02
N PHE A 443 -46.30 -11.96 -10.12
CA PHE A 443 -47.60 -12.60 -10.10
C PHE A 443 -47.41 -14.06 -10.50
N ASP A 444 -47.54 -14.95 -9.52
CA ASP A 444 -47.28 -16.38 -9.72
C ASP A 444 -48.31 -17.00 -10.68
N ALA A 445 -47.86 -17.33 -11.88
CA ALA A 445 -48.73 -17.85 -12.94
C ALA A 445 -49.14 -19.30 -12.71
N ASP A 446 -48.24 -20.07 -12.08
CA ASP A 446 -48.42 -21.51 -11.93
C ASP A 446 -49.22 -21.91 -10.69
N LYS A 447 -49.69 -20.93 -9.92
CA LYS A 447 -50.53 -21.21 -8.76
C LYS A 447 -51.66 -20.20 -8.53
N LEU A 448 -51.80 -19.24 -9.45
CA LEU A 448 -52.88 -18.26 -9.36
C LEU A 448 -53.68 -18.13 -10.67
N GLY A 449 -53.34 -18.97 -11.64
CA GLY A 449 -54.06 -19.02 -12.92
C GLY A 449 -53.54 -18.07 -13.97
N HIS A 450 -53.93 -18.32 -15.22
CA HIS A 450 -53.55 -17.49 -16.37
C HIS A 450 -54.01 -16.03 -16.24
N ASP A 451 -55.28 -15.86 -15.89
CA ASP A 451 -55.91 -14.53 -15.75
C ASP A 451 -55.77 -13.69 -17.02
N GLU A 452 -56.42 -14.14 -18.09
CA GLU A 452 -56.43 -13.40 -19.36
C GLU A 452 -57.43 -12.23 -19.33
N GLY A 453 -58.06 -12.03 -18.17
CA GLY A 453 -58.95 -10.90 -17.94
C GLY A 453 -58.24 -9.71 -17.31
N LYS A 454 -56.99 -9.93 -16.91
CA LYS A 454 -56.10 -8.89 -16.34
C LYS A 454 -56.56 -8.37 -14.96
N GLU A 455 -57.76 -8.78 -14.54
CA GLU A 455 -58.42 -8.26 -13.34
C GLU A 455 -57.64 -8.43 -12.04
N HIS A 456 -57.16 -9.65 -11.78
CA HIS A 456 -56.50 -10.00 -10.53
C HIS A 456 -55.11 -9.40 -10.41
N ARG A 457 -54.43 -9.30 -11.55
CA ARG A 457 -53.06 -8.76 -11.64
C ARG A 457 -53.02 -7.26 -11.38
N VAL A 458 -53.85 -6.52 -12.12
CA VAL A 458 -53.97 -5.08 -11.98
C VAL A 458 -54.23 -4.69 -10.52
N ALA A 459 -55.16 -5.41 -9.89
CA ALA A 459 -55.52 -5.17 -8.50
C ALA A 459 -54.41 -5.59 -7.51
N ALA A 460 -53.52 -6.48 -7.96
CA ALA A 460 -52.36 -6.88 -7.17
C ALA A 460 -51.32 -5.78 -7.13
N GLY A 461 -51.09 -5.16 -8.29
CA GLY A 461 -50.16 -4.02 -8.39
C GLY A 461 -50.59 -2.83 -7.55
N VAL A 462 -51.89 -2.57 -7.53
CA VAL A 462 -52.47 -1.50 -6.72
C VAL A 462 -52.34 -1.78 -5.23
N GLU A 463 -52.39 -3.06 -4.86
CA GLU A 463 -52.20 -3.47 -3.46
C GLU A 463 -50.77 -3.23 -3.02
N PHE A 464 -49.81 -3.55 -3.89
CA PHE A 464 -48.41 -3.24 -3.66
C PHE A 464 -48.21 -1.75 -3.44
N ALA A 465 -48.84 -0.94 -4.28
CA ALA A 465 -48.82 0.51 -4.15
C ALA A 465 -49.39 0.94 -2.80
N LYS A 466 -50.53 0.35 -2.42
CA LYS A 466 -51.17 0.65 -1.13
C LYS A 466 -50.30 0.25 0.07
N SER A 467 -49.59 -0.87 -0.05
CA SER A 467 -48.75 -1.37 1.02
C SER A 467 -47.47 -0.54 1.20
N LYS A 468 -46.85 -0.14 0.10
CA LYS A 468 -45.64 0.70 0.14
C LYS A 468 -45.92 2.16 0.46
N GLY A 469 -47.21 2.49 0.61
CA GLY A 469 -47.64 3.84 0.95
C GLY A 469 -47.40 4.86 -0.15
N TYR A 470 -47.81 4.53 -1.36
CA TYR A 470 -47.72 5.44 -2.50
C TYR A 470 -49.06 6.11 -2.70
N VAL A 471 -50.11 5.29 -2.71
CA VAL A 471 -51.48 5.76 -2.85
C VAL A 471 -52.30 5.47 -1.60
N GLN A 472 -53.24 6.37 -1.31
CA GLN A 472 -54.18 6.18 -0.21
C GLN A 472 -55.54 5.81 -0.77
N THR A 473 -56.60 5.97 0.01
CA THR A 473 -57.96 5.78 -0.48
C THR A 473 -58.43 7.10 -1.11
N GLY A 474 -58.55 7.09 -2.44
CA GLY A 474 -59.01 8.26 -3.18
C GLY A 474 -57.95 8.97 -4.01
N ASP A 475 -56.81 8.32 -4.19
CA ASP A 475 -55.74 8.86 -5.04
C ASP A 475 -55.84 8.24 -6.43
N TYR A 476 -55.16 8.83 -7.39
CA TYR A 476 -55.23 8.35 -8.77
C TYR A 476 -54.10 7.39 -9.12
N CYS A 477 -54.45 6.34 -9.86
CA CYS A 477 -53.47 5.37 -10.35
C CYS A 477 -53.75 5.04 -11.81
N VAL A 478 -52.71 5.09 -12.64
CA VAL A 478 -52.88 4.88 -14.07
C VAL A 478 -52.43 3.47 -14.47
N VAL A 479 -53.27 2.76 -15.22
CA VAL A 479 -53.06 1.35 -15.50
C VAL A 479 -53.01 1.03 -17.00
N ILE A 480 -51.92 0.41 -17.44
CA ILE A 480 -51.71 0.10 -18.87
C ILE A 480 -51.62 -1.42 -19.09
N HIS A 481 -52.21 -1.91 -20.18
CA HIS A 481 -52.16 -3.34 -20.56
C HIS A 481 -52.73 -3.61 -21.95
N TYR A 489 -48.80 -6.94 -26.52
CA TYR A 489 -48.29 -5.64 -26.08
C TYR A 489 -49.40 -4.79 -25.44
N ALA A 490 -49.01 -3.69 -24.79
CA ALA A 490 -49.95 -2.81 -24.09
C ALA A 490 -50.55 -1.74 -25.01
N ASN A 491 -51.87 -1.81 -25.20
CA ASN A 491 -52.59 -0.91 -26.10
C ASN A 491 -53.91 -0.38 -25.52
N GLN A 492 -54.04 -0.48 -24.20
CA GLN A 492 -55.20 0.05 -23.47
C GLN A 492 -54.76 0.70 -22.16
N THR A 493 -55.28 1.89 -21.89
CA THR A 493 -54.91 2.64 -20.68
C THR A 493 -56.15 3.17 -19.95
N ARG A 494 -56.11 3.10 -18.62
CA ARG A 494 -57.23 3.53 -17.77
C ARG A 494 -56.72 4.30 -16.57
N ILE A 495 -57.47 5.31 -16.14
CA ILE A 495 -57.19 6.03 -14.89
C ILE A 495 -58.28 5.71 -13.89
N LEU A 496 -57.90 5.14 -12.75
CA LEU A 496 -58.88 4.68 -11.75
C LEU A 496 -58.67 5.24 -10.34
N LEU A 497 -59.77 5.37 -9.61
CA LEU A 497 -59.76 5.74 -8.19
C LEU A 497 -59.47 4.49 -7.37
N VAL A 498 -58.84 4.66 -6.21
CA VAL A 498 -58.44 3.52 -5.38
C VAL A 498 -59.20 3.44 -4.07
N GLU A 499 -59.59 2.22 -3.70
CA GLU A 499 -60.38 1.97 -2.50
C GLU A 499 -59.49 1.60 -1.30
N SER B 2 -10.63 -30.10 52.87
CA SER B 2 -10.66 -30.93 51.62
C SER B 2 -11.33 -30.19 50.48
N GLN B 3 -11.18 -30.70 49.26
CA GLN B 3 -11.80 -30.09 48.08
C GLN B 3 -13.32 -30.14 48.18
N LEU B 4 -13.84 -31.23 48.74
CA LEU B 4 -15.26 -31.44 48.88
C LEU B 4 -15.87 -30.43 49.84
N ALA B 5 -15.12 -30.11 50.90
CA ALA B 5 -15.55 -29.15 51.92
C ALA B 5 -15.60 -27.74 51.36
N HIS B 6 -14.60 -27.39 50.55
CA HIS B 6 -14.53 -26.06 49.94
C HIS B 6 -15.63 -25.84 48.90
N ASN B 7 -16.06 -26.92 48.25
CA ASN B 7 -17.16 -26.83 47.28
C ASN B 7 -18.50 -26.43 47.91
N LEU B 8 -18.68 -26.78 49.19
CA LEU B 8 -19.93 -26.49 49.89
C LEU B 8 -20.06 -25.03 50.28
N THR B 9 -18.93 -24.33 50.33
CA THR B 9 -18.88 -22.92 50.75
C THR B 9 -19.08 -21.95 49.58
N LEU B 10 -19.10 -22.49 48.36
CA LEU B 10 -19.28 -21.67 47.19
C LEU B 10 -20.74 -21.26 46.99
N SER B 11 -20.93 -20.27 46.11
CA SER B 11 -22.24 -19.70 45.80
C SER B 11 -22.13 -19.03 44.44
N ILE B 12 -23.18 -19.14 43.64
CA ILE B 12 -23.21 -18.50 42.32
C ILE B 12 -23.15 -16.97 42.41
N PHE B 13 -23.63 -16.42 43.53
CA PHE B 13 -23.70 -14.98 43.73
C PHE B 13 -22.38 -14.35 44.21
N ASP B 14 -21.43 -15.18 44.60
CA ASP B 14 -20.13 -14.70 45.10
C ASP B 14 -19.43 -13.74 44.14
N PRO B 15 -19.08 -12.54 44.64
CA PRO B 15 -18.48 -11.46 43.85
C PRO B 15 -17.14 -11.89 43.28
N VAL B 16 -16.91 -11.54 42.02
CA VAL B 16 -15.67 -11.88 41.31
C VAL B 16 -14.51 -11.05 41.82
N ALA B 17 -13.30 -11.59 41.68
CA ALA B 17 -12.08 -10.86 42.04
C ALA B 17 -11.96 -9.59 41.20
N ASN B 18 -11.20 -8.62 41.70
CA ASN B 18 -11.01 -7.35 40.99
C ASN B 18 -9.89 -7.38 39.93
N TYR B 19 -9.33 -8.58 39.68
CA TYR B 19 -8.25 -8.76 38.70
C TYR B 19 -8.27 -10.16 38.12
N ARG B 20 -7.88 -10.29 36.85
CA ARG B 20 -7.76 -11.60 36.22
C ARG B 20 -6.31 -12.09 36.30
N ALA B 21 -6.13 -13.38 36.56
CA ALA B 21 -4.80 -13.96 36.71
C ALA B 21 -4.34 -14.73 35.48
N ALA B 22 -5.19 -15.63 34.99
CA ALA B 22 -4.89 -16.42 33.79
C ALA B 22 -4.66 -15.50 32.60
N ARG B 23 -3.70 -15.86 31.77
CA ARG B 23 -3.36 -15.04 30.61
C ARG B 23 -3.84 -15.64 29.29
N ILE B 24 -4.60 -14.85 28.52
CA ILE B 24 -5.13 -15.31 27.23
C ILE B 24 -4.13 -15.12 26.08
N ILE B 25 -4.04 -16.11 25.20
CA ILE B 25 -3.19 -16.04 24.01
C ILE B 25 -4.04 -16.30 22.76
N CYS B 26 -4.00 -15.40 21.79
CA CYS B 26 -4.76 -15.59 20.55
C CYS B 26 -3.90 -15.75 19.32
N THR B 27 -4.47 -16.43 18.32
CA THR B 27 -3.78 -16.71 17.07
C THR B 27 -4.28 -15.75 16.00
N ILE B 28 -3.35 -15.00 15.41
CA ILE B 28 -3.68 -13.98 14.42
C ILE B 28 -3.88 -14.62 13.05
N GLY B 29 -5.03 -14.35 12.45
CA GLY B 29 -5.35 -14.81 11.10
C GLY B 29 -6.16 -13.80 10.31
N PRO B 30 -6.69 -14.21 9.15
CA PRO B 30 -7.56 -13.40 8.28
C PRO B 30 -8.60 -12.56 9.04
N SER B 31 -9.15 -13.12 10.11
CA SER B 31 -10.19 -12.47 10.91
C SER B 31 -9.66 -11.37 11.82
N THR B 32 -8.35 -11.38 12.08
CA THR B 32 -7.77 -10.56 13.13
C THR B 32 -6.43 -9.87 12.80
N GLN B 33 -6.06 -9.75 11.53
CA GLN B 33 -4.74 -9.20 11.17
C GLN B 33 -4.72 -7.67 11.18
N SER B 34 -5.84 -7.06 10.82
CA SER B 34 -5.98 -5.60 10.82
C SER B 34 -5.76 -4.99 12.20
N VAL B 35 -5.22 -3.78 12.25
CA VAL B 35 -5.03 -3.06 13.51
C VAL B 35 -6.35 -2.76 14.22
N GLU B 36 -7.40 -2.49 13.44
CA GLU B 36 -8.74 -2.22 13.96
C GLU B 36 -9.34 -3.43 14.68
N ALA B 37 -8.92 -4.64 14.29
CA ALA B 37 -9.35 -5.85 14.98
C ALA B 37 -8.39 -6.24 16.11
N LEU B 38 -7.10 -6.02 15.90
CA LEU B 38 -6.07 -6.28 16.92
C LEU B 38 -6.26 -5.44 18.17
N LYS B 39 -6.69 -4.19 18.00
CA LYS B 39 -7.07 -3.33 19.12
C LYS B 39 -8.24 -3.98 19.85
N GLY B 40 -9.21 -4.47 19.09
CA GLY B 40 -10.35 -5.21 19.64
C GLY B 40 -9.95 -6.37 20.54
N LEU B 41 -9.03 -7.20 20.07
CA LEU B 41 -8.52 -8.32 20.85
C LEU B 41 -7.87 -7.88 22.17
N ILE B 42 -7.09 -6.80 22.11
CA ILE B 42 -6.36 -6.30 23.28
C ILE B 42 -7.31 -5.80 24.39
N GLN B 43 -8.33 -5.05 23.99
CA GLN B 43 -9.36 -4.58 24.91
C GLN B 43 -10.29 -5.72 25.38
N SER B 44 -10.42 -6.76 24.55
CA SER B 44 -11.25 -7.93 24.88
C SER B 44 -10.57 -8.85 25.90
N GLY B 45 -9.25 -8.86 25.91
CA GLY B 45 -8.50 -9.56 26.94
C GLY B 45 -7.24 -10.29 26.51
N MET B 46 -6.90 -10.20 25.23
CA MET B 46 -5.70 -10.88 24.70
C MET B 46 -4.43 -10.34 25.31
N SER B 47 -3.56 -11.24 25.75
CA SER B 47 -2.27 -10.85 26.32
C SER B 47 -1.13 -11.10 25.34
N VAL B 48 -1.22 -12.19 24.59
CA VAL B 48 -0.17 -12.56 23.65
C VAL B 48 -0.76 -12.87 22.28
N ALA B 49 -0.04 -12.44 21.24
CA ALA B 49 -0.38 -12.79 19.86
C ALA B 49 0.56 -13.88 19.36
N ARG B 50 -0.06 -14.97 18.91
CA ARG B 50 0.64 -16.12 18.38
C ARG B 50 0.59 -16.02 16.87
N MET B 51 1.73 -16.25 16.25
CA MET B 51 1.76 -16.40 14.80
C MET B 51 2.08 -17.85 14.49
N ASN B 52 1.20 -18.49 13.71
CA ASN B 52 1.43 -19.87 13.32
C ASN B 52 2.17 -19.95 11.98
N PHE B 53 3.43 -20.35 12.05
CA PHE B 53 4.30 -20.35 10.88
C PHE B 53 4.13 -21.58 10.01
N SER B 54 3.11 -22.37 10.34
CA SER B 54 2.70 -23.47 9.49
C SER B 54 1.78 -22.94 8.37
N HIS B 55 1.46 -21.65 8.42
CA HIS B 55 0.67 -20.98 7.39
C HIS B 55 1.23 -19.61 7.07
N GLY B 56 1.13 -19.21 5.80
CA GLY B 56 1.53 -17.87 5.39
C GLY B 56 3.03 -17.68 5.23
N SER B 57 3.41 -16.65 4.48
CA SER B 57 4.80 -16.36 4.20
C SER B 57 5.42 -15.44 5.25
N HIS B 58 6.74 -15.29 5.18
CA HIS B 58 7.45 -14.31 6.00
C HIS B 58 6.96 -12.90 5.71
N GLU B 59 6.44 -12.70 4.50
CA GLU B 59 5.83 -11.43 4.12
C GLU B 59 4.53 -11.17 4.87
N TYR B 60 3.78 -12.26 5.13
CA TYR B 60 2.50 -12.20 5.84
C TYR B 60 2.71 -11.91 7.31
N HIS B 61 3.54 -12.71 7.96
CA HIS B 61 3.77 -12.60 9.40
C HIS B 61 4.43 -11.29 9.77
N GLN B 62 5.13 -10.70 8.81
CA GLN B 62 5.72 -9.39 8.98
C GLN B 62 4.63 -8.36 9.29
N THR B 63 3.57 -8.38 8.48
CA THR B 63 2.45 -7.48 8.64
C THR B 63 1.78 -7.70 10.00
N THR B 64 1.63 -8.97 10.39
CA THR B 64 1.10 -9.34 11.71
C THR B 64 1.92 -8.63 12.80
N ILE B 65 3.24 -8.81 12.77
CA ILE B 65 4.16 -8.18 13.71
C ILE B 65 4.02 -6.66 13.71
N ASN B 66 4.04 -6.05 12.53
CA ASN B 66 3.97 -4.60 12.42
C ASN B 66 2.65 -4.00 12.87
N ASN B 67 1.58 -4.80 12.81
CA ASN B 67 0.25 -4.39 13.24
C ASN B 67 -0.04 -4.65 14.71
N VAL B 68 0.44 -5.78 15.23
CA VAL B 68 0.35 -6.10 16.66
C VAL B 68 1.04 -4.99 17.46
N ARG B 69 2.26 -4.64 17.06
CA ARG B 69 3.04 -3.59 17.71
C ARG B 69 2.39 -2.23 17.60
N GLN B 70 1.84 -1.91 16.44
CA GLN B 70 1.15 -0.65 16.22
C GLN B 70 -0.09 -0.53 17.13
N ALA B 71 -0.89 -1.59 17.21
CA ALA B 71 -2.10 -1.61 18.03
C ALA B 71 -1.79 -1.49 19.52
N ALA B 72 -0.65 -2.06 19.92
CA ALA B 72 -0.18 -2.00 21.30
C ALA B 72 0.18 -0.57 21.71
N ALA B 73 1.01 0.09 20.90
CA ALA B 73 1.48 1.45 21.18
C ALA B 73 0.35 2.47 21.21
N GLU B 74 -0.67 2.26 20.38
CA GLU B 74 -1.81 3.17 20.33
C GLU B 74 -2.74 3.02 21.54
N LEU B 75 -2.70 1.85 22.17
CA LEU B 75 -3.47 1.61 23.40
C LEU B 75 -2.62 1.78 24.66
N GLY B 76 -1.30 1.81 24.50
CA GLY B 76 -0.35 2.07 25.59
C GLY B 76 -0.06 0.87 26.47
N VAL B 77 -0.09 -0.33 25.89
CA VAL B 77 0.15 -1.57 26.62
C VAL B 77 1.23 -2.41 25.94
N ASN B 78 1.83 -3.33 26.71
CA ASN B 78 2.80 -4.27 26.18
C ASN B 78 2.13 -5.59 25.82
N ILE B 79 2.11 -5.91 24.52
CA ILE B 79 1.55 -7.17 24.06
C ILE B 79 2.65 -8.03 23.43
N ALA B 80 2.76 -9.27 23.89
CA ALA B 80 3.84 -10.16 23.43
C ALA B 80 3.53 -10.80 22.08
N ILE B 81 4.58 -11.15 21.35
CA ILE B 81 4.47 -11.77 20.04
C ILE B 81 5.20 -13.11 20.10
N ALA B 82 4.52 -14.16 19.68
CA ALA B 82 5.09 -15.51 19.71
C ALA B 82 5.16 -16.13 18.32
N LEU B 83 6.29 -16.78 18.03
CA LEU B 83 6.43 -17.55 16.81
C LEU B 83 6.16 -19.01 17.13
N ASP B 84 5.32 -19.64 16.30
CA ASP B 84 4.98 -21.03 16.48
C ASP B 84 5.56 -21.81 15.30
N THR B 85 6.61 -22.59 15.55
CA THR B 85 7.36 -23.28 14.50
C THR B 85 6.53 -24.34 13.75
N LYS B 86 6.99 -24.72 12.56
CA LYS B 86 6.40 -25.82 11.79
C LYS B 86 6.71 -27.17 12.45
N GLY B 87 8.01 -27.49 12.55
CA GLY B 87 8.50 -28.69 13.22
C GLY B 87 8.61 -29.90 12.31
N PRO B 88 8.75 -31.11 12.91
CA PRO B 88 8.61 -32.39 12.21
C PRO B 88 7.14 -32.80 12.00
N GLU B 89 6.34 -31.87 11.51
CA GLU B 89 4.94 -32.12 11.17
C GLU B 89 4.79 -32.58 9.71
N ILE B 90 3.57 -32.97 9.34
CA ILE B 90 3.21 -33.12 7.94
C ILE B 90 1.90 -32.37 7.69
N ARG B 91 1.85 -31.62 6.59
CA ARG B 91 0.66 -30.86 6.21
C ARG B 91 0.10 -31.45 4.94
N THR B 92 -1.18 -31.22 4.67
CA THR B 92 -1.70 -31.46 3.34
C THR B 92 -1.31 -30.27 2.47
N GLY B 93 -1.95 -30.14 1.31
CA GLY B 93 -1.67 -29.02 0.42
C GLY B 93 -2.81 -28.02 0.40
N GLN B 94 -2.68 -27.00 -0.44
CA GLN B 94 -3.77 -26.04 -0.63
C GLN B 94 -4.89 -26.71 -1.41
N PHE B 95 -6.04 -26.05 -1.46
CA PHE B 95 -7.18 -26.55 -2.22
C PHE B 95 -7.74 -25.43 -3.09
N VAL B 96 -8.17 -25.79 -4.30
CA VAL B 96 -8.81 -24.83 -5.21
C VAL B 96 -10.14 -24.38 -4.62
N GLY B 97 -10.30 -23.05 -4.52
CA GLY B 97 -11.51 -22.45 -3.94
C GLY B 97 -11.46 -22.34 -2.43
N GLY B 98 -10.32 -22.69 -1.84
CA GLY B 98 -10.09 -22.50 -0.41
C GLY B 98 -10.22 -23.73 0.47
N ASP B 99 -11.07 -24.69 0.06
CA ASP B 99 -11.39 -25.86 0.90
C ASP B 99 -11.88 -27.09 0.13
N ALA B 100 -12.31 -28.11 0.90
CA ALA B 100 -12.70 -29.40 0.33
C ALA B 100 -13.75 -30.08 1.20
N VAL B 101 -14.85 -30.53 0.57
CA VAL B 101 -15.97 -31.10 1.33
C VAL B 101 -16.01 -32.64 1.24
N MET B 102 -15.21 -33.29 2.08
CA MET B 102 -15.06 -34.74 2.04
C MET B 102 -16.28 -35.43 2.64
N GLU B 103 -16.94 -36.28 1.86
CA GLU B 103 -18.12 -37.01 2.34
C GLU B 103 -17.90 -38.50 2.62
N ARG B 104 -18.73 -39.06 3.49
CA ARG B 104 -18.64 -40.46 3.89
C ARG B 104 -18.78 -41.38 2.68
N GLY B 105 -17.98 -42.45 2.67
CA GLY B 105 -18.04 -43.48 1.63
C GLY B 105 -17.35 -43.10 0.33
N ALA B 106 -17.01 -41.83 0.20
CA ALA B 106 -16.43 -41.25 -1.02
C ALA B 106 -14.95 -41.56 -1.16
N THR B 107 -14.48 -41.59 -2.40
CA THR B 107 -13.10 -41.94 -2.71
C THR B 107 -12.27 -40.70 -3.03
N CYS B 108 -11.00 -40.74 -2.63
CA CYS B 108 -10.12 -39.60 -2.80
C CYS B 108 -8.69 -40.07 -2.97
N TYR B 109 -7.86 -39.17 -3.49
CA TYR B 109 -6.51 -39.50 -3.86
C TYR B 109 -5.48 -38.59 -3.20
N VAL B 110 -4.46 -39.22 -2.63
CA VAL B 110 -3.36 -38.52 -1.98
C VAL B 110 -2.07 -38.75 -2.76
N THR B 111 -1.60 -37.75 -3.49
CA THR B 111 -0.35 -37.87 -4.26
C THR B 111 0.77 -37.06 -3.66
N THR B 112 1.99 -37.59 -3.74
CA THR B 112 3.16 -36.92 -3.21
C THR B 112 3.88 -36.12 -4.29
N ASP B 113 3.11 -35.60 -5.25
CA ASP B 113 3.64 -34.91 -6.44
C ASP B 113 3.41 -33.40 -6.35
N PRO B 114 4.47 -32.64 -6.02
CA PRO B 114 4.54 -31.18 -5.92
C PRO B 114 3.61 -30.35 -6.82
N ALA B 115 3.26 -30.86 -8.00
CA ALA B 115 2.32 -30.16 -8.88
C ALA B 115 0.90 -30.11 -8.31
N PHE B 116 0.56 -31.04 -7.43
CA PHE B 116 -0.78 -31.13 -6.84
C PHE B 116 -0.93 -30.40 -5.50
N ALA B 117 0.09 -29.63 -5.14
CA ALA B 117 0.07 -28.81 -3.93
C ALA B 117 -0.91 -27.63 -4.04
N ASP B 118 -0.90 -26.96 -5.19
N ASP B 118 -0.92 -27.02 -5.21
CA ASP B 118 -1.73 -25.77 -5.39
CA ASP B 118 -1.67 -25.79 -5.46
C ASP B 118 -3.12 -26.07 -5.92
C ASP B 118 -3.09 -26.07 -5.93
N LYS B 119 -3.27 -27.19 -6.63
CA LYS B 119 -4.56 -27.55 -7.24
C LYS B 119 -5.23 -28.77 -6.59
N GLY B 120 -5.17 -28.83 -5.26
CA GLY B 120 -5.81 -29.90 -4.50
C GLY B 120 -7.32 -29.82 -4.56
N THR B 121 -7.95 -30.98 -4.64
CA THR B 121 -9.40 -31.07 -4.68
C THR B 121 -9.89 -32.07 -3.63
N LYS B 122 -11.20 -32.32 -3.62
CA LYS B 122 -11.78 -33.37 -2.78
C LYS B 122 -11.40 -34.74 -3.32
N ASP B 123 -11.11 -34.81 -4.62
CA ASP B 123 -10.77 -36.05 -5.30
C ASP B 123 -9.27 -36.34 -5.24
N LYS B 124 -8.46 -35.28 -5.27
CA LYS B 124 -7.00 -35.43 -5.28
C LYS B 124 -6.32 -34.20 -4.68
N PHE B 125 -5.53 -34.43 -3.64
CA PHE B 125 -4.73 -33.37 -3.02
C PHE B 125 -3.31 -33.81 -2.64
N TYR B 126 -2.52 -32.86 -2.13
CA TYR B 126 -1.09 -33.06 -1.87
C TYR B 126 -0.80 -33.36 -0.40
N ILE B 127 0.31 -34.04 -0.15
CA ILE B 127 0.79 -34.32 1.20
C ILE B 127 2.32 -34.28 1.16
N ASP B 128 2.93 -33.32 1.85
CA ASP B 128 4.38 -33.12 1.73
C ASP B 128 5.24 -34.01 2.66
N TYR B 129 4.96 -35.31 2.63
CA TYR B 129 5.92 -36.30 3.09
C TYR B 129 6.20 -37.23 1.90
N GLN B 130 7.41 -37.12 1.36
CA GLN B 130 7.82 -37.87 0.15
C GLN B 130 7.70 -39.38 0.33
N ASN B 131 8.26 -39.88 1.44
CA ASN B 131 8.31 -41.30 1.77
C ASN B 131 6.95 -41.97 2.09
N LEU B 132 5.86 -41.20 2.00
CA LEU B 132 4.52 -41.65 2.40
C LEU B 132 4.18 -43.07 1.95
N SER B 133 4.41 -43.38 0.67
CA SER B 133 4.00 -44.64 0.07
C SER B 133 4.67 -45.90 0.69
N LYS B 134 5.88 -45.73 1.21
CA LYS B 134 6.59 -46.82 1.87
C LYS B 134 6.27 -46.89 3.37
N VAL B 135 5.46 -45.94 3.84
CA VAL B 135 5.07 -45.86 5.25
C VAL B 135 3.71 -46.52 5.50
N VAL B 136 2.85 -46.54 4.48
CA VAL B 136 1.49 -47.04 4.63
C VAL B 136 1.18 -48.30 3.81
N ARG B 137 0.23 -49.07 4.32
CA ARG B 137 -0.33 -50.20 3.60
C ARG B 137 -1.83 -50.00 3.39
N PRO B 138 -2.43 -50.74 2.44
CA PRO B 138 -3.88 -50.91 2.45
C PRO B 138 -4.31 -51.43 3.81
N GLY B 139 -5.24 -50.71 4.45
CA GLY B 139 -5.71 -51.07 5.79
C GLY B 139 -5.47 -49.98 6.83
N ASN B 140 -4.29 -49.35 6.74
CA ASN B 140 -3.89 -48.27 7.66
C ASN B 140 -4.69 -46.99 7.44
N TYR B 141 -4.72 -46.13 8.46
CA TYR B 141 -5.46 -44.89 8.36
C TYR B 141 -4.58 -43.67 8.16
N ILE B 142 -5.17 -42.62 7.58
CA ILE B 142 -4.52 -41.32 7.41
C ILE B 142 -5.37 -40.25 8.05
N TYR B 143 -4.85 -39.62 9.10
CA TYR B 143 -5.61 -38.69 9.92
C TYR B 143 -5.40 -37.24 9.48
N ILE B 144 -6.50 -36.60 9.05
CA ILE B 144 -6.46 -35.23 8.55
C ILE B 144 -7.14 -34.27 9.53
N ASP B 145 -6.47 -33.15 9.80
CA ASP B 145 -7.01 -32.04 10.62
C ASP B 145 -7.18 -32.39 12.11
N ASP B 146 -6.11 -32.17 12.88
CA ASP B 146 -6.09 -32.49 14.33
C ASP B 146 -6.91 -33.75 14.67
N GLY B 147 -6.77 -34.77 13.81
CA GLY B 147 -7.45 -36.04 13.99
C GLY B 147 -8.96 -36.00 13.96
N ILE B 148 -9.52 -35.34 12.94
CA ILE B 148 -10.96 -35.25 12.75
C ILE B 148 -11.40 -36.18 11.63
N LEU B 149 -10.89 -35.92 10.43
CA LEU B 149 -11.22 -36.68 9.24
C LEU B 149 -10.23 -37.82 9.04
N ILE B 150 -10.75 -39.05 8.97
CA ILE B 150 -9.94 -40.26 8.79
C ILE B 150 -10.16 -40.97 7.44
N LEU B 151 -9.07 -41.11 6.68
CA LEU B 151 -9.08 -41.82 5.41
C LEU B 151 -8.55 -43.24 5.60
N GLN B 152 -9.18 -44.21 4.92
CA GLN B 152 -8.70 -45.60 4.95
C GLN B 152 -8.16 -46.07 3.59
N VAL B 153 -6.85 -46.24 3.51
CA VAL B 153 -6.16 -46.57 2.27
C VAL B 153 -6.71 -47.85 1.64
N GLN B 154 -7.23 -47.72 0.42
CA GLN B 154 -7.73 -48.86 -0.36
C GLN B 154 -6.57 -49.62 -0.95
N SER B 155 -5.67 -48.89 -1.60
CA SER B 155 -4.52 -49.44 -2.33
C SER B 155 -3.82 -48.33 -3.13
N HIS B 156 -2.67 -48.66 -3.72
CA HIS B 156 -1.93 -47.71 -4.55
C HIS B 156 -2.60 -47.48 -5.90
N GLU B 157 -2.18 -46.41 -6.59
CA GLU B 157 -2.56 -46.22 -8.00
C GLU B 157 -1.32 -46.14 -8.87
N ASP B 158 -0.40 -45.24 -8.52
CA ASP B 158 0.96 -45.24 -9.09
C ASP B 158 2.02 -45.22 -7.99
N GLU B 159 3.25 -44.82 -8.32
CA GLU B 159 4.33 -44.76 -7.34
C GLU B 159 4.33 -43.40 -6.62
N GLN B 160 3.13 -42.87 -6.39
CA GLN B 160 2.91 -41.59 -5.69
C GLN B 160 1.52 -41.48 -5.06
N THR B 161 0.53 -42.09 -5.69
CA THR B 161 -0.87 -41.85 -5.32
C THR B 161 -1.53 -43.04 -4.60
N LEU B 162 -2.38 -42.73 -3.63
CA LEU B 162 -3.13 -43.73 -2.89
C LEU B 162 -4.61 -43.52 -3.08
N GLU B 163 -5.32 -44.63 -3.22
CA GLU B 163 -6.79 -44.64 -3.23
C GLU B 163 -7.25 -44.76 -1.78
N CYS B 164 -8.22 -43.92 -1.39
CA CYS B 164 -8.63 -43.78 0.00
C CYS B 164 -10.13 -43.60 0.20
N THR B 165 -10.71 -44.43 1.08
CA THR B 165 -12.07 -44.24 1.55
C THR B 165 -12.06 -43.02 2.45
N VAL B 166 -13.14 -42.24 2.43
CA VAL B 166 -13.39 -41.23 3.45
C VAL B 166 -14.44 -41.80 4.42
N THR B 167 -14.00 -42.19 5.62
CA THR B 167 -14.85 -42.91 6.57
C THR B 167 -15.88 -42.02 7.28
N ASN B 168 -15.57 -40.72 7.34
CA ASN B 168 -16.47 -39.74 7.98
C ASN B 168 -16.48 -38.39 7.28
N SER B 169 -17.60 -37.68 7.41
CA SER B 169 -17.82 -36.42 6.71
C SER B 169 -17.27 -35.23 7.49
N HIS B 170 -16.66 -34.28 6.78
CA HIS B 170 -16.04 -33.08 7.36
C HIS B 170 -15.45 -32.19 6.27
N THR B 171 -15.35 -30.89 6.55
CA THR B 171 -14.75 -29.94 5.62
C THR B 171 -13.35 -29.52 6.05
N ILE B 172 -12.38 -29.69 5.17
CA ILE B 172 -10.99 -29.29 5.44
C ILE B 172 -10.60 -28.04 4.67
N SER B 173 -9.87 -27.15 5.33
CA SER B 173 -9.29 -25.98 4.68
C SER B 173 -7.86 -26.29 4.25
N ASP B 174 -7.12 -25.27 3.81
CA ASP B 174 -5.74 -25.47 3.35
C ASP B 174 -4.79 -25.91 4.48
N ARG B 175 -3.82 -26.75 4.12
CA ARG B 175 -2.69 -27.12 4.99
C ARG B 175 -3.13 -27.70 6.32
N ARG B 176 -3.95 -28.74 6.30
CA ARG B 176 -4.36 -29.41 7.54
C ARG B 176 -3.27 -30.35 8.04
N GLY B 177 -3.19 -30.51 9.35
CA GLY B 177 -2.24 -31.44 9.96
C GLY B 177 -2.62 -32.89 9.70
N VAL B 178 -1.72 -33.63 9.04
CA VAL B 178 -1.89 -35.07 8.84
C VAL B 178 -1.06 -35.87 9.85
N ASN B 179 -1.76 -36.63 10.69
CA ASN B 179 -1.12 -37.41 11.74
C ASN B 179 -1.12 -38.89 11.40
N LEU B 180 0.06 -39.49 11.41
CA LEU B 180 0.23 -40.94 11.23
C LEU B 180 0.73 -41.56 12.53
N PRO B 181 -0.15 -42.29 13.24
CA PRO B 181 0.16 -42.87 14.55
C PRO B 181 0.93 -44.19 14.46
N GLY B 182 1.96 -44.32 15.30
CA GLY B 182 2.77 -45.54 15.42
C GLY B 182 3.89 -45.75 14.41
N CYS B 183 3.76 -45.11 13.25
CA CYS B 183 4.59 -45.37 12.06
C CYS B 183 6.05 -44.90 12.13
N ASP B 184 6.42 -44.26 13.23
CA ASP B 184 7.79 -43.77 13.50
C ASP B 184 8.36 -42.95 12.32
N VAL B 185 7.56 -42.03 11.82
CA VAL B 185 7.92 -41.21 10.65
C VAL B 185 9.18 -40.37 10.87
N ASP B 186 10.26 -40.78 10.21
CA ASP B 186 11.56 -40.14 10.31
C ASP B 186 11.49 -38.71 9.77
N LEU B 187 11.50 -37.75 10.69
CA LEU B 187 11.52 -36.34 10.33
C LEU B 187 12.50 -35.55 11.20
N PRO B 188 13.39 -34.76 10.56
CA PRO B 188 14.38 -33.95 11.26
C PRO B 188 13.81 -33.26 12.48
N ALA B 189 14.40 -33.53 13.64
CA ALA B 189 13.96 -32.94 14.90
C ALA B 189 14.04 -31.41 14.89
N VAL B 190 14.80 -30.89 13.93
CA VAL B 190 14.88 -29.45 13.68
C VAL B 190 14.96 -29.24 12.15
N SER B 191 13.80 -29.00 11.53
CA SER B 191 13.74 -29.02 10.06
C SER B 191 14.31 -27.76 9.42
N ALA B 192 14.73 -27.91 8.15
CA ALA B 192 15.32 -26.82 7.37
C ALA B 192 14.42 -25.60 7.34
N LYS B 193 13.14 -25.82 7.05
CA LYS B 193 12.13 -24.76 7.00
C LYS B 193 12.15 -23.92 8.29
N ASP B 194 12.43 -24.58 9.41
CA ASP B 194 12.40 -23.97 10.74
C ASP B 194 13.59 -23.06 11.01
N ARG B 195 14.79 -23.51 10.66
CA ARG B 195 15.99 -22.69 10.83
C ARG B 195 15.83 -21.36 10.11
N VAL B 196 15.16 -21.40 8.97
CA VAL B 196 14.76 -20.20 8.23
C VAL B 196 13.78 -19.37 9.06
N ASP B 197 12.72 -20.03 9.53
CA ASP B 197 11.65 -19.40 10.32
C ASP B 197 12.17 -18.77 11.62
N LEU B 198 13.02 -19.52 12.32
CA LEU B 198 13.57 -19.08 13.60
C LEU B 198 14.48 -17.84 13.48
N GLN B 199 15.38 -17.85 12.51
N GLN B 199 15.39 -17.88 12.51
CA GLN B 199 16.29 -16.73 12.29
CA GLN B 199 16.28 -16.75 12.23
C GLN B 199 15.52 -15.45 11.92
C GLN B 199 15.47 -15.47 12.01
N PHE B 200 14.36 -15.62 11.29
CA PHE B 200 13.47 -14.50 10.99
C PHE B 200 12.90 -13.94 12.27
N GLY B 201 12.67 -14.82 13.24
CA GLY B 201 12.13 -14.43 14.54
C GLY B 201 13.11 -13.57 15.31
N VAL B 202 14.37 -13.98 15.31
CA VAL B 202 15.44 -13.26 16.00
C VAL B 202 15.64 -11.86 15.40
N GLU B 203 15.60 -11.77 14.07
CA GLU B 203 15.80 -10.50 13.37
C GLU B 203 14.69 -9.49 13.68
N GLN B 204 13.43 -9.92 13.60
CA GLN B 204 12.31 -9.04 13.88
C GLN B 204 12.11 -8.83 15.38
N GLY B 205 12.58 -9.78 16.19
CA GLY B 205 12.59 -9.63 17.64
C GLY B 205 11.37 -10.18 18.35
N VAL B 206 10.99 -11.41 17.98
CA VAL B 206 9.90 -12.12 18.64
C VAL B 206 10.27 -12.37 20.11
N ASP B 207 9.26 -12.37 20.97
CA ASP B 207 9.47 -12.50 22.42
C ASP B 207 9.64 -13.94 22.90
N MET B 208 8.96 -14.87 22.23
CA MET B 208 9.05 -16.30 22.57
C MET B 208 8.81 -17.21 21.36
N ILE B 209 9.39 -18.41 21.43
CA ILE B 209 9.22 -19.43 20.41
C ILE B 209 8.37 -20.57 20.97
N PHE B 210 7.26 -20.87 20.31
CA PHE B 210 6.49 -22.08 20.61
C PHE B 210 7.00 -23.22 19.74
N ALA B 211 7.98 -23.96 20.26
CA ALA B 211 8.61 -25.02 19.49
C ALA B 211 7.67 -26.22 19.35
N SER B 212 7.33 -26.56 18.11
CA SER B 212 6.39 -27.65 17.83
C SER B 212 7.00 -29.04 17.95
N PHE B 213 6.15 -30.02 18.27
CA PHE B 213 6.50 -31.45 18.26
C PHE B 213 7.84 -31.81 18.92
N ILE B 214 8.15 -31.14 20.04
CA ILE B 214 9.34 -31.46 20.84
C ILE B 214 9.21 -32.87 21.40
N ARG B 215 10.30 -33.63 21.35
CA ARG B 215 10.25 -35.01 21.81
C ARG B 215 11.39 -35.39 22.76
N SER B 216 12.45 -34.57 22.78
CA SER B 216 13.60 -34.85 23.65
C SER B 216 14.30 -33.60 24.14
N ALA B 217 15.14 -33.76 25.16
CA ALA B 217 15.89 -32.65 25.73
C ALA B 217 16.88 -32.10 24.71
N GLU B 218 17.63 -33.01 24.10
CA GLU B 218 18.60 -32.68 23.04
C GLU B 218 17.96 -31.80 21.96
N GLN B 219 16.71 -32.10 21.64
CA GLN B 219 15.96 -31.39 20.62
C GLN B 219 15.78 -29.91 20.93
N VAL B 220 15.59 -29.57 22.21
CA VAL B 220 15.38 -28.20 22.62
C VAL B 220 16.66 -27.39 22.40
N GLY B 221 17.80 -27.99 22.73
CA GLY B 221 19.11 -27.38 22.51
C GLY B 221 19.29 -26.97 21.06
N ASP B 222 18.97 -27.90 20.16
CA ASP B 222 19.03 -27.67 18.71
C ASP B 222 18.25 -26.42 18.29
N VAL B 223 17.19 -26.10 19.02
CA VAL B 223 16.40 -24.91 18.76
C VAL B 223 17.15 -23.66 19.23
N ARG B 224 17.60 -23.65 20.49
CA ARG B 224 18.30 -22.49 21.04
C ARG B 224 19.63 -22.23 20.32
N LYS B 225 20.29 -23.32 19.95
CA LYS B 225 21.54 -23.24 19.19
C LYS B 225 21.27 -22.67 17.80
N ALA B 226 20.12 -23.01 17.22
CA ALA B 226 19.73 -22.50 15.90
C ALA B 226 19.26 -21.05 15.96
N LEU B 227 18.80 -20.61 17.13
CA LEU B 227 18.41 -19.23 17.35
C LEU B 227 19.62 -18.30 17.34
N GLY B 228 20.79 -18.88 17.62
CA GLY B 228 22.05 -18.16 17.61
C GLY B 228 22.31 -17.43 18.92
N PRO B 229 23.44 -16.71 19.01
CA PRO B 229 23.76 -15.90 20.18
C PRO B 229 22.95 -14.60 20.20
N LYS B 230 22.44 -14.19 19.04
CA LYS B 230 21.61 -12.99 18.93
C LYS B 230 20.27 -13.13 19.64
N GLY B 231 19.76 -14.35 19.70
CA GLY B 231 18.49 -14.64 20.36
C GLY B 231 18.63 -15.55 21.56
N ARG B 232 19.51 -15.19 22.49
CA ARG B 232 19.67 -15.93 23.72
C ARG B 232 18.57 -15.56 24.71
N ASP B 233 18.05 -14.34 24.59
CA ASP B 233 17.07 -13.78 25.51
C ASP B 233 15.62 -14.27 25.26
N ILE B 234 15.38 -14.82 24.07
CA ILE B 234 14.06 -15.32 23.67
C ILE B 234 13.72 -16.65 24.37
N MET B 235 12.48 -16.74 24.85
CA MET B 235 11.98 -17.92 25.57
C MET B 235 11.63 -19.06 24.62
N ILE B 236 11.79 -20.30 25.10
CA ILE B 236 11.48 -21.49 24.30
C ILE B 236 10.40 -22.35 24.95
N ILE B 237 9.16 -22.18 24.49
CA ILE B 237 8.05 -22.96 25.03
C ILE B 237 7.86 -24.23 24.21
N CYS B 238 8.15 -25.37 24.83
CA CYS B 238 8.03 -26.67 24.17
C CYS B 238 6.60 -27.17 24.08
N LYS B 239 6.16 -27.45 22.86
CA LYS B 239 4.83 -27.99 22.62
C LYS B 239 4.87 -29.51 22.71
N ILE B 240 4.33 -30.06 23.79
CA ILE B 240 4.25 -31.50 23.97
C ILE B 240 3.02 -32.01 23.22
N GLU B 241 3.25 -32.66 22.08
CA GLU B 241 2.13 -33.11 21.25
C GLU B 241 2.36 -34.46 20.55
N ASN B 242 3.26 -35.26 21.11
CA ASN B 242 3.48 -36.63 20.65
C ASN B 242 3.81 -37.59 21.78
N HIS B 243 3.84 -38.87 21.45
CA HIS B 243 3.97 -39.94 22.42
C HIS B 243 5.17 -39.80 23.36
N GLN B 244 6.35 -39.60 22.76
CA GLN B 244 7.59 -39.56 23.53
C GLN B 244 7.79 -38.26 24.30
N GLY B 245 7.38 -37.14 23.71
CA GLY B 245 7.43 -35.85 24.38
C GLY B 245 6.83 -35.88 25.77
N VAL B 246 5.74 -36.62 25.93
CA VAL B 246 5.07 -36.79 27.22
C VAL B 246 5.91 -37.66 28.14
N GLN B 247 6.46 -38.74 27.61
CA GLN B 247 7.29 -39.66 28.39
C GLN B 247 8.58 -39.00 28.88
N ASN B 248 9.13 -38.08 28.07
CA ASN B 248 10.35 -37.36 28.41
C ASN B 248 10.12 -35.96 28.97
N ILE B 249 8.89 -35.69 29.42
CA ILE B 249 8.51 -34.37 29.96
C ILE B 249 9.50 -33.78 30.97
N ASP B 250 10.00 -34.64 31.86
CA ASP B 250 10.94 -34.25 32.91
C ASP B 250 12.12 -33.45 32.38
N SER B 251 12.89 -34.08 31.49
CA SER B 251 14.10 -33.49 30.93
C SER B 251 13.81 -32.35 29.97
N ILE B 252 12.63 -32.37 29.34
CA ILE B 252 12.22 -31.31 28.43
C ILE B 252 11.96 -30.04 29.23
N ILE B 253 11.24 -30.17 30.34
CA ILE B 253 10.97 -29.04 31.22
C ILE B 253 12.29 -28.38 31.68
N GLU B 254 13.25 -29.22 32.10
CA GLU B 254 14.56 -28.76 32.56
C GLU B 254 15.23 -27.81 31.57
N GLU B 255 15.18 -28.17 30.28
CA GLU B 255 15.83 -27.39 29.23
C GLU B 255 14.97 -26.22 28.80
N SER B 256 13.66 -26.41 28.81
CA SER B 256 12.72 -25.42 28.28
C SER B 256 12.44 -24.29 29.23
N ASP B 257 11.84 -23.23 28.70
CA ASP B 257 11.44 -22.09 29.51
C ASP B 257 9.98 -22.21 29.90
N GLY B 258 9.27 -23.14 29.26
CA GLY B 258 7.86 -23.41 29.55
C GLY B 258 7.28 -24.51 28.69
N ILE B 259 6.06 -24.95 29.00
CA ILE B 259 5.40 -26.02 28.25
C ILE B 259 4.05 -25.59 27.66
N MET B 260 3.73 -26.08 26.47
CA MET B 260 2.37 -25.99 25.97
C MET B 260 1.81 -27.40 25.79
N VAL B 261 0.61 -27.63 26.33
CA VAL B 261 -0.11 -28.86 26.06
C VAL B 261 -0.89 -28.61 24.79
N ALA B 262 -0.25 -28.86 23.65
CA ALA B 262 -0.91 -28.74 22.36
C ALA B 262 -1.78 -29.97 22.10
N ARG B 263 -3.04 -29.88 22.50
CA ARG B 263 -3.93 -31.05 22.56
C ARG B 263 -4.39 -31.54 21.19
N GLY B 264 -4.44 -30.65 20.21
CA GLY B 264 -4.81 -31.02 18.86
C GLY B 264 -4.05 -32.23 18.35
N ASP B 265 -2.73 -32.10 18.27
CA ASP B 265 -1.90 -33.18 17.75
C ASP B 265 -1.80 -34.30 18.76
N LEU B 266 -1.85 -33.96 20.04
CA LEU B 266 -1.72 -34.95 21.12
C LEU B 266 -2.87 -35.94 21.09
N GLY B 267 -4.08 -35.39 20.93
CA GLY B 267 -5.33 -36.14 20.89
C GLY B 267 -5.44 -37.13 19.75
N VAL B 268 -4.45 -37.10 18.86
CA VAL B 268 -4.36 -38.09 17.80
C VAL B 268 -3.22 -39.05 18.14
N GLU B 269 -2.09 -38.49 18.54
CA GLU B 269 -0.88 -39.27 18.80
C GLU B 269 -1.03 -40.22 19.99
N ILE B 270 -1.85 -39.83 20.96
CA ILE B 270 -2.21 -40.72 22.07
C ILE B 270 -3.72 -40.90 22.14
N PRO B 271 -4.18 -41.99 22.79
CA PRO B 271 -5.62 -42.26 22.93
C PRO B 271 -6.34 -41.14 23.65
N ALA B 272 -7.32 -40.54 22.96
CA ALA B 272 -7.93 -39.26 23.35
C ALA B 272 -8.31 -39.12 24.83
N GLU B 273 -8.76 -40.22 25.44
CA GLU B 273 -9.10 -40.22 26.87
C GLU B 273 -7.88 -39.93 27.76
N LYS B 274 -6.71 -40.34 27.28
CA LYS B 274 -5.46 -40.16 28.04
C LYS B 274 -4.93 -38.72 27.97
N VAL B 275 -5.42 -37.94 26.99
CA VAL B 275 -5.05 -36.55 26.88
C VAL B 275 -5.34 -35.87 28.21
N VAL B 276 -6.45 -36.25 28.83
CA VAL B 276 -6.87 -35.70 30.13
C VAL B 276 -5.83 -35.93 31.23
N VAL B 277 -5.27 -37.14 31.23
CA VAL B 277 -4.29 -37.52 32.24
C VAL B 277 -3.03 -36.70 31.99
N ALA B 278 -2.62 -36.65 30.73
CA ALA B 278 -1.45 -35.88 30.29
C ALA B 278 -1.54 -34.42 30.70
N GLN B 279 -2.67 -33.79 30.41
CA GLN B 279 -2.89 -32.39 30.80
C GLN B 279 -2.49 -32.19 32.25
N LYS B 280 -3.16 -32.92 33.15
CA LYS B 280 -2.88 -32.84 34.58
C LYS B 280 -1.38 -32.93 34.86
N ILE B 281 -0.75 -33.97 34.31
CA ILE B 281 0.66 -34.27 34.57
C ILE B 281 1.59 -33.12 34.18
N LEU B 282 1.48 -32.67 32.93
CA LEU B 282 2.30 -31.56 32.44
C LEU B 282 2.10 -30.34 33.32
N ILE B 283 0.88 -29.80 33.31
CA ILE B 283 0.53 -28.63 34.13
C ILE B 283 1.14 -28.69 35.54
N SER B 284 0.75 -29.70 36.33
CA SER B 284 1.27 -29.83 37.68
C SER B 284 2.81 -29.87 37.74
N LYS B 285 3.44 -30.57 36.80
CA LYS B 285 4.90 -30.66 36.75
C LYS B 285 5.55 -29.30 36.49
N CYS B 286 4.88 -28.47 35.70
CA CYS B 286 5.30 -27.09 35.48
C CYS B 286 5.09 -26.27 36.72
N ASN B 287 3.92 -26.41 37.35
CA ASN B 287 3.63 -25.71 38.59
C ASN B 287 4.69 -25.91 39.65
N VAL B 288 5.22 -27.14 39.74
CA VAL B 288 6.25 -27.47 40.72
C VAL B 288 7.57 -26.79 40.37
N ALA B 289 7.89 -26.74 39.08
CA ALA B 289 9.14 -26.15 38.62
C ALA B 289 9.10 -24.62 38.62
N GLY B 290 7.92 -24.07 38.32
CA GLY B 290 7.75 -22.63 38.26
C GLY B 290 7.85 -22.12 36.83
N LYS B 291 7.79 -23.05 35.89
CA LYS B 291 7.85 -22.72 34.47
C LYS B 291 6.44 -22.69 33.88
N PRO B 292 6.05 -21.55 33.28
CA PRO B 292 4.67 -21.34 32.85
C PRO B 292 4.17 -22.43 31.91
N VAL B 293 2.88 -22.75 32.02
CA VAL B 293 2.27 -23.80 31.23
C VAL B 293 1.07 -23.24 30.46
N ILE B 294 0.93 -23.61 29.17
CA ILE B 294 -0.22 -23.15 28.36
C ILE B 294 -1.11 -24.33 27.96
N CYS B 295 -2.40 -24.22 28.27
CA CYS B 295 -3.39 -25.15 27.76
C CYS B 295 -4.04 -24.57 26.50
N ALA B 296 -4.24 -25.42 25.48
CA ALA B 296 -4.63 -24.95 24.15
C ALA B 296 -5.38 -25.96 23.29
N THR B 297 -6.04 -25.44 22.26
CA THR B 297 -6.72 -26.21 21.19
C THR B 297 -8.13 -26.65 21.51
N GLN B 298 -9.08 -26.20 20.67
CA GLN B 298 -10.49 -26.63 20.74
C GLN B 298 -11.19 -26.34 22.06
N MET B 299 -10.65 -25.41 22.84
CA MET B 299 -11.24 -25.07 24.13
C MET B 299 -12.56 -24.33 23.97
N LEU B 300 -12.68 -23.54 22.90
CA LEU B 300 -13.93 -22.85 22.63
C LEU B 300 -14.32 -22.99 21.17
N GLU B 301 -14.03 -24.16 20.61
CA GLU B 301 -14.18 -24.41 19.18
C GLU B 301 -15.47 -23.86 18.57
N SER B 302 -16.60 -24.16 19.18
CA SER B 302 -17.90 -23.79 18.60
C SER B 302 -18.10 -22.28 18.44
N MET B 303 -17.20 -21.47 19.01
CA MET B 303 -17.30 -20.02 18.84
C MET B 303 -16.57 -19.49 17.60
N THR B 304 -16.21 -20.41 16.71
CA THR B 304 -15.80 -20.07 15.37
C THR B 304 -17.06 -19.87 14.51
N TYR B 305 -18.19 -20.42 14.99
CA TYR B 305 -19.48 -20.40 14.27
C TYR B 305 -20.59 -19.69 15.03
N ASN B 306 -20.81 -20.09 16.28
CA ASN B 306 -21.85 -19.52 17.14
C ASN B 306 -21.29 -18.41 18.03
N PRO B 307 -22.17 -17.53 18.55
CA PRO B 307 -21.67 -16.48 19.46
C PRO B 307 -21.63 -16.89 20.92
N ARG B 308 -21.97 -18.15 21.21
CA ARG B 308 -22.02 -18.70 22.57
C ARG B 308 -21.47 -20.13 22.64
N PRO B 309 -20.53 -20.39 23.55
CA PRO B 309 -19.90 -21.71 23.66
C PRO B 309 -20.83 -22.77 24.26
N THR B 310 -20.52 -24.04 24.05
CA THR B 310 -21.28 -25.14 24.69
C THR B 310 -20.87 -25.31 26.16
N ARG B 311 -21.68 -26.06 26.91
CA ARG B 311 -21.47 -26.25 28.36
C ARG B 311 -20.22 -27.08 28.64
N ALA B 312 -19.82 -27.86 27.62
CA ALA B 312 -18.56 -28.60 27.66
C ALA B 312 -17.40 -27.63 27.55
N GLU B 313 -17.48 -26.75 26.55
CA GLU B 313 -16.43 -25.79 26.25
C GLU B 313 -16.18 -24.82 27.40
N VAL B 314 -17.24 -24.31 28.01
CA VAL B 314 -17.09 -23.54 29.22
C VAL B 314 -16.31 -24.38 30.23
N SER B 315 -16.87 -25.54 30.57
CA SER B 315 -16.27 -26.47 31.54
C SER B 315 -14.76 -26.58 31.36
N ASP B 316 -14.34 -26.83 30.12
CA ASP B 316 -12.93 -26.97 29.75
C ASP B 316 -12.10 -25.76 30.19
N VAL B 317 -12.46 -24.57 29.74
CA VAL B 317 -11.71 -23.36 30.08
C VAL B 317 -11.53 -23.27 31.59
N ALA B 318 -12.64 -23.35 32.33
CA ALA B 318 -12.61 -23.24 33.79
C ALA B 318 -11.75 -24.34 34.39
N ASN B 319 -12.10 -25.59 34.13
CA ASN B 319 -11.37 -26.73 34.66
C ASN B 319 -9.88 -26.69 34.37
N ALA B 320 -9.50 -26.12 33.21
CA ALA B 320 -8.10 -25.88 32.88
C ALA B 320 -7.44 -24.93 33.88
N VAL B 321 -8.13 -23.83 34.21
CA VAL B 321 -7.63 -22.88 35.21
C VAL B 321 -7.49 -23.52 36.59
N PHE B 322 -8.44 -24.39 36.91
CA PHE B 322 -8.39 -25.18 38.15
C PHE B 322 -7.19 -26.13 38.18
N ASN B 323 -6.89 -26.75 37.04
CA ASN B 323 -5.75 -27.66 36.90
C ASN B 323 -4.42 -26.97 37.19
N GLY B 324 -4.40 -25.64 37.09
CA GLY B 324 -3.21 -24.84 37.37
C GLY B 324 -2.54 -24.18 36.17
N ALA B 325 -3.17 -24.25 35.00
CA ALA B 325 -2.67 -23.58 33.80
C ALA B 325 -2.43 -22.10 34.04
N ASP B 326 -1.29 -21.62 33.57
CA ASP B 326 -1.00 -20.19 33.59
C ASP B 326 -1.76 -19.50 32.46
N CYS B 327 -1.76 -20.14 31.30
CA CYS B 327 -2.30 -19.53 30.08
C CYS B 327 -3.29 -20.41 29.36
N VAL B 328 -4.37 -19.81 28.89
CA VAL B 328 -5.31 -20.49 27.99
C VAL B 328 -5.20 -19.87 26.61
N MET B 329 -5.20 -20.71 25.57
CA MET B 329 -4.95 -20.20 24.21
C MET B 329 -6.02 -20.52 23.15
N LEU B 330 -6.37 -19.49 22.39
CA LEU B 330 -7.34 -19.59 21.30
C LEU B 330 -6.63 -19.77 19.96
N SER B 331 -7.03 -20.81 19.23
CA SER B 331 -6.41 -21.15 17.95
C SER B 331 -7.27 -20.65 16.78
N GLY B 332 -8.02 -21.55 16.16
CA GLY B 332 -8.91 -21.22 15.05
C GLY B 332 -10.03 -20.27 15.45
N GLU B 333 -10.33 -20.24 16.74
CA GLU B 333 -11.41 -19.43 17.32
C GLU B 333 -11.30 -17.93 17.00
N THR B 334 -10.05 -17.44 16.87
CA THR B 334 -9.79 -16.03 16.55
C THR B 334 -9.20 -15.87 15.16
N ALA B 335 -8.40 -16.87 14.76
CA ALA B 335 -7.72 -16.84 13.46
C ALA B 335 -8.70 -16.73 12.28
N LYS B 336 -9.76 -17.52 12.31
CA LYS B 336 -10.76 -17.51 11.23
C LYS B 336 -12.20 -17.44 11.74
N GLY B 337 -12.37 -17.21 13.04
CA GLY B 337 -13.71 -17.15 13.65
C GLY B 337 -14.55 -15.98 13.21
N LYS B 338 -15.87 -16.10 13.37
CA LYS B 338 -16.80 -15.01 13.11
C LYS B 338 -16.90 -14.05 14.29
N TYR B 339 -16.63 -14.57 15.49
CA TYR B 339 -16.73 -13.79 16.72
C TYR B 339 -15.39 -13.77 17.44
N PRO B 340 -14.45 -12.94 16.98
CA PRO B 340 -13.11 -12.96 17.56
C PRO B 340 -13.01 -12.13 18.83
N ASN B 341 -13.89 -11.14 18.99
CA ASN B 341 -13.91 -10.36 20.21
C ASN B 341 -14.75 -11.05 21.27
N GLU B 342 -15.89 -11.60 20.85
CA GLU B 342 -16.80 -12.30 21.76
C GLU B 342 -16.16 -13.56 22.33
N VAL B 343 -15.33 -14.25 21.55
CA VAL B 343 -14.66 -15.45 22.03
C VAL B 343 -13.62 -15.13 23.11
N VAL B 344 -12.98 -13.97 23.01
CA VAL B 344 -11.94 -13.58 23.99
C VAL B 344 -12.59 -13.12 25.29
N GLN B 345 -13.65 -12.35 25.17
CA GLN B 345 -14.40 -11.85 26.31
C GLN B 345 -14.92 -12.98 27.18
N TYR B 346 -15.57 -13.96 26.55
CA TYR B 346 -16.10 -15.15 27.23
C TYR B 346 -15.02 -15.96 27.95
N MET B 347 -13.84 -16.03 27.37
CA MET B 347 -12.73 -16.71 28.01
C MET B 347 -12.22 -15.93 29.22
N ALA B 348 -12.06 -14.62 29.07
CA ALA B 348 -11.66 -13.76 30.19
C ALA B 348 -12.66 -13.88 31.34
N ARG B 349 -13.94 -13.94 31.00
CA ARG B 349 -15.02 -14.02 31.98
C ARG B 349 -15.06 -15.39 32.67
N ILE B 350 -14.90 -16.47 31.90
CA ILE B 350 -14.82 -17.82 32.48
C ILE B 350 -13.58 -17.98 33.37
N CYS B 351 -12.50 -17.31 33.00
CA CYS B 351 -11.28 -17.30 33.79
C CYS B 351 -11.50 -16.63 35.12
N LEU B 352 -12.10 -15.44 35.12
CA LEU B 352 -12.40 -14.77 36.37
C LEU B 352 -13.20 -15.67 37.28
N GLU B 353 -14.29 -16.22 36.76
CA GLU B 353 -15.22 -17.04 37.56
C GLU B 353 -14.55 -18.24 38.20
N ALA B 354 -13.75 -18.95 37.43
CA ALA B 354 -13.01 -20.11 37.91
C ALA B 354 -12.04 -19.67 39.00
N GLN B 355 -11.33 -18.57 38.74
CA GLN B 355 -10.30 -18.03 39.62
C GLN B 355 -10.87 -17.51 40.95
N SER B 356 -12.06 -16.94 40.90
CA SER B 356 -12.73 -16.44 42.10
C SER B 356 -13.24 -17.59 42.98
N ALA B 357 -13.76 -18.63 42.35
CA ALA B 357 -14.25 -19.82 43.05
C ALA B 357 -13.14 -20.83 43.34
N LEU B 358 -11.91 -20.34 43.38
CA LEU B 358 -10.74 -21.17 43.69
C LEU B 358 -10.13 -20.73 45.01
N ASN B 359 -9.51 -21.69 45.71
CA ASN B 359 -8.75 -21.38 46.92
C ASN B 359 -7.26 -21.41 46.65
N GLU B 360 -6.68 -20.24 46.40
CA GLU B 360 -5.26 -20.11 46.04
C GLU B 360 -4.35 -20.53 47.19
N TYR B 361 -4.83 -20.34 48.41
CA TYR B 361 -4.10 -20.69 49.62
C TYR B 361 -3.67 -22.17 49.63
N VAL B 362 -4.53 -23.04 49.10
CA VAL B 362 -4.21 -24.47 48.98
C VAL B 362 -3.07 -24.68 48.00
N PHE B 363 -3.18 -24.04 46.83
CA PHE B 363 -2.16 -24.10 45.78
C PHE B 363 -0.80 -23.69 46.32
N PHE B 364 -0.80 -22.66 47.17
CA PHE B 364 0.40 -22.13 47.79
C PHE B 364 1.11 -23.15 48.69
N ASN B 365 0.35 -23.75 49.61
CA ASN B 365 0.89 -24.80 50.48
C ASN B 365 1.31 -26.06 49.74
N SER B 366 0.51 -26.49 48.77
CA SER B 366 0.82 -27.70 48.03
C SER B 366 2.14 -27.57 47.30
N ILE B 367 2.33 -26.44 46.64
CA ILE B 367 3.56 -26.15 45.88
C ILE B 367 4.78 -26.05 46.80
N LYS B 368 4.64 -25.29 47.88
CA LYS B 368 5.68 -25.17 48.91
C LYS B 368 6.14 -26.52 49.48
N LYS B 369 5.18 -27.41 49.76
CA LYS B 369 5.48 -28.76 50.27
C LYS B 369 6.41 -29.50 49.33
N LEU B 370 6.18 -29.36 48.03
CA LEU B 370 6.92 -30.12 47.02
C LEU B 370 8.21 -29.42 46.56
N GLN B 371 8.77 -28.58 47.42
CA GLN B 371 10.05 -27.93 47.14
C GLN B 371 11.15 -28.60 47.92
N HIS B 372 12.30 -28.83 47.27
CA HIS B 372 13.43 -29.44 47.97
C HIS B 372 14.05 -28.49 48.99
N ILE B 373 13.92 -28.86 50.25
CA ILE B 373 14.60 -28.20 51.36
C ILE B 373 16.02 -28.78 51.41
N PRO B 374 17.05 -27.91 51.41
CA PRO B 374 17.03 -26.45 51.57
C PRO B 374 16.81 -25.70 50.28
N MET B 375 15.90 -24.74 50.32
CA MET B 375 15.65 -23.84 49.19
C MET B 375 16.85 -22.93 48.98
N SER B 376 16.89 -22.30 47.82
CA SER B 376 17.89 -21.28 47.56
C SER B 376 17.55 -20.04 48.38
N ALA B 377 18.55 -19.18 48.56
CA ALA B 377 18.38 -17.93 49.28
C ALA B 377 17.15 -17.17 48.81
N ASP B 378 17.12 -16.85 47.52
CA ASP B 378 16.07 -15.99 46.95
C ASP B 378 14.70 -16.66 46.81
N GLU B 379 14.66 -17.98 46.65
CA GLU B 379 13.39 -18.69 46.51
C GLU B 379 12.62 -18.71 47.83
N ALA B 380 13.34 -18.91 48.93
CA ALA B 380 12.75 -18.83 50.26
C ALA B 380 12.14 -17.46 50.48
N VAL B 381 12.86 -16.41 50.08
CA VAL B 381 12.38 -15.03 50.23
C VAL B 381 11.01 -14.82 49.59
N CYS B 382 10.85 -15.31 48.35
CA CYS B 382 9.57 -15.22 47.63
C CYS B 382 8.49 -16.05 48.30
N SER B 383 8.82 -17.29 48.60
CA SER B 383 7.97 -18.18 49.38
C SER B 383 7.42 -17.44 50.58
N SER B 384 8.29 -17.15 51.55
CA SER B 384 7.90 -16.48 52.78
C SER B 384 7.17 -15.16 52.56
N ALA B 385 7.60 -14.37 51.57
CA ALA B 385 6.95 -13.09 51.26
C ALA B 385 5.53 -13.26 50.74
N VAL B 386 5.22 -14.44 50.18
CA VAL B 386 3.84 -14.79 49.80
C VAL B 386 3.08 -15.33 51.01
N ASN B 387 3.78 -16.09 51.86
CA ASN B 387 3.24 -16.48 53.14
C ASN B 387 2.83 -15.25 53.92
N SER B 388 3.59 -14.16 53.78
CA SER B 388 3.29 -12.87 54.40
C SER B 388 1.99 -12.29 53.89
N VAL B 389 1.77 -12.41 52.59
CA VAL B 389 0.57 -11.87 51.93
C VAL B 389 -0.69 -12.50 52.50
N TYR B 390 -0.66 -13.81 52.68
CA TYR B 390 -1.82 -14.55 53.19
C TYR B 390 -2.21 -14.22 54.63
N GLU B 391 -1.20 -14.05 55.49
CA GLU B 391 -1.42 -13.73 56.90
C GLU B 391 -1.85 -12.27 57.11
N THR B 392 -1.45 -11.40 56.19
CA THR B 392 -1.71 -9.97 56.32
C THR B 392 -2.88 -9.47 55.47
N LYS B 393 -3.45 -10.36 54.66
CA LYS B 393 -4.49 -10.02 53.67
C LYS B 393 -4.10 -8.82 52.79
N ALA B 394 -2.83 -8.76 52.41
CA ALA B 394 -2.30 -7.73 51.53
C ALA B 394 -3.02 -7.77 50.20
N LYS B 395 -3.41 -6.60 49.70
CA LYS B 395 -4.21 -6.52 48.47
C LYS B 395 -3.38 -6.37 47.18
N ALA B 396 -2.05 -6.25 47.33
CA ALA B 396 -1.13 -6.18 46.19
C ALA B 396 0.30 -6.50 46.58
N MET B 397 1.13 -6.81 45.58
CA MET B 397 2.54 -7.14 45.79
C MET B 397 3.39 -6.42 44.75
N VAL B 398 4.58 -5.99 45.17
CA VAL B 398 5.50 -5.29 44.27
C VAL B 398 6.85 -6.01 44.22
N VAL B 399 7.26 -6.41 43.02
CA VAL B 399 8.57 -7.07 42.81
C VAL B 399 9.42 -6.33 41.79
N LEU B 400 10.71 -6.19 42.10
CA LEU B 400 11.67 -5.58 41.18
C LEU B 400 12.52 -6.67 40.55
N SER B 401 12.19 -7.00 39.30
CA SER B 401 12.98 -7.94 38.51
C SER B 401 13.22 -7.36 37.12
N ASN B 402 14.49 -7.25 36.75
CA ASN B 402 14.84 -6.78 35.42
C ASN B 402 14.78 -7.90 34.40
N THR B 403 15.43 -9.02 34.71
CA THR B 403 15.40 -10.21 33.85
C THR B 403 14.01 -10.85 33.79
N GLY B 404 13.30 -10.83 34.90
CA GLY B 404 11.96 -11.41 34.97
C GLY B 404 11.86 -12.61 35.89
N ARG B 405 13.01 -13.20 36.23
CA ARG B 405 13.08 -14.39 37.08
C ARG B 405 12.33 -14.24 38.40
N SER B 406 12.67 -13.20 39.15
CA SER B 406 12.11 -12.96 40.49
C SER B 406 10.61 -12.86 40.42
N ALA B 407 10.10 -12.22 39.37
CA ALA B 407 8.67 -12.03 39.18
C ALA B 407 7.96 -13.38 39.07
N ARG B 408 8.46 -14.22 38.16
CA ARG B 408 7.93 -15.56 37.97
C ARG B 408 8.03 -16.36 39.25
N LEU B 409 9.22 -16.37 39.86
CA LEU B 409 9.47 -17.10 41.11
C LEU B 409 8.49 -16.74 42.22
N VAL B 410 7.96 -15.52 42.19
CA VAL B 410 6.90 -15.15 43.13
C VAL B 410 5.58 -15.75 42.68
N ALA B 411 5.21 -15.51 41.42
CA ALA B 411 3.97 -16.05 40.84
C ALA B 411 3.88 -17.56 40.99
N LYS B 412 5.04 -18.21 41.14
CA LYS B 412 5.13 -19.64 41.37
C LYS B 412 4.33 -20.08 42.60
N TYR B 413 4.30 -19.23 43.63
CA TYR B 413 3.70 -19.58 44.91
C TYR B 413 2.25 -19.10 45.09
N ARG B 414 1.65 -18.64 43.99
CA ARG B 414 0.21 -18.36 43.91
C ARG B 414 -0.37 -17.55 45.09
N PRO B 415 -0.07 -16.23 45.15
CA PRO B 415 -0.74 -15.35 46.11
C PRO B 415 -2.16 -14.99 45.68
N ASN B 416 -2.97 -14.49 46.61
CA ASN B 416 -4.37 -14.12 46.32
C ASN B 416 -4.58 -12.66 45.91
N CYS B 417 -3.48 -12.00 45.54
CA CYS B 417 -3.51 -10.61 45.10
C CYS B 417 -2.71 -10.44 43.79
N PRO B 418 -2.90 -9.31 43.09
CA PRO B 418 -2.09 -9.01 41.91
C PRO B 418 -0.62 -8.80 42.23
N ILE B 419 0.26 -9.28 41.34
CA ILE B 419 1.68 -9.06 41.46
C ILE B 419 2.11 -7.98 40.48
N VAL B 420 2.46 -6.81 41.01
CA VAL B 420 2.99 -5.73 40.20
C VAL B 420 4.50 -5.92 40.08
N CYS B 421 4.97 -6.05 38.84
CA CYS B 421 6.40 -6.23 38.58
C CYS B 421 7.00 -5.00 37.90
N VAL B 422 7.92 -4.36 38.61
CA VAL B 422 8.59 -3.17 38.10
C VAL B 422 9.91 -3.57 37.45
N THR B 423 10.02 -3.36 36.15
CA THR B 423 11.23 -3.67 35.39
C THR B 423 11.67 -2.54 34.48
N THR B 424 12.99 -2.40 34.33
CA THR B 424 13.57 -1.35 33.51
C THR B 424 13.59 -1.74 32.04
N ARG B 425 13.55 -3.04 31.77
CA ARG B 425 13.63 -3.55 30.40
C ARG B 425 12.24 -3.87 29.83
N LEU B 426 11.94 -3.25 28.68
CA LEU B 426 10.61 -3.31 28.09
C LEU B 426 10.21 -4.71 27.61
N GLN B 427 11.19 -5.48 27.17
CA GLN B 427 10.97 -6.87 26.71
C GLN B 427 10.40 -7.75 27.81
N THR B 428 10.92 -7.60 29.02
CA THR B 428 10.48 -8.38 30.17
C THR B 428 9.00 -8.22 30.43
N CYS B 429 8.45 -7.06 30.09
CA CYS B 429 7.02 -6.80 30.26
C CYS B 429 6.16 -7.67 29.36
N ARG B 430 6.60 -7.83 28.11
CA ARG B 430 5.91 -8.68 27.15
C ARG B 430 6.09 -10.13 27.54
N GLN B 431 7.32 -10.51 27.86
CA GLN B 431 7.66 -11.87 28.25
C GLN B 431 7.01 -12.34 29.54
N LEU B 432 6.48 -11.40 30.33
CA LEU B 432 5.75 -11.75 31.53
C LEU B 432 4.25 -11.91 31.26
N ASN B 433 3.84 -11.67 30.02
CA ASN B 433 2.44 -11.84 29.65
C ASN B 433 2.00 -13.30 29.52
N ILE B 434 2.86 -14.23 29.90
CA ILE B 434 2.50 -15.63 29.91
C ILE B 434 2.56 -16.31 31.28
N THR B 435 3.00 -15.56 32.28
CA THR B 435 2.98 -16.09 33.64
C THR B 435 1.81 -15.47 34.40
N GLN B 436 1.05 -16.33 35.08
CA GLN B 436 -0.24 -15.96 35.70
C GLN B 436 -0.15 -14.92 36.81
N GLY B 437 -1.18 -14.07 36.88
CA GLY B 437 -1.38 -13.13 37.99
C GLY B 437 -0.32 -12.08 38.19
N VAL B 438 0.26 -11.62 37.10
CA VAL B 438 1.31 -10.61 37.13
C VAL B 438 0.93 -9.46 36.19
N GLU B 439 1.20 -8.24 36.64
CA GLU B 439 1.17 -7.07 35.76
C GLU B 439 2.50 -6.32 35.80
N SER B 440 2.95 -5.89 34.63
CA SER B 440 4.30 -5.35 34.47
C SER B 440 4.26 -3.84 34.30
N VAL B 441 5.16 -3.14 34.98
CA VAL B 441 5.26 -1.70 34.82
C VAL B 441 6.67 -1.33 34.37
N PHE B 442 6.74 -0.68 33.21
CA PHE B 442 8.00 -0.27 32.61
C PHE B 442 8.54 0.99 33.26
N PHE B 443 9.70 0.84 33.89
CA PHE B 443 10.41 1.96 34.49
C PHE B 443 11.53 2.37 33.53
N ASP B 444 11.35 3.51 32.87
CA ASP B 444 12.28 3.98 31.83
C ASP B 444 13.64 4.33 32.45
N ALA B 445 14.63 3.49 32.15
CA ALA B 445 15.97 3.63 32.72
C ALA B 445 16.76 4.77 32.09
N ASP B 446 16.51 5.03 30.81
CA ASP B 446 17.29 5.98 30.02
C ASP B 446 16.80 7.42 30.13
N LYS B 447 15.77 7.66 30.92
CA LYS B 447 15.28 9.03 31.15
C LYS B 447 14.80 9.30 32.58
N LEU B 448 14.96 8.32 33.47
CA LEU B 448 14.60 8.50 34.88
C LEU B 448 15.74 8.11 35.83
N GLY B 449 16.89 7.73 35.27
CA GLY B 449 18.06 7.40 36.06
C GLY B 449 18.17 5.95 36.48
N HIS B 450 19.38 5.54 36.88
CA HIS B 450 19.65 4.18 37.33
C HIS B 450 18.82 3.78 38.54
N ASP B 451 18.78 4.65 39.55
CA ASP B 451 18.07 4.42 40.80
C ASP B 451 18.49 3.12 41.50
N GLU B 452 19.75 3.07 41.93
CA GLU B 452 20.28 1.92 42.66
C GLU B 452 19.83 1.92 44.13
N GLY B 453 19.00 2.89 44.49
CA GLY B 453 18.39 2.97 45.82
C GLY B 453 17.02 2.33 45.88
N LYS B 454 16.51 1.94 44.71
CA LYS B 454 15.22 1.23 44.54
C LYS B 454 13.99 2.08 44.92
N GLU B 455 14.23 3.26 45.48
CA GLU B 455 13.19 4.11 46.07
C GLU B 455 12.09 4.54 45.09
N HIS B 456 12.49 5.05 43.93
CA HIS B 456 11.56 5.61 42.95
C HIS B 456 10.75 4.53 42.22
N ARG B 457 11.39 3.38 42.00
CA ARG B 457 10.77 2.25 41.31
C ARG B 457 9.67 1.60 42.16
N VAL B 458 10.01 1.26 43.39
CA VAL B 458 9.07 0.65 44.34
C VAL B 458 7.82 1.50 44.47
N ALA B 459 8.01 2.81 44.60
CA ALA B 459 6.90 3.76 44.72
C ALA B 459 6.09 3.92 43.42
N ALA B 460 6.73 3.59 42.30
CA ALA B 460 6.07 3.60 40.99
C ALA B 460 5.09 2.43 40.88
N GLY B 461 5.54 1.26 41.31
CA GLY B 461 4.71 0.05 41.35
C GLY B 461 3.49 0.19 42.23
N VAL B 462 3.66 0.86 43.38
CA VAL B 462 2.57 1.12 44.30
C VAL B 462 1.57 2.12 43.70
N GLU B 463 2.06 3.02 42.87
CA GLU B 463 1.18 3.99 42.18
C GLU B 463 0.33 3.29 41.13
N PHE B 464 0.93 2.35 40.40
CA PHE B 464 0.19 1.50 39.47
C PHE B 464 -0.92 0.74 40.20
N ALA B 465 -0.59 0.17 41.35
CA ALA B 465 -1.56 -0.51 42.20
C ALA B 465 -2.69 0.43 42.61
N LYS B 466 -2.33 1.65 43.05
CA LYS B 466 -3.31 2.66 43.44
C LYS B 466 -4.21 3.08 42.28
N SER B 467 -3.64 3.16 41.08
CA SER B 467 -4.38 3.60 39.90
C SER B 467 -5.35 2.54 39.39
N LYS B 468 -4.92 1.27 39.41
CA LYS B 468 -5.77 0.15 38.98
C LYS B 468 -6.81 -0.24 40.04
N GLY B 469 -6.77 0.43 41.19
CA GLY B 469 -7.73 0.19 42.27
C GLY B 469 -7.56 -1.15 42.94
N TYR B 470 -6.33 -1.49 43.31
CA TYR B 470 -6.03 -2.72 44.04
C TYR B 470 -5.91 -2.39 45.52
N VAL B 471 -5.13 -1.35 45.81
CA VAL B 471 -4.95 -0.87 47.18
C VAL B 471 -5.50 0.54 47.36
N GLN B 472 -6.01 0.80 48.55
CA GLN B 472 -6.49 2.13 48.93
C GLN B 472 -5.47 2.78 49.86
N THR B 473 -5.89 3.81 50.60
CA THR B 473 -5.03 4.39 51.62
C THR B 473 -5.21 3.60 52.91
N GLY B 474 -4.15 2.88 53.30
CA GLY B 474 -4.16 2.08 54.52
C GLY B 474 -4.25 0.58 54.31
N ASP B 475 -4.02 0.12 53.08
CA ASP B 475 -3.96 -1.30 52.77
C ASP B 475 -2.52 -1.78 52.75
N TYR B 476 -2.33 -3.09 52.81
CA TYR B 476 -0.97 -3.65 52.86
C TYR B 476 -0.43 -4.03 51.49
N CYS B 477 0.83 -3.72 51.26
CA CYS B 477 1.52 -4.08 50.03
C CYS B 477 2.90 -4.66 50.36
N VAL B 478 3.22 -5.80 49.76
CA VAL B 478 4.48 -6.48 50.06
C VAL B 478 5.49 -6.26 48.93
N VAL B 479 6.71 -5.84 49.30
CA VAL B 479 7.72 -5.39 48.33
C VAL B 479 9.01 -6.18 48.42
N ILE B 480 9.43 -6.79 47.30
CA ILE B 480 10.64 -7.62 47.25
C ILE B 480 11.69 -7.03 46.30
N HIS B 481 12.97 -7.07 46.68
CA HIS B 481 14.09 -6.59 45.85
C HIS B 481 15.47 -6.97 46.42
N TYR B 489 19.87 -10.36 42.34
CA TYR B 489 18.62 -11.07 42.66
C TYR B 489 17.93 -10.47 43.90
N ALA B 490 16.68 -10.88 44.13
CA ALA B 490 15.88 -10.35 45.24
C ALA B 490 16.10 -11.11 46.55
N ASN B 491 16.65 -10.42 47.55
CA ASN B 491 16.99 -11.01 48.84
C ASN B 491 16.58 -10.17 50.05
N GLN B 492 15.66 -9.23 49.81
CA GLN B 492 15.11 -8.36 50.86
C GLN B 492 13.61 -8.15 50.64
N THR B 493 12.84 -8.28 51.70
CA THR B 493 11.38 -8.15 51.63
C THR B 493 10.84 -7.26 52.75
N ARG B 494 9.86 -6.42 52.40
CA ARG B 494 9.26 -5.46 53.33
C ARG B 494 7.76 -5.41 53.16
N ILE B 495 7.03 -5.26 54.26
CA ILE B 495 5.59 -5.04 54.22
C ILE B 495 5.30 -3.61 54.64
N LEU B 496 4.68 -2.82 53.76
CA LEU B 496 4.44 -1.40 54.03
C LEU B 496 2.98 -0.94 53.91
N LEU B 497 2.63 0.09 54.68
CA LEU B 497 1.34 0.75 54.58
C LEU B 497 1.38 1.75 53.42
N VAL B 498 0.23 1.98 52.79
CA VAL B 498 0.16 2.86 51.62
C VAL B 498 -0.58 4.17 51.87
N GLU B 499 -0.03 5.25 51.33
CA GLU B 499 -0.59 6.59 51.52
C GLU B 499 -1.51 6.99 50.37
N SER C 2 -34.02 22.06 -26.21
CA SER C 2 -33.89 21.49 -24.83
C SER C 2 -32.46 21.07 -24.52
N GLN C 3 -32.18 20.82 -23.24
CA GLN C 3 -30.87 20.38 -22.78
C GLN C 3 -30.50 19.02 -23.39
N LEU C 4 -31.49 18.14 -23.49
CA LEU C 4 -31.28 16.81 -24.01
C LEU C 4 -30.99 16.81 -25.52
N ALA C 5 -31.60 17.76 -26.23
CA ALA C 5 -31.34 17.93 -27.67
C ALA C 5 -29.94 18.45 -27.93
N HIS C 6 -29.49 19.39 -27.10
CA HIS C 6 -28.16 19.97 -27.22
C HIS C 6 -27.07 18.94 -26.91
N ASN C 7 -27.36 18.00 -26.03
CA ASN C 7 -26.43 16.93 -25.72
C ASN C 7 -26.11 16.03 -26.90
N LEU C 8 -27.07 15.88 -27.81
CA LEU C 8 -26.91 14.98 -28.95
C LEU C 8 -26.01 15.55 -30.04
N THR C 9 -25.83 16.88 -30.03
CA THR C 9 -25.03 17.61 -31.01
C THR C 9 -23.53 17.71 -30.63
N LEU C 10 -23.21 17.28 -29.41
CA LEU C 10 -21.83 17.31 -28.94
C LEU C 10 -21.00 16.16 -29.50
N SER C 11 -19.69 16.31 -29.37
CA SER C 11 -18.73 15.32 -29.82
C SER C 11 -17.44 15.55 -29.06
N ILE C 12 -16.74 14.46 -28.76
CA ILE C 12 -15.45 14.55 -28.04
C ILE C 12 -14.39 15.32 -28.84
N PHE C 13 -14.49 15.27 -30.17
CA PHE C 13 -13.49 15.89 -31.06
C PHE C 13 -13.68 17.40 -31.26
N ASP C 14 -14.81 17.92 -30.79
CA ASP C 14 -15.15 19.34 -30.90
C ASP C 14 -14.02 20.25 -30.41
N PRO C 15 -13.48 21.11 -31.30
CA PRO C 15 -12.37 21.98 -30.93
C PRO C 15 -12.75 22.96 -29.81
N VAL C 16 -11.82 23.17 -28.88
CA VAL C 16 -12.05 24.04 -27.73
C VAL C 16 -12.04 25.50 -28.13
N ALA C 17 -12.70 26.33 -27.32
CA ALA C 17 -12.70 27.77 -27.54
C ALA C 17 -11.28 28.32 -27.43
N ASN C 18 -11.05 29.49 -28.03
CA ASN C 18 -9.72 30.13 -28.00
C ASN C 18 -9.43 30.96 -26.74
N TYR C 19 -10.34 30.92 -25.77
CA TYR C 19 -10.19 31.62 -24.49
C TYR C 19 -10.92 30.91 -23.36
N ARG C 20 -10.37 31.02 -22.15
CA ARG C 20 -11.02 30.49 -20.94
C ARG C 20 -11.86 31.57 -20.26
N ALA C 21 -13.03 31.18 -19.76
CA ALA C 21 -13.93 32.13 -19.12
C ALA C 21 -13.89 32.04 -17.61
N ALA C 22 -14.06 30.82 -17.09
CA ALA C 22 -14.02 30.58 -15.65
C ALA C 22 -12.67 31.01 -15.05
N ARG C 23 -12.72 31.60 -13.86
CA ARG C 23 -11.53 32.12 -13.20
C ARG C 23 -11.06 31.23 -12.06
N ILE C 24 -9.80 30.81 -12.11
CA ILE C 24 -9.21 29.96 -11.05
C ILE C 24 -8.68 30.79 -9.87
N ILE C 25 -8.90 30.31 -8.65
CA ILE C 25 -8.37 30.92 -7.44
C ILE C 25 -7.58 29.86 -6.66
N CYS C 26 -6.32 30.17 -6.33
CA CYS C 26 -5.48 29.27 -5.53
C CYS C 26 -5.17 29.78 -4.13
N THR C 27 -4.95 28.84 -3.22
CA THR C 27 -4.60 29.13 -1.84
C THR C 27 -3.09 28.99 -1.65
N ILE C 28 -2.45 30.07 -1.22
CA ILE C 28 -1.01 30.09 -1.06
C ILE C 28 -0.61 29.43 0.26
N GLY C 29 0.26 28.43 0.17
CA GLY C 29 0.80 27.76 1.34
C GLY C 29 2.27 27.41 1.19
N PRO C 30 2.82 26.61 2.13
CA PRO C 30 4.21 26.15 2.10
C PRO C 30 4.67 25.65 0.73
N SER C 31 3.76 25.05 -0.04
CA SER C 31 4.07 24.52 -1.36
C SER C 31 4.20 25.59 -2.43
N THR C 32 3.69 26.79 -2.14
CA THR C 32 3.51 27.81 -3.17
C THR C 32 3.82 29.26 -2.77
N GLN C 33 4.54 29.48 -1.67
CA GLN C 33 4.79 30.85 -1.23
C GLN C 33 5.97 31.54 -1.93
N SER C 34 6.96 30.76 -2.35
CA SER C 34 8.10 31.28 -3.10
C SER C 34 7.67 31.91 -4.42
N VAL C 35 8.40 32.94 -4.87
CA VAL C 35 8.13 33.59 -6.15
C VAL C 35 8.29 32.64 -7.33
N GLU C 36 9.26 31.73 -7.24
CA GLU C 36 9.53 30.77 -8.30
C GLU C 36 8.39 29.76 -8.47
N ALA C 37 7.59 29.57 -7.42
CA ALA C 37 6.39 28.74 -7.50
C ALA C 37 5.15 29.57 -7.88
N LEU C 38 5.09 30.79 -7.36
CA LEU C 38 4.00 31.72 -7.66
C LEU C 38 3.94 32.07 -9.13
N LYS C 39 5.11 32.23 -9.75
CA LYS C 39 5.20 32.39 -11.21
C LYS C 39 4.56 31.19 -11.89
N GLY C 40 4.93 29.99 -11.40
CA GLY C 40 4.39 28.74 -11.91
C GLY C 40 2.88 28.73 -11.92
N LEU C 41 2.27 29.15 -10.81
CA LEU C 41 0.82 29.17 -10.70
C LEU C 41 0.15 30.15 -11.68
N ILE C 42 0.80 31.31 -11.88
CA ILE C 42 0.30 32.33 -12.80
C ILE C 42 0.24 31.82 -14.25
N GLN C 43 1.34 31.19 -14.69
CA GLN C 43 1.43 30.60 -16.03
C GLN C 43 0.56 29.34 -16.17
N SER C 44 0.31 28.66 -15.06
CA SER C 44 -0.53 27.46 -15.07
C SER C 44 -2.00 27.79 -15.19
N GLY C 45 -2.40 28.97 -14.70
CA GLY C 45 -3.76 29.48 -14.90
C GLY C 45 -4.42 30.19 -13.72
N MET C 46 -3.70 30.35 -12.62
CA MET C 46 -4.23 31.04 -11.43
C MET C 46 -4.54 32.50 -11.71
N SER C 47 -5.71 32.94 -11.29
CA SER C 47 -6.13 34.31 -11.49
C SER C 47 -6.04 35.09 -10.19
N VAL C 48 -6.43 34.45 -9.08
CA VAL C 48 -6.43 35.07 -7.76
C VAL C 48 -5.66 34.25 -6.73
N ALA C 49 -4.95 34.96 -5.85
CA ALA C 49 -4.27 34.32 -4.73
C ALA C 49 -5.06 34.58 -3.47
N ARG C 50 -5.41 33.49 -2.80
CA ARG C 50 -6.17 33.52 -1.57
C ARG C 50 -5.18 33.32 -0.43
N MET C 51 -5.29 34.16 0.59
CA MET C 51 -4.59 33.94 1.86
C MET C 51 -5.60 33.52 2.90
N ASN C 52 -5.36 32.35 3.51
CA ASN C 52 -6.21 31.88 4.59
C ASN C 52 -5.67 32.33 5.94
N PHE C 53 -6.36 33.30 6.52
CA PHE C 53 -5.91 33.90 7.77
C PHE C 53 -6.30 33.07 8.99
N SER C 54 -6.79 31.86 8.75
CA SER C 54 -7.02 30.88 9.80
C SER C 54 -5.70 30.20 10.16
N HIS C 55 -4.67 30.48 9.37
CA HIS C 55 -3.33 29.95 9.63
C HIS C 55 -2.27 31.00 9.34
N GLY C 56 -1.17 30.93 10.09
CA GLY C 56 -0.02 31.81 9.89
C GLY C 56 -0.21 33.20 10.47
N SER C 57 0.92 33.87 10.70
CA SER C 57 0.93 35.20 11.30
C SER C 57 0.80 36.28 10.26
N HIS C 58 0.58 37.51 10.72
CA HIS C 58 0.61 38.69 9.86
C HIS C 58 1.98 38.85 9.22
N GLU C 59 3.00 38.29 9.87
CA GLU C 59 4.35 38.28 9.32
C GLU C 59 4.45 37.32 8.14
N TYR C 60 3.70 36.23 8.20
CA TYR C 60 3.71 35.21 7.16
C TYR C 60 2.99 35.70 5.92
N HIS C 61 1.75 36.18 6.11
CA HIS C 61 0.92 36.63 5.00
C HIS C 61 1.52 37.85 4.29
N GLN C 62 2.33 38.61 5.01
CA GLN C 62 3.05 39.73 4.43
C GLN C 62 3.94 39.25 3.30
N THR C 63 4.72 38.21 3.57
CA THR C 63 5.62 37.62 2.56
C THR C 63 4.81 37.13 1.36
N THR C 64 3.67 36.48 1.63
CA THR C 64 2.75 36.04 0.57
C THR C 64 2.42 37.22 -0.34
N ILE C 65 1.93 38.30 0.28
CA ILE C 65 1.58 39.52 -0.46
C ILE C 65 2.76 40.07 -1.26
N ASN C 66 3.92 40.19 -0.59
CA ASN C 66 5.10 40.75 -1.22
C ASN C 66 5.64 39.92 -2.38
N ASN C 67 5.36 38.61 -2.33
CA ASN C 67 5.82 37.71 -3.38
C ASN C 67 4.81 37.47 -4.52
N VAL C 68 3.52 37.45 -4.19
CA VAL C 68 2.47 37.43 -5.20
C VAL C 68 2.63 38.63 -6.13
N ARG C 69 2.78 39.82 -5.53
CA ARG C 69 2.95 41.07 -6.28
C ARG C 69 4.24 41.09 -7.11
N GLN C 70 5.32 40.57 -6.55
CA GLN C 70 6.60 40.51 -7.25
C GLN C 70 6.51 39.60 -8.47
N ALA C 71 5.91 38.41 -8.30
CA ALA C 71 5.77 37.45 -9.41
C ALA C 71 4.84 37.96 -10.51
N ALA C 72 3.86 38.77 -10.14
CA ALA C 72 2.95 39.37 -11.09
C ALA C 72 3.67 40.39 -11.97
N ALA C 73 4.42 41.29 -11.34
CA ALA C 73 5.15 42.37 -12.03
C ALA C 73 6.21 41.82 -12.99
N GLU C 74 6.85 40.72 -12.60
CA GLU C 74 7.87 40.08 -13.42
C GLU C 74 7.30 39.39 -14.66
N LEU C 75 6.04 38.98 -14.59
CA LEU C 75 5.37 38.38 -15.75
C LEU C 75 4.48 39.37 -16.51
N GLY C 76 4.22 40.52 -15.89
CA GLY C 76 3.49 41.61 -16.54
C GLY C 76 1.98 41.46 -16.54
N VAL C 77 1.45 40.83 -15.50
CA VAL C 77 0.00 40.62 -15.37
C VAL C 77 -0.54 41.12 -14.02
N ASN C 78 -1.85 41.38 -13.96
CA ASN C 78 -2.51 41.74 -12.71
C ASN C 78 -3.10 40.50 -12.04
N ILE C 79 -2.57 40.17 -10.86
CA ILE C 79 -3.07 39.04 -10.09
C ILE C 79 -3.66 39.57 -8.79
N ALA C 80 -4.91 39.19 -8.50
CA ALA C 80 -5.61 39.68 -7.31
C ALA C 80 -5.22 38.91 -6.04
N ILE C 81 -5.33 39.61 -4.90
CA ILE C 81 -5.01 39.04 -3.59
C ILE C 81 -6.27 39.13 -2.75
N ALA C 82 -6.62 38.00 -2.14
CA ALA C 82 -7.81 37.95 -1.30
C ALA C 82 -7.47 37.52 0.11
N LEU C 83 -8.08 38.20 1.08
CA LEU C 83 -7.98 37.83 2.48
C LEU C 83 -9.20 37.00 2.85
N ASP C 84 -8.95 35.87 3.51
CA ASP C 84 -10.01 34.98 3.93
C ASP C 84 -10.06 34.97 5.46
N THR C 85 -11.11 35.59 6.02
CA THR C 85 -11.23 35.79 7.46
C THR C 85 -11.33 34.48 8.25
N LYS C 86 -11.04 34.55 9.55
CA LYS C 86 -11.19 33.37 10.41
C LYS C 86 -12.64 33.17 10.81
N GLY C 87 -13.18 34.11 11.58
CA GLY C 87 -14.58 34.09 11.97
C GLY C 87 -14.89 33.13 13.11
N PRO C 88 -16.18 32.77 13.25
CA PRO C 88 -16.68 31.79 14.21
C PRO C 88 -16.12 30.37 13.99
N GLU C 89 -14.81 30.28 13.88
CA GLU C 89 -14.13 29.03 13.56
C GLU C 89 -13.65 28.36 14.84
N ILE C 90 -14.32 27.27 15.23
CA ILE C 90 -13.95 26.53 16.43
C ILE C 90 -12.84 25.52 16.14
N ARG C 91 -11.88 25.43 17.06
CA ARG C 91 -10.69 24.59 16.91
C ARG C 91 -10.46 23.74 18.17
N THR C 92 -9.83 22.58 17.99
CA THR C 92 -9.36 21.77 19.11
C THR C 92 -7.96 22.24 19.50
N GLY C 93 -7.47 21.75 20.61
CA GLY C 93 -6.13 22.12 21.06
C GLY C 93 -5.06 21.33 20.35
N GLN C 94 -3.87 21.30 20.92
CA GLN C 94 -2.77 20.46 20.45
C GLN C 94 -2.73 19.16 21.25
N PHE C 95 -2.21 18.11 20.63
CA PHE C 95 -2.07 16.81 21.29
C PHE C 95 -0.63 16.46 21.54
N VAL C 96 -0.38 15.89 22.72
CA VAL C 96 0.95 15.39 23.08
C VAL C 96 1.39 14.31 22.09
N GLY C 97 2.48 14.59 21.38
CA GLY C 97 2.98 13.69 20.35
C GLY C 97 2.59 14.12 18.95
N GLY C 98 1.60 15.01 18.86
CA GLY C 98 1.15 15.57 17.58
C GLY C 98 -0.05 14.88 16.96
N ASP C 99 -0.65 13.94 17.70
CA ASP C 99 -1.83 13.22 17.26
C ASP C 99 -2.58 12.55 18.43
N ALA C 100 -3.81 12.11 18.16
CA ALA C 100 -4.57 11.31 19.11
C ALA C 100 -5.44 10.32 18.36
N VAL C 101 -5.26 9.03 18.69
CA VAL C 101 -5.95 7.95 17.99
C VAL C 101 -7.29 7.62 18.68
N MET C 102 -8.36 8.24 18.18
CA MET C 102 -9.70 8.07 18.74
C MET C 102 -10.29 6.72 18.33
N GLU C 103 -11.06 6.13 19.24
CA GLU C 103 -11.56 4.76 19.07
C GLU C 103 -13.07 4.65 19.09
N ARG C 104 -13.60 3.75 18.25
CA ARG C 104 -15.01 3.39 18.25
C ARG C 104 -15.39 2.77 19.60
N GLY C 105 -16.00 3.56 20.47
CA GLY C 105 -16.43 3.09 21.80
C GLY C 105 -15.70 3.72 22.97
N ALA C 106 -14.65 4.50 22.69
CA ALA C 106 -13.87 5.19 23.72
C ALA C 106 -14.65 6.36 24.34
N THR C 107 -14.19 6.82 25.51
CA THR C 107 -14.89 7.89 26.24
C THR C 107 -13.96 9.06 26.61
N CYS C 108 -13.74 9.94 25.63
CA CYS C 108 -12.87 11.12 25.80
C CYS C 108 -13.53 12.25 26.59
N TYR C 109 -12.74 13.25 26.96
CA TYR C 109 -13.22 14.38 27.77
C TYR C 109 -12.84 15.73 27.16
N VAL C 110 -13.80 16.37 26.51
CA VAL C 110 -13.57 17.70 25.94
C VAL C 110 -13.70 18.77 27.04
N THR C 111 -12.88 19.82 26.95
CA THR C 111 -12.87 20.87 27.97
C THR C 111 -12.69 22.28 27.40
N THR C 112 -13.11 23.26 28.18
CA THR C 112 -12.91 24.67 27.83
C THR C 112 -11.64 25.21 28.49
N ASP C 113 -11.17 24.52 29.54
CA ASP C 113 -10.02 24.94 30.35
C ASP C 113 -8.75 25.06 29.51
N PRO C 114 -8.28 26.30 29.26
CA PRO C 114 -7.12 26.55 28.40
C PRO C 114 -5.80 26.04 28.97
N ALA C 115 -5.85 25.36 30.11
CA ALA C 115 -4.65 24.74 30.68
C ALA C 115 -4.24 23.50 29.88
N PHE C 116 -5.23 22.66 29.54
CA PHE C 116 -5.02 21.44 28.77
C PHE C 116 -4.67 21.68 27.30
N ALA C 117 -4.75 22.95 26.88
CA ALA C 117 -4.53 23.32 25.48
C ALA C 117 -3.34 22.62 24.83
N ASP C 118 -2.16 22.84 25.39
N ASP C 118 -2.14 22.82 25.37
CA ASP C 118 -0.91 22.25 24.90
CA ASP C 118 -0.94 22.22 24.80
C ASP C 118 -0.85 20.73 25.09
C ASP C 118 -0.78 20.73 25.14
N LYS C 119 -1.58 20.23 26.08
CA LYS C 119 -1.50 18.81 26.52
C LYS C 119 -2.77 17.97 26.35
N GLY C 120 -3.32 17.98 25.14
CA GLY C 120 -4.47 17.13 24.82
C GLY C 120 -4.08 15.66 24.69
N THR C 121 -4.93 14.78 25.21
CA THR C 121 -4.70 13.34 25.12
C THR C 121 -5.86 12.64 24.42
N LYS C 122 -5.63 11.41 23.99
CA LYS C 122 -6.68 10.56 23.40
C LYS C 122 -7.82 10.35 24.39
N ASP C 123 -7.70 10.96 25.58
CA ASP C 123 -8.69 10.84 26.64
C ASP C 123 -9.26 12.18 27.12
N LYS C 124 -8.58 13.28 26.80
CA LYS C 124 -9.00 14.63 27.22
C LYS C 124 -8.26 15.74 26.48
N PHE C 125 -9.02 16.63 25.81
CA PHE C 125 -8.45 17.78 25.09
C PHE C 125 -9.26 19.07 25.21
N TYR C 126 -8.66 20.17 24.76
CA TYR C 126 -9.24 21.51 24.90
C TYR C 126 -9.89 22.01 23.61
N ILE C 127 -11.08 22.57 23.73
CA ILE C 127 -11.80 23.16 22.59
C ILE C 127 -12.01 24.65 22.86
N ASP C 128 -11.55 25.49 21.93
CA ASP C 128 -11.40 26.94 22.18
C ASP C 128 -12.69 27.76 22.26
N TYR C 129 -13.83 27.14 21.94
CA TYR C 129 -15.12 27.79 22.13
C TYR C 129 -15.48 27.77 23.62
N GLN C 130 -15.00 28.79 24.33
CA GLN C 130 -15.10 28.86 25.80
C GLN C 130 -16.50 28.60 26.33
N ASN C 131 -17.51 29.07 25.63
CA ASN C 131 -18.90 28.92 26.05
C ASN C 131 -19.51 27.56 25.66
N LEU C 132 -18.68 26.52 25.61
CA LEU C 132 -19.11 25.21 25.10
C LEU C 132 -20.23 24.56 25.92
N SER C 133 -20.05 24.51 27.24
CA SER C 133 -20.95 23.75 28.12
C SER C 133 -22.36 24.35 28.26
N LYS C 134 -22.50 25.63 27.97
CA LYS C 134 -23.80 26.29 28.01
C LYS C 134 -24.61 26.08 26.73
N VAL C 135 -23.91 25.82 25.62
CA VAL C 135 -24.55 25.61 24.31
C VAL C 135 -24.97 24.16 24.10
N VAL C 136 -23.99 23.25 24.13
CA VAL C 136 -24.25 21.83 23.91
C VAL C 136 -25.10 21.21 25.02
N ARG C 137 -25.74 20.09 24.70
CA ARG C 137 -26.64 19.42 25.63
C ARG C 137 -26.49 17.88 25.53
N PRO C 138 -27.04 17.14 26.52
CA PRO C 138 -27.13 15.67 26.47
C PRO C 138 -27.84 15.10 25.22
N GLY C 139 -27.04 14.58 24.28
CA GLY C 139 -27.57 13.96 23.07
C GLY C 139 -27.04 14.55 21.77
N ASN C 140 -26.24 15.61 21.89
CA ASN C 140 -25.73 16.36 20.73
C ASN C 140 -24.41 15.86 20.14
N TYR C 141 -24.17 16.21 18.88
CA TYR C 141 -22.99 15.74 18.15
C TYR C 141 -21.91 16.82 17.99
N ILE C 142 -20.67 16.43 18.29
CA ILE C 142 -19.50 17.27 18.05
C ILE C 142 -18.72 16.72 16.86
N TYR C 143 -18.53 17.55 15.84
CA TYR C 143 -17.82 17.16 14.62
C TYR C 143 -16.38 17.64 14.63
N ILE C 144 -15.47 16.75 14.24
CA ILE C 144 -14.05 17.05 14.24
C ILE C 144 -13.46 16.68 12.89
N ASP C 145 -12.61 17.57 12.35
CA ASP C 145 -11.75 17.26 11.19
C ASP C 145 -12.54 17.21 9.86
N ASP C 146 -13.21 18.31 9.53
CA ASP C 146 -14.11 18.37 8.38
C ASP C 146 -15.24 17.34 8.47
N GLY C 147 -15.77 17.18 9.67
CA GLY C 147 -16.90 16.29 9.94
C GLY C 147 -16.60 14.81 9.83
N ILE C 148 -15.37 14.41 10.13
CA ILE C 148 -14.93 13.02 10.03
C ILE C 148 -15.11 12.25 11.33
N LEU C 149 -14.68 12.86 12.44
CA LEU C 149 -14.88 12.28 13.75
C LEU C 149 -16.17 12.82 14.36
N ILE C 150 -16.95 11.95 14.98
CA ILE C 150 -18.22 12.36 15.58
C ILE C 150 -18.36 11.82 16.99
N LEU C 151 -18.78 12.68 17.91
CA LEU C 151 -18.87 12.31 19.32
C LEU C 151 -20.27 12.56 19.88
N GLN C 152 -20.72 11.66 20.75
CA GLN C 152 -21.96 11.82 21.48
C GLN C 152 -21.67 12.53 22.80
N VAL C 153 -22.32 13.69 23.02
CA VAL C 153 -22.16 14.44 24.27
C VAL C 153 -23.07 13.84 25.34
N GLN C 154 -22.45 13.20 26.33
CA GLN C 154 -23.21 12.50 27.37
C GLN C 154 -23.63 13.40 28.52
N SER C 155 -22.66 13.78 29.36
CA SER C 155 -22.95 14.64 30.50
C SER C 155 -21.88 15.72 30.65
N HIS C 156 -22.13 16.69 31.53
CA HIS C 156 -21.11 17.64 31.95
C HIS C 156 -20.34 17.01 33.12
N GLU C 157 -19.06 16.76 32.92
CA GLU C 157 -18.18 16.19 33.96
C GLU C 157 -17.99 17.23 35.06
N ASP C 158 -17.66 18.46 34.64
CA ASP C 158 -17.76 19.65 35.48
C ASP C 158 -18.24 20.84 34.63
N GLU C 159 -18.31 22.03 35.25
CA GLU C 159 -18.68 23.27 34.53
C GLU C 159 -17.89 23.44 33.22
N GLN C 160 -16.64 22.97 33.22
CA GLN C 160 -15.74 23.14 32.09
C GLN C 160 -15.62 21.92 31.16
N THR C 161 -15.97 20.74 31.66
CA THR C 161 -15.72 19.47 30.94
C THR C 161 -17.00 18.72 30.54
N LEU C 162 -16.91 17.90 29.49
CA LEU C 162 -17.98 17.01 29.07
C LEU C 162 -17.47 15.58 28.88
N GLU C 163 -18.16 14.62 29.48
CA GLU C 163 -17.93 13.20 29.20
C GLU C 163 -18.59 12.90 27.85
N CYS C 164 -17.80 12.39 26.91
CA CYS C 164 -18.29 12.15 25.55
C CYS C 164 -17.82 10.81 25.02
N THR C 165 -18.67 10.18 24.20
CA THR C 165 -18.35 8.88 23.60
C THR C 165 -17.99 9.05 22.13
N VAL C 166 -16.91 8.40 21.72
CA VAL C 166 -16.47 8.39 20.33
C VAL C 166 -17.23 7.31 19.57
N THR C 167 -17.95 7.71 18.52
CA THR C 167 -18.78 6.76 17.76
C THR C 167 -18.03 6.02 16.65
N ASN C 168 -16.79 6.41 16.39
CA ASN C 168 -15.96 5.77 15.37
C ASN C 168 -14.49 6.12 15.48
N SER C 169 -13.62 5.16 15.17
CA SER C 169 -12.18 5.34 15.24
C SER C 169 -11.65 6.30 14.16
N HIS C 170 -10.62 7.08 14.53
CA HIS C 170 -9.94 8.01 13.62
C HIS C 170 -8.83 8.77 14.35
N THR C 171 -7.75 9.07 13.62
CA THR C 171 -6.61 9.78 14.16
C THR C 171 -6.68 11.26 13.75
N ILE C 172 -6.50 12.16 14.71
CA ILE C 172 -6.57 13.62 14.45
C ILE C 172 -5.31 14.38 14.85
N SER C 173 -5.05 15.48 14.15
CA SER C 173 -3.87 16.33 14.39
C SER C 173 -4.16 17.48 15.36
N ASP C 174 -3.20 18.39 15.51
CA ASP C 174 -3.38 19.60 16.31
C ASP C 174 -4.31 20.58 15.60
N ARG C 175 -4.88 21.52 16.38
CA ARG C 175 -5.78 22.57 15.88
C ARG C 175 -6.65 22.16 14.69
N ARG C 176 -7.32 21.03 14.80
CA ARG C 176 -8.26 20.63 13.78
C ARG C 176 -9.60 21.27 14.07
N GLY C 177 -10.30 21.71 13.02
CA GLY C 177 -11.57 22.41 13.16
C GLY C 177 -12.69 21.54 13.73
N VAL C 178 -13.61 22.17 14.46
CA VAL C 178 -14.75 21.45 15.03
C VAL C 178 -16.07 22.14 14.69
N ASN C 179 -17.01 21.36 14.17
CA ASN C 179 -18.32 21.84 13.77
C ASN C 179 -19.41 21.40 14.75
N LEU C 180 -20.44 22.23 14.89
CA LEU C 180 -21.58 21.92 15.75
C LEU C 180 -22.87 22.43 15.09
N PRO C 181 -23.60 21.53 14.41
CA PRO C 181 -24.82 21.97 13.74
C PRO C 181 -26.02 21.90 14.68
N GLY C 182 -27.04 22.70 14.38
CA GLY C 182 -28.28 22.75 15.17
C GLY C 182 -28.07 23.06 16.65
N CYS C 183 -27.10 23.93 16.93
CA CYS C 183 -26.81 24.37 18.30
C CYS C 183 -26.81 25.89 18.38
N ASP C 184 -26.83 26.54 17.21
CA ASP C 184 -26.68 27.99 17.08
C ASP C 184 -25.56 28.52 17.98
N VAL C 185 -24.34 28.51 17.44
CA VAL C 185 -23.17 28.98 18.17
C VAL C 185 -23.30 30.46 18.53
N ASP C 186 -23.26 30.75 19.83
CA ASP C 186 -23.28 32.11 20.34
C ASP C 186 -21.90 32.76 20.13
N LEU C 187 -21.51 32.87 18.86
CA LEU C 187 -20.25 33.47 18.47
C LEU C 187 -20.48 34.75 17.69
N PRO C 188 -19.66 35.79 17.94
CA PRO C 188 -19.81 37.06 17.25
C PRO C 188 -19.67 36.91 15.75
N ALA C 189 -20.39 37.75 15.02
CA ALA C 189 -20.33 37.81 13.57
C ALA C 189 -18.88 37.98 13.09
N VAL C 190 -18.32 39.15 13.35
CA VAL C 190 -16.91 39.42 13.13
C VAL C 190 -16.23 39.50 14.51
N SER C 191 -15.41 38.49 14.79
CA SER C 191 -14.67 38.34 16.06
C SER C 191 -13.49 39.31 16.21
N ALA C 192 -12.98 39.43 17.43
CA ALA C 192 -11.87 40.33 17.73
C ALA C 192 -10.66 40.06 16.83
N LYS C 193 -10.30 38.79 16.70
CA LYS C 193 -9.18 38.36 15.85
C LYS C 193 -9.32 38.93 14.45
N ASP C 194 -10.57 39.05 13.98
CA ASP C 194 -10.86 39.47 12.60
C ASP C 194 -10.69 40.96 12.38
N ARG C 195 -11.17 41.77 13.32
CA ARG C 195 -10.98 43.22 13.23
C ARG C 195 -9.51 43.57 13.09
N VAL C 196 -8.67 42.79 13.77
CA VAL C 196 -7.22 42.88 13.63
C VAL C 196 -6.82 42.48 12.20
N ASP C 197 -7.31 41.32 11.76
CA ASP C 197 -6.99 40.76 10.45
C ASP C 197 -7.44 41.67 9.32
N LEU C 198 -8.65 42.20 9.43
CA LEU C 198 -9.23 43.04 8.39
C LEU C 198 -8.49 44.37 8.21
N GLN C 199 -8.16 45.03 9.32
N GLN C 199 -8.17 45.03 9.32
CA GLN C 199 -7.45 46.32 9.26
CA GLN C 199 -7.42 46.29 9.33
C GLN C 199 -6.05 46.16 8.66
C GLN C 199 -6.11 46.11 8.58
N PHE C 200 -5.46 44.97 8.82
CA PHE C 200 -4.20 44.63 8.17
C PHE C 200 -4.36 44.52 6.66
N GLY C 201 -5.54 44.06 6.24
CA GLY C 201 -5.86 43.94 4.83
C GLY C 201 -5.96 45.31 4.16
N VAL C 202 -6.63 46.23 4.82
CA VAL C 202 -6.79 47.60 4.31
C VAL C 202 -5.44 48.31 4.18
N GLU C 203 -4.57 48.13 5.18
CA GLU C 203 -3.26 48.76 5.19
C GLU C 203 -2.37 48.27 4.06
N GLN C 204 -2.30 46.95 3.87
CA GLN C 204 -1.50 46.36 2.80
C GLN C 204 -2.16 46.51 1.42
N GLY C 205 -3.48 46.61 1.42
CA GLY C 205 -4.24 46.89 0.20
C GLY C 205 -4.73 45.66 -0.53
N VAL C 206 -5.32 44.72 0.22
CA VAL C 206 -5.94 43.54 -0.36
C VAL C 206 -7.13 43.93 -1.25
N ASP C 207 -7.36 43.15 -2.30
CA ASP C 207 -8.35 43.49 -3.32
C ASP C 207 -9.76 43.09 -2.93
N MET C 208 -9.88 41.99 -2.19
CA MET C 208 -11.18 41.49 -1.72
C MET C 208 -11.09 40.70 -0.40
N ILE C 209 -12.20 40.70 0.33
CA ILE C 209 -12.34 39.95 1.57
C ILE C 209 -13.28 38.77 1.38
N PHE C 210 -12.80 37.57 1.63
CA PHE C 210 -13.67 36.39 1.70
C PHE C 210 -14.17 36.21 3.12
N ALA C 211 -15.32 36.81 3.43
CA ALA C 211 -15.82 36.80 4.80
C ALA C 211 -16.38 35.44 5.16
N SER C 212 -15.81 34.82 6.20
CA SER C 212 -16.19 33.46 6.61
C SER C 212 -17.47 33.43 7.42
N PHE C 213 -18.15 32.29 7.36
CA PHE C 213 -19.32 31.98 8.18
C PHE C 213 -20.37 33.09 8.32
N ILE C 214 -20.61 33.82 7.22
CA ILE C 214 -21.67 34.83 7.16
C ILE C 214 -23.03 34.17 7.33
N ARG C 215 -23.90 34.78 8.13
CA ARG C 215 -25.20 34.20 8.44
C ARG C 215 -26.37 35.17 8.25
N SER C 216 -26.07 36.46 8.23
CA SER C 216 -27.12 37.48 8.12
C SER C 216 -26.65 38.72 7.37
N ALA C 217 -27.61 39.54 6.95
CA ALA C 217 -27.33 40.78 6.24
C ALA C 217 -26.57 41.76 7.14
N GLU C 218 -27.11 41.96 8.35
CA GLU C 218 -26.51 42.82 9.38
C GLU C 218 -25.02 42.50 9.55
N GLN C 219 -24.71 41.20 9.50
CA GLN C 219 -23.36 40.69 9.69
C GLN C 219 -22.38 41.24 8.65
N VAL C 220 -22.85 41.39 7.41
CA VAL C 220 -21.98 41.88 6.33
C VAL C 220 -21.60 43.34 6.57
N GLY C 221 -22.57 44.11 7.04
CA GLY C 221 -22.34 45.52 7.39
C GLY C 221 -21.24 45.66 8.41
N ASP C 222 -21.29 44.81 9.45
CA ASP C 222 -20.28 44.77 10.51
C ASP C 222 -18.87 44.56 9.97
N VAL C 223 -18.77 43.88 8.83
CA VAL C 223 -17.48 43.69 8.16
C VAL C 223 -17.04 44.97 7.46
N ARG C 224 -17.90 45.54 6.62
CA ARG C 224 -17.55 46.76 5.88
C ARG C 224 -17.30 47.93 6.81
N LYS C 225 -18.09 47.99 7.88
CA LYS C 225 -17.94 49.03 8.89
C LYS C 225 -16.60 48.87 9.62
N ALA C 226 -16.19 47.61 9.82
CA ALA C 226 -14.91 47.31 10.47
C ALA C 226 -13.71 47.55 9.56
N LEU C 227 -13.96 47.50 8.24
CA LEU C 227 -12.92 47.79 7.24
C LEU C 227 -12.57 49.27 7.24
N GLY C 228 -13.51 50.09 7.73
CA GLY C 228 -13.31 51.53 7.83
C GLY C 228 -13.60 52.25 6.52
N PRO C 229 -13.44 53.58 6.53
CA PRO C 229 -13.63 54.38 5.32
C PRO C 229 -12.44 54.24 4.37
N LYS C 230 -11.30 53.80 4.91
CA LYS C 230 -10.09 53.60 4.12
C LYS C 230 -10.24 52.43 3.13
N GLY C 231 -11.05 51.44 3.50
CA GLY C 231 -11.29 50.28 2.66
C GLY C 231 -12.73 50.17 2.20
N ARG C 232 -13.25 51.24 1.60
CA ARG C 232 -14.59 51.23 1.03
C ARG C 232 -14.59 50.55 -0.34
N ASP C 233 -13.45 50.60 -1.02
CA ASP C 233 -13.31 50.09 -2.38
C ASP C 233 -13.13 48.57 -2.47
N ILE C 234 -12.76 47.96 -1.34
CA ILE C 234 -12.52 46.52 -1.26
C ILE C 234 -13.84 45.71 -1.29
N MET C 235 -13.84 44.65 -2.10
CA MET C 235 -15.01 43.77 -2.26
C MET C 235 -15.20 42.83 -1.08
N ILE C 236 -16.47 42.48 -0.81
CA ILE C 236 -16.81 41.59 0.30
C ILE C 236 -17.53 40.34 -0.20
N ILE C 237 -16.80 39.25 -0.34
CA ILE C 237 -17.39 38.00 -0.79
C ILE C 237 -17.80 37.18 0.42
N CYS C 238 -19.11 36.98 0.57
CA CYS C 238 -19.66 36.23 1.69
C CYS C 238 -19.58 34.72 1.48
N LYS C 239 -18.95 34.03 2.43
CA LYS C 239 -18.85 32.58 2.39
C LYS C 239 -20.06 31.99 3.09
N ILE C 240 -20.97 31.44 2.30
CA ILE C 240 -22.13 30.73 2.85
C ILE C 240 -21.72 29.31 3.24
N GLU C 241 -21.59 29.06 4.54
CA GLU C 241 -21.11 27.76 5.01
C GLU C 241 -21.78 27.28 6.30
N ASN C 242 -22.98 27.80 6.57
CA ASN C 242 -23.79 27.32 7.69
C ASN C 242 -25.27 27.34 7.39
N HIS C 243 -26.05 26.76 8.31
CA HIS C 243 -27.47 26.55 8.10
C HIS C 243 -28.27 27.79 7.72
N GLN C 244 -28.11 28.84 8.52
CA GLN C 244 -28.89 30.07 8.36
C GLN C 244 -28.41 30.93 7.18
N GLY C 245 -27.10 30.96 6.94
CA GLY C 245 -26.54 31.68 5.79
C GLY C 245 -27.20 31.33 4.47
N VAL C 246 -27.55 30.04 4.32
CA VAL C 246 -28.27 29.54 3.14
C VAL C 246 -29.69 30.06 3.13
N GLN C 247 -30.35 30.01 4.29
CA GLN C 247 -31.74 30.43 4.42
C GLN C 247 -31.90 31.93 4.19
N ASN C 248 -30.88 32.70 4.56
CA ASN C 248 -30.89 34.16 4.40
C ASN C 248 -30.11 34.65 3.18
N ILE C 249 -29.83 33.74 2.25
CA ILE C 249 -29.05 34.05 1.04
C ILE C 249 -29.49 35.34 0.32
N ASP C 250 -30.80 35.53 0.22
CA ASP C 250 -31.38 36.68 -0.49
C ASP C 250 -30.81 38.01 -0.03
N SER C 251 -30.98 38.30 1.25
CA SER C 251 -30.54 39.55 1.87
C SER C 251 -29.02 39.67 1.96
N ILE C 252 -28.33 38.53 2.07
CA ILE C 252 -26.88 38.51 2.11
C ILE C 252 -26.33 38.94 0.76
N ILE C 253 -26.90 38.40 -0.31
CA ILE C 253 -26.49 38.75 -1.65
C ILE C 253 -26.64 40.26 -1.86
N GLU C 254 -27.77 40.80 -1.44
CA GLU C 254 -28.07 42.23 -1.56
C GLU C 254 -26.97 43.13 -0.98
N GLU C 255 -26.46 42.74 0.18
CA GLU C 255 -25.42 43.51 0.87
C GLU C 255 -24.03 43.20 0.32
N SER C 256 -23.81 41.95 -0.05
CA SER C 256 -22.49 41.48 -0.46
C SER C 256 -22.13 41.88 -1.87
N ASP C 257 -20.85 41.73 -2.21
CA ASP C 257 -20.36 41.99 -3.54
C ASP C 257 -20.26 40.70 -4.32
N GLY C 258 -20.39 39.57 -3.63
CA GLY C 258 -20.38 38.25 -4.25
C GLY C 258 -20.51 37.13 -3.23
N ILE C 259 -20.67 35.89 -3.70
CA ILE C 259 -20.85 34.73 -2.83
C ILE C 259 -19.78 33.67 -3.05
N MET C 260 -19.35 33.01 -1.98
CA MET C 260 -18.62 31.75 -2.13
C MET C 260 -19.41 30.59 -1.51
N VAL C 261 -19.57 29.51 -2.26
CA VAL C 261 -20.12 28.30 -1.70
C VAL C 261 -18.96 27.55 -1.09
N ALA C 262 -18.66 27.86 0.16
CA ALA C 262 -17.62 27.15 0.88
C ALA C 262 -18.18 25.82 1.35
N ARG C 263 -17.94 24.77 0.56
CA ARG C 263 -18.60 23.47 0.75
C ARG C 263 -18.04 22.65 1.91
N GLY C 264 -16.77 22.88 2.25
CA GLY C 264 -16.14 22.21 3.38
C GLY C 264 -16.97 22.28 4.64
N ASP C 265 -17.18 23.49 5.14
CA ASP C 265 -17.94 23.67 6.37
C ASP C 265 -19.42 23.40 6.17
N LEU C 266 -19.91 23.69 4.96
CA LEU C 266 -21.34 23.51 4.63
C LEU C 266 -21.73 22.04 4.71
N GLY C 267 -20.87 21.19 4.13
CA GLY C 267 -21.08 19.74 4.09
C GLY C 267 -21.13 19.06 5.43
N VAL C 268 -20.86 19.82 6.49
CA VAL C 268 -20.99 19.33 7.84
C VAL C 268 -22.22 19.97 8.46
N GLU C 269 -22.37 21.27 8.28
CA GLU C 269 -23.45 22.06 8.87
C GLU C 269 -24.83 21.67 8.33
N ILE C 270 -24.90 21.25 7.07
CA ILE C 270 -26.12 20.69 6.50
C ILE C 270 -25.87 19.26 6.00
N PRO C 271 -26.94 18.45 5.86
CA PRO C 271 -26.82 17.07 5.34
C PRO C 271 -26.18 17.06 3.95
N ALA C 272 -25.04 16.38 3.85
CA ALA C 272 -24.13 16.43 2.68
C ALA C 272 -24.81 16.36 1.32
N GLU C 273 -25.86 15.55 1.21
CA GLU C 273 -26.59 15.43 -0.04
C GLU C 273 -27.26 16.76 -0.44
N LYS C 274 -27.65 17.55 0.56
CA LYS C 274 -28.31 18.84 0.33
C LYS C 274 -27.34 19.93 -0.13
N VAL C 275 -26.05 19.72 0.11
CA VAL C 275 -25.01 20.61 -0.38
C VAL C 275 -25.21 20.85 -1.88
N VAL C 276 -25.54 19.78 -2.61
CA VAL C 276 -25.77 19.85 -4.05
C VAL C 276 -26.90 20.81 -4.39
N VAL C 277 -27.97 20.79 -3.60
CA VAL C 277 -29.13 21.61 -3.88
C VAL C 277 -28.73 23.06 -3.61
N ALA C 278 -28.06 23.28 -2.48
CA ALA C 278 -27.56 24.60 -2.10
C ALA C 278 -26.69 25.21 -3.19
N GLN C 279 -25.70 24.47 -3.65
CA GLN C 279 -24.82 24.92 -4.73
C GLN C 279 -25.65 25.56 -5.82
N LYS C 280 -26.53 24.77 -6.43
CA LYS C 280 -27.40 25.24 -7.49
C LYS C 280 -28.06 26.57 -7.13
N ILE C 281 -28.69 26.61 -5.94
CA ILE C 281 -29.47 27.76 -5.51
C ILE C 281 -28.63 29.02 -5.43
N LEU C 282 -27.52 28.96 -4.70
CA LEU C 282 -26.65 30.12 -4.56
C LEU C 282 -26.20 30.59 -5.93
N ILE C 283 -25.46 29.73 -6.63
CA ILE C 283 -24.95 30.05 -7.96
C ILE C 283 -26.00 30.74 -8.83
N SER C 284 -27.11 30.07 -9.10
CA SER C 284 -28.15 30.66 -9.92
C SER C 284 -28.62 32.02 -9.39
N LYS C 285 -28.77 32.14 -8.07
CA LYS C 285 -29.25 33.38 -7.46
C LYS C 285 -28.27 34.54 -7.68
N CYS C 286 -26.98 34.21 -7.69
CA CYS C 286 -25.94 35.17 -8.05
C CYS C 286 -25.99 35.51 -9.52
N ASN C 287 -26.13 34.48 -10.37
CA ASN C 287 -26.25 34.70 -11.80
C ASN C 287 -27.35 35.70 -12.17
N VAL C 288 -28.47 35.65 -11.45
CA VAL C 288 -29.59 36.54 -11.70
C VAL C 288 -29.23 37.96 -11.26
N ALA C 289 -28.53 38.08 -10.14
CA ALA C 289 -28.16 39.40 -9.60
C ALA C 289 -27.00 40.04 -10.35
N GLY C 290 -26.09 39.20 -10.82
CA GLY C 290 -24.92 39.68 -11.54
C GLY C 290 -23.72 39.79 -10.63
N LYS C 291 -23.84 39.19 -9.46
CA LYS C 291 -22.77 39.20 -8.48
C LYS C 291 -21.97 37.89 -8.55
N PRO C 292 -20.64 37.97 -8.75
CA PRO C 292 -19.84 36.77 -8.99
C PRO C 292 -19.98 35.71 -7.89
N VAL C 293 -19.92 34.44 -8.30
CA VAL C 293 -20.07 33.32 -7.39
C VAL C 293 -18.85 32.40 -7.50
N ILE C 294 -18.32 31.96 -6.36
CA ILE C 294 -17.18 31.04 -6.36
C ILE C 294 -17.56 29.68 -5.78
N CYS C 295 -17.30 28.62 -6.56
CA CYS C 295 -17.41 27.25 -6.05
C CYS C 295 -16.05 26.74 -5.58
N ALA C 296 -16.02 26.07 -4.43
CA ALA C 296 -14.77 25.74 -3.75
C ALA C 296 -14.81 24.52 -2.83
N THR C 297 -13.62 24.03 -2.50
CA THR C 297 -13.36 22.96 -1.53
C THR C 297 -13.48 21.54 -2.10
N GLN C 298 -12.38 20.79 -1.99
CA GLN C 298 -12.32 19.37 -2.34
C GLN C 298 -12.70 19.04 -3.78
N MET C 299 -12.64 20.04 -4.65
CA MET C 299 -12.99 19.84 -6.04
C MET C 299 -11.97 18.97 -6.76
N LEU C 300 -10.71 19.07 -6.36
CA LEU C 300 -9.65 18.24 -6.94
C LEU C 300 -8.77 17.61 -5.85
N GLU C 301 -9.41 17.27 -4.72
CA GLU C 301 -8.71 16.84 -3.52
C GLU C 301 -7.58 15.86 -3.79
N SER C 302 -7.85 14.80 -4.54
CA SER C 302 -6.86 13.73 -4.73
C SER C 302 -5.56 14.19 -5.41
N MET C 303 -5.55 15.42 -5.94
CA MET C 303 -4.34 15.97 -6.55
C MET C 303 -3.40 16.66 -5.56
N THR C 304 -3.66 16.45 -4.28
CA THR C 304 -2.72 16.80 -3.22
C THR C 304 -1.72 15.64 -3.10
N TYR C 305 -2.10 14.47 -3.63
CA TYR C 305 -1.30 13.24 -3.53
C TYR C 305 -0.90 12.66 -4.89
N ASN C 306 -1.88 12.45 -5.77
CA ASN C 306 -1.64 11.91 -7.09
C ASN C 306 -1.51 13.02 -8.15
N PRO C 307 -0.89 12.72 -9.31
CA PRO C 307 -0.78 13.74 -10.35
C PRO C 307 -1.98 13.80 -11.29
N ARG C 308 -2.98 12.96 -11.04
CA ARG C 308 -4.21 12.87 -11.86
C ARG C 308 -5.48 12.72 -11.01
N PRO C 309 -6.49 13.56 -11.27
CA PRO C 309 -7.73 13.56 -10.49
C PRO C 309 -8.63 12.35 -10.78
N THR C 310 -9.56 12.04 -9.88
CA THR C 310 -10.54 10.97 -10.14
C THR C 310 -11.66 11.46 -11.07
N ARG C 311 -12.43 10.51 -11.62
CA ARG C 311 -13.51 10.80 -12.57
C ARG C 311 -14.64 11.59 -11.90
N ALA C 312 -14.73 11.46 -10.58
CA ALA C 312 -15.68 12.25 -9.80
C ALA C 312 -15.21 13.69 -9.76
N GLU C 313 -13.92 13.87 -9.45
CA GLU C 313 -13.33 15.18 -9.28
C GLU C 313 -13.38 15.98 -10.56
N VAL C 314 -13.06 15.34 -11.69
CA VAL C 314 -13.23 15.98 -12.98
C VAL C 314 -14.68 16.44 -13.10
N SER C 315 -15.60 15.48 -13.00
CA SER C 315 -17.04 15.74 -13.08
C SER C 315 -17.44 17.01 -12.33
N ASP C 316 -16.98 17.11 -11.08
CA ASP C 316 -17.27 18.25 -10.21
C ASP C 316 -16.86 19.57 -10.84
N VAL C 317 -15.58 19.71 -11.19
CA VAL C 317 -15.09 20.96 -11.79
C VAL C 317 -15.98 21.39 -12.96
N ALA C 318 -16.17 20.47 -13.92
CA ALA C 318 -16.97 20.75 -15.11
C ALA C 318 -18.40 21.09 -14.74
N ASN C 319 -19.07 20.19 -14.02
CA ASN C 319 -20.45 20.40 -13.61
C ASN C 319 -20.67 21.72 -12.87
N ALA C 320 -19.64 22.15 -12.13
CA ALA C 320 -19.66 23.46 -11.46
C ALA C 320 -19.74 24.60 -12.47
N VAL C 321 -18.92 24.52 -13.53
CA VAL C 321 -18.93 25.52 -14.60
C VAL C 321 -20.27 25.54 -15.35
N PHE C 322 -20.85 24.35 -15.53
CA PHE C 322 -22.20 24.19 -16.08
C PHE C 322 -23.27 24.84 -15.20
N ASN C 323 -23.12 24.69 -13.88
CA ASN C 323 -24.04 25.28 -12.90
C ASN C 323 -24.08 26.81 -12.97
N GLY C 324 -23.03 27.40 -13.52
CA GLY C 324 -22.96 28.84 -13.73
C GLY C 324 -21.95 29.55 -12.87
N ALA C 325 -21.09 28.79 -12.18
CA ALA C 325 -20.03 29.35 -11.35
C ALA C 325 -19.13 30.27 -12.17
N ASP C 326 -18.79 31.43 -11.60
CA ASP C 326 -17.82 32.34 -12.21
C ASP C 326 -16.42 31.85 -11.92
N CYS C 327 -16.21 31.40 -10.69
CA CYS C 327 -14.88 31.02 -10.22
C CYS C 327 -14.86 29.65 -9.57
N VAL C 328 -13.82 28.89 -9.89
CA VAL C 328 -13.53 27.64 -9.18
C VAL C 328 -12.26 27.84 -8.36
N MET C 329 -12.25 27.32 -7.14
CA MET C 329 -11.13 27.60 -6.23
C MET C 329 -10.45 26.36 -5.64
N LEU C 330 -9.11 26.39 -5.66
CA LEU C 330 -8.29 25.33 -5.08
C LEU C 330 -7.83 25.70 -3.67
N SER C 331 -8.08 24.79 -2.72
CA SER C 331 -7.71 25.02 -1.31
C SER C 331 -6.40 24.32 -0.97
N GLY C 332 -6.51 23.17 -0.31
CA GLY C 332 -5.34 22.37 0.09
C GLY C 332 -4.56 21.84 -1.08
N GLU C 333 -5.22 21.78 -2.25
CA GLU C 333 -4.65 21.25 -3.49
C GLU C 333 -3.37 21.96 -3.94
N THR C 334 -3.27 23.25 -3.64
CA THR C 334 -2.08 24.06 -3.95
C THR C 334 -1.30 24.45 -2.70
N ALA C 335 -2.03 24.67 -1.61
CA ALA C 335 -1.44 25.10 -0.35
C ALA C 335 -0.39 24.13 0.18
N LYS C 336 -0.71 22.84 0.17
CA LYS C 336 0.24 21.83 0.65
C LYS C 336 0.42 20.66 -0.32
N GLY C 337 -0.15 20.78 -1.52
CA GLY C 337 -0.10 19.71 -2.52
C GLY C 337 1.28 19.39 -3.05
N LYS C 338 1.45 18.19 -3.60
CA LYS C 338 2.70 17.81 -4.26
C LYS C 338 2.74 18.31 -5.69
N TYR C 339 1.56 18.48 -6.29
CA TYR C 339 1.46 18.91 -7.67
C TYR C 339 0.65 20.20 -7.77
N PRO C 340 1.30 21.34 -7.49
CA PRO C 340 0.56 22.59 -7.45
C PRO C 340 0.40 23.22 -8.84
N ASN C 341 1.30 22.89 -9.76
CA ASN C 341 1.18 23.38 -11.12
C ASN C 341 0.27 22.49 -11.95
N GLU C 342 0.41 21.18 -11.75
CA GLU C 342 -0.40 20.18 -12.45
C GLU C 342 -1.87 20.27 -12.06
N VAL C 343 -2.16 20.61 -10.80
CA VAL C 343 -3.54 20.73 -10.36
C VAL C 343 -4.24 21.95 -10.97
N VAL C 344 -3.49 23.02 -11.25
CA VAL C 344 -4.08 24.24 -11.83
C VAL C 344 -4.32 24.04 -13.32
N GLN C 345 -3.34 23.42 -13.99
CA GLN C 345 -3.43 23.13 -15.40
C GLN C 345 -4.66 22.27 -15.73
N TYR C 346 -4.84 21.19 -14.98
CA TYR C 346 -5.99 20.30 -15.13
C TYR C 346 -7.33 20.99 -14.93
N MET C 347 -7.37 21.94 -14.00
CA MET C 347 -8.58 22.70 -13.77
C MET C 347 -8.87 23.67 -14.92
N ALA C 348 -7.83 24.35 -15.39
CA ALA C 348 -7.95 25.24 -16.54
C ALA C 348 -8.45 24.48 -17.78
N ARG C 349 -7.92 23.27 -17.95
CA ARG C 349 -8.26 22.39 -19.07
C ARG C 349 -9.68 21.83 -18.99
N ILE C 350 -10.10 21.38 -17.79
CA ILE C 350 -11.49 20.94 -17.54
C ILE C 350 -12.49 22.10 -17.72
N CYS C 351 -12.06 23.31 -17.34
CA CYS C 351 -12.87 24.51 -17.52
C CYS C 351 -13.09 24.83 -19.00
N LEU C 352 -12.04 24.79 -19.79
CA LEU C 352 -12.18 24.99 -21.23
C LEU C 352 -13.18 24.00 -21.82
N GLU C 353 -12.96 22.71 -21.52
CA GLU C 353 -13.78 21.64 -22.07
C GLU C 353 -15.26 21.80 -21.75
N ALA C 354 -15.57 22.05 -20.48
CA ALA C 354 -16.94 22.29 -20.06
C ALA C 354 -17.53 23.50 -20.78
N GLN C 355 -16.74 24.57 -20.85
CA GLN C 355 -17.15 25.84 -21.44
C GLN C 355 -17.39 25.74 -22.95
N SER C 356 -16.60 24.92 -23.61
CA SER C 356 -16.74 24.73 -25.06
C SER C 356 -17.97 23.90 -25.39
N ALA C 357 -18.26 22.91 -24.54
CA ALA C 357 -19.43 22.04 -24.71
C ALA C 357 -20.67 22.61 -24.01
N LEU C 358 -20.69 23.93 -23.85
CA LEU C 358 -21.82 24.65 -23.29
C LEU C 358 -22.46 25.58 -24.33
N ASN C 359 -23.75 25.81 -24.20
CA ASN C 359 -24.46 26.77 -25.04
C ASN C 359 -24.74 28.04 -24.25
N GLU C 360 -23.87 29.03 -24.40
CA GLU C 360 -23.96 30.29 -23.67
C GLU C 360 -25.22 31.07 -24.04
N TYR C 361 -25.65 30.90 -25.28
CA TYR C 361 -26.84 31.56 -25.81
C TYR C 361 -28.07 31.28 -24.94
N VAL C 362 -28.18 30.06 -24.39
CA VAL C 362 -29.28 29.70 -23.49
C VAL C 362 -29.20 30.51 -22.20
N PHE C 363 -28.00 30.54 -21.62
CA PHE C 363 -27.70 31.26 -20.39
C PHE C 363 -28.09 32.73 -20.52
N PHE C 364 -27.85 33.28 -21.70
CA PHE C 364 -28.12 34.67 -22.02
C PHE C 364 -29.62 34.97 -21.96
N ASN C 365 -30.41 34.17 -22.67
CA ASN C 365 -31.87 34.31 -22.66
C ASN C 365 -32.52 34.03 -21.30
N SER C 366 -32.06 32.97 -20.62
CA SER C 366 -32.61 32.60 -19.31
C SER C 366 -32.46 33.74 -18.32
N ILE C 367 -31.25 34.32 -18.26
CA ILE C 367 -30.93 35.43 -17.38
C ILE C 367 -31.75 36.68 -17.72
N LYS C 368 -31.78 37.03 -19.00
CA LYS C 368 -32.57 38.15 -19.50
C LYS C 368 -34.06 38.03 -19.13
N LYS C 369 -34.62 36.83 -19.26
CA LYS C 369 -36.01 36.58 -18.88
C LYS C 369 -36.31 36.96 -17.44
N LEU C 370 -35.36 36.65 -16.55
CA LEU C 370 -35.55 36.84 -15.12
C LEU C 370 -35.12 38.22 -14.63
N GLN C 371 -35.14 39.20 -15.52
CA GLN C 371 -34.84 40.58 -15.15
C GLN C 371 -36.11 41.39 -15.05
N HIS C 372 -36.22 42.22 -14.01
CA HIS C 372 -37.41 43.06 -13.85
C HIS C 372 -37.48 44.17 -14.89
N ILE C 373 -38.49 44.06 -15.75
CA ILE C 373 -38.83 45.09 -16.72
C ILE C 373 -39.69 46.09 -15.96
N PRO C 374 -39.34 47.40 -16.00
CA PRO C 374 -38.32 48.04 -16.83
C PRO C 374 -36.92 47.98 -16.25
N MET C 375 -35.96 47.60 -17.08
CA MET C 375 -34.53 47.63 -16.73
C MET C 375 -34.09 49.08 -16.55
N SER C 376 -32.92 49.24 -15.93
CA SER C 376 -32.27 50.54 -15.89
C SER C 376 -31.75 50.88 -17.27
N ALA C 377 -31.46 52.17 -17.47
CA ALA C 377 -30.90 52.67 -18.73
C ALA C 377 -29.71 51.85 -19.18
N ASP C 378 -28.70 51.78 -18.31
CA ASP C 378 -27.42 51.16 -18.67
C ASP C 378 -27.45 49.63 -18.70
N GLU C 379 -28.34 49.00 -17.95
CA GLU C 379 -28.43 47.53 -17.96
C GLU C 379 -29.01 47.02 -19.29
N ALA C 380 -30.04 47.72 -19.79
CA ALA C 380 -30.61 47.41 -21.10
C ALA C 380 -29.52 47.48 -22.16
N VAL C 381 -28.70 48.53 -22.10
CA VAL C 381 -27.61 48.76 -23.07
C VAL C 381 -26.69 47.54 -23.16
N CYS C 382 -26.26 47.03 -22.01
CA CYS C 382 -25.41 45.83 -21.93
C CYS C 382 -26.14 44.60 -22.45
N SER C 383 -27.37 44.40 -21.95
CA SER C 383 -28.24 43.35 -22.44
C SER C 383 -28.25 43.35 -23.97
N SER C 384 -28.83 44.38 -24.56
CA SER C 384 -28.95 44.52 -26.01
C SER C 384 -27.61 44.40 -26.75
N ALA C 385 -26.56 45.01 -26.19
CA ALA C 385 -25.23 44.93 -26.79
C ALA C 385 -24.65 43.52 -26.80
N VAL C 386 -25.15 42.66 -25.91
CA VAL C 386 -24.78 41.23 -25.93
C VAL C 386 -25.68 40.49 -26.91
N ASN C 387 -26.95 40.90 -26.96
CA ASN C 387 -27.85 40.42 -27.98
C ASN C 387 -27.27 40.69 -29.37
N SER C 388 -26.61 41.84 -29.51
CA SER C 388 -25.90 42.21 -30.75
C SER C 388 -24.79 41.22 -31.09
N VAL C 389 -24.03 40.81 -30.08
CA VAL C 389 -22.90 39.90 -30.26
C VAL C 389 -23.36 38.57 -30.84
N TYR C 390 -24.50 38.07 -30.36
CA TYR C 390 -25.02 36.77 -30.81
C TYR C 390 -25.52 36.76 -32.24
N GLU C 391 -26.18 37.84 -32.65
CA GLU C 391 -26.70 37.99 -34.01
C GLU C 391 -25.61 38.27 -35.05
N THR C 392 -24.52 38.90 -34.61
CA THR C 392 -23.45 39.31 -35.51
C THR C 392 -22.23 38.38 -35.50
N LYS C 393 -22.26 37.36 -34.63
CA LYS C 393 -21.11 36.46 -34.39
C LYS C 393 -19.79 37.20 -34.13
N ALA C 394 -19.90 38.31 -33.39
CA ALA C 394 -18.75 39.11 -33.00
C ALA C 394 -17.78 38.26 -32.18
N LYS C 395 -16.49 38.37 -32.51
CA LYS C 395 -15.47 37.53 -31.86
C LYS C 395 -14.84 38.15 -30.62
N ALA C 396 -15.23 39.40 -30.30
CA ALA C 396 -14.76 40.10 -29.10
C ALA C 396 -15.64 41.28 -28.73
N MET C 397 -15.50 41.75 -27.50
CA MET C 397 -16.26 42.88 -27.00
C MET C 397 -15.35 43.83 -26.22
N VAL C 398 -15.60 45.12 -26.33
CA VAL C 398 -14.81 46.13 -25.61
C VAL C 398 -15.70 47.01 -24.74
N VAL C 399 -15.40 47.03 -23.43
CA VAL C 399 -16.15 47.87 -22.48
C VAL C 399 -15.22 48.82 -21.73
N LEU C 400 -15.68 50.06 -21.57
CA LEU C 400 -14.96 51.06 -20.77
C LEU C 400 -15.64 51.25 -19.42
N SER C 401 -15.04 50.65 -18.39
CA SER C 401 -15.49 50.81 -17.01
C SER C 401 -14.30 51.09 -16.13
N ASN C 402 -14.35 52.22 -15.42
CA ASN C 402 -13.29 52.55 -14.48
C ASN C 402 -13.51 51.86 -13.14
N THR C 403 -14.71 51.99 -12.59
CA THR C 403 -15.09 51.33 -11.34
C THR C 403 -15.12 49.80 -11.48
N GLY C 404 -15.59 49.32 -12.63
CA GLY C 404 -15.70 47.89 -12.90
C GLY C 404 -17.12 47.42 -13.08
N ARG C 405 -18.08 48.23 -12.63
CA ARG C 405 -19.52 47.87 -12.70
C ARG C 405 -19.97 47.46 -14.09
N SER C 406 -19.75 48.33 -15.08
CA SER C 406 -20.19 48.11 -16.45
C SER C 406 -19.64 46.79 -17.01
N ALA C 407 -18.40 46.50 -16.68
CA ALA C 407 -17.74 45.28 -17.13
C ALA C 407 -18.47 44.06 -16.64
N ARG C 408 -18.72 44.02 -15.33
CA ARG C 408 -19.46 42.92 -14.71
C ARG C 408 -20.88 42.82 -15.30
N LEU C 409 -21.57 43.96 -15.34
CA LEU C 409 -22.93 44.02 -15.88
C LEU C 409 -23.04 43.45 -17.29
N VAL C 410 -21.96 43.53 -18.06
CA VAL C 410 -21.93 42.88 -19.37
C VAL C 410 -21.74 41.37 -19.19
N ALA C 411 -20.70 40.98 -18.45
CA ALA C 411 -20.41 39.57 -18.18
C ALA C 411 -21.62 38.84 -17.61
N LYS C 412 -22.53 39.62 -17.03
CA LYS C 412 -23.78 39.10 -16.47
C LYS C 412 -24.61 38.36 -17.52
N TYR C 413 -24.56 38.86 -18.75
CA TYR C 413 -25.40 38.34 -19.81
C TYR C 413 -24.73 37.30 -20.71
N ARG C 414 -23.57 36.82 -20.25
CA ARG C 414 -22.92 35.63 -20.85
C ARG C 414 -22.83 35.63 -22.39
N PRO C 415 -21.99 36.50 -22.97
CA PRO C 415 -21.69 36.41 -24.40
C PRO C 415 -20.77 35.22 -24.75
N ASN C 416 -20.70 34.87 -26.04
CA ASN C 416 -19.88 33.76 -26.50
C ASN C 416 -18.48 34.17 -26.97
N CYS C 417 -18.08 35.39 -26.61
CA CYS C 417 -16.75 35.91 -26.95
C CYS C 417 -16.08 36.52 -25.71
N PRO C 418 -14.74 36.75 -25.76
CA PRO C 418 -14.04 37.42 -24.66
C PRO C 418 -14.46 38.87 -24.50
N ILE C 419 -14.55 39.31 -23.25
CA ILE C 419 -14.86 40.69 -22.91
C ILE C 419 -13.59 41.41 -22.51
N VAL C 420 -13.12 42.30 -23.38
CA VAL C 420 -11.99 43.14 -23.06
C VAL C 420 -12.49 44.39 -22.33
N CYS C 421 -11.99 44.60 -21.12
CA CYS C 421 -12.38 45.74 -20.32
C CYS C 421 -11.22 46.71 -20.18
N VAL C 422 -11.41 47.92 -20.70
CA VAL C 422 -10.40 48.97 -20.62
C VAL C 422 -10.70 49.91 -19.45
N THR C 423 -9.79 49.91 -18.47
CA THR C 423 -9.93 50.73 -17.27
C THR C 423 -8.65 51.49 -16.93
N THR C 424 -8.83 52.71 -16.43
CA THR C 424 -7.71 53.57 -16.06
C THR C 424 -7.12 53.19 -14.72
N ARG C 425 -7.94 52.56 -13.86
CA ARG C 425 -7.53 52.21 -12.49
C ARG C 425 -7.05 50.78 -12.40
N LEU C 426 -5.81 50.61 -11.92
CA LEU C 426 -5.13 49.32 -11.90
C LEU C 426 -5.77 48.28 -10.96
N GLN C 427 -6.37 48.75 -9.87
CA GLN C 427 -7.08 47.90 -8.92
C GLN C 427 -8.25 47.14 -9.56
N THR C 428 -9.01 47.84 -10.40
CA THR C 428 -10.16 47.28 -11.09
C THR C 428 -9.77 46.05 -11.92
N CYS C 429 -8.54 46.04 -12.42
CA CYS C 429 -8.03 44.92 -13.20
C CYS C 429 -7.91 43.64 -12.37
N ARG C 430 -7.43 43.79 -11.15
CA ARG C 430 -7.29 42.66 -10.23
C ARG C 430 -8.67 42.24 -9.78
N GLN C 431 -9.49 43.22 -9.39
CA GLN C 431 -10.85 42.97 -8.91
C GLN C 431 -11.79 42.36 -9.95
N LEU C 432 -11.40 42.39 -11.22
CA LEU C 432 -12.18 41.75 -12.27
C LEU C 432 -11.71 40.32 -12.52
N ASN C 433 -10.67 39.90 -11.81
CA ASN C 433 -10.17 38.54 -11.94
C ASN C 433 -11.07 37.50 -11.28
N ILE C 434 -12.24 37.90 -10.82
CA ILE C 434 -13.19 36.95 -10.26
C ILE C 434 -14.55 36.90 -11.00
N THR C 435 -14.72 37.78 -11.98
CA THR C 435 -15.92 37.70 -12.82
C THR C 435 -15.58 37.04 -14.16
N GLN C 436 -16.40 36.07 -14.55
CA GLN C 436 -16.12 35.16 -15.67
C GLN C 436 -15.99 35.85 -17.04
N GLY C 437 -15.09 35.31 -17.87
CA GLY C 437 -14.99 35.68 -19.29
C GLY C 437 -14.64 37.13 -19.57
N VAL C 438 -13.79 37.70 -18.71
CA VAL C 438 -13.35 39.09 -18.85
C VAL C 438 -11.82 39.16 -18.80
N GLU C 439 -11.27 39.99 -19.66
CA GLU C 439 -9.86 40.34 -19.56
C GLU C 439 -9.68 41.85 -19.49
N SER C 440 -8.79 42.29 -18.61
CA SER C 440 -8.66 43.70 -18.26
C SER C 440 -7.41 44.29 -18.87
N VAL C 441 -7.54 45.50 -19.42
CA VAL C 441 -6.38 46.21 -19.96
C VAL C 441 -6.24 47.58 -19.30
N PHE C 442 -5.09 47.77 -18.67
CA PHE C 442 -4.78 48.98 -17.92
C PHE C 442 -4.38 50.10 -18.86
N PHE C 443 -5.20 51.15 -18.85
CA PHE C 443 -4.90 52.35 -19.61
C PHE C 443 -4.35 53.39 -18.63
N ASP C 444 -3.04 53.64 -18.73
CA ASP C 444 -2.35 54.53 -17.81
C ASP C 444 -2.84 55.97 -17.98
N ALA C 445 -3.56 56.45 -16.97
CA ALA C 445 -4.17 57.79 -17.00
C ALA C 445 -3.17 58.91 -16.75
N ASP C 446 -2.14 58.62 -15.97
CA ASP C 446 -1.18 59.61 -15.53
C ASP C 446 -0.01 59.84 -16.49
N LYS C 447 -0.01 59.13 -17.62
CA LYS C 447 1.03 59.32 -18.65
C LYS C 447 0.52 59.22 -20.10
N LEU C 448 -0.79 59.06 -20.27
CA LEU C 448 -1.40 59.01 -21.60
C LEU C 448 -2.58 59.96 -21.75
N GLY C 449 -2.86 60.73 -20.70
CA GLY C 449 -3.91 61.75 -20.72
C GLY C 449 -5.28 61.27 -20.31
N HIS C 450 -6.17 62.21 -19.99
CA HIS C 450 -7.54 61.91 -19.59
C HIS C 450 -8.33 61.16 -20.66
N ASP C 451 -8.25 61.65 -21.90
CA ASP C 451 -8.98 61.09 -23.04
C ASP C 451 -10.48 60.98 -22.79
N GLU C 452 -11.14 62.13 -22.68
CA GLU C 452 -12.59 62.20 -22.49
C GLU C 452 -13.33 62.00 -23.81
N GLY C 453 -12.57 61.74 -24.87
CA GLY C 453 -13.13 61.42 -26.19
C GLY C 453 -13.26 59.92 -26.42
N LYS C 454 -12.71 59.14 -25.48
CA LYS C 454 -12.79 57.67 -25.48
C LYS C 454 -12.03 56.99 -26.64
N GLU C 455 -11.55 57.80 -27.58
CA GLU C 455 -10.96 57.32 -28.84
C GLU C 455 -9.74 56.40 -28.68
N HIS C 456 -8.78 56.83 -27.86
CA HIS C 456 -7.51 56.12 -27.69
C HIS C 456 -7.66 54.85 -26.89
N ARG C 457 -8.59 54.87 -25.93
CA ARG C 457 -8.86 53.73 -25.05
C ARG C 457 -9.53 52.59 -25.81
N VAL C 458 -10.64 52.90 -26.48
CA VAL C 458 -11.37 51.93 -27.28
C VAL C 458 -10.43 51.19 -28.23
N ALA C 459 -9.59 51.94 -28.92
CA ALA C 459 -8.66 51.39 -29.89
C ALA C 459 -7.54 50.59 -29.22
N ALA C 460 -7.30 50.86 -27.93
CA ALA C 460 -6.32 50.10 -27.15
C ALA C 460 -6.86 48.71 -26.83
N GLY C 461 -8.14 48.65 -26.46
CA GLY C 461 -8.83 47.39 -26.19
C GLY C 461 -8.88 46.49 -27.40
N VAL C 462 -9.12 47.09 -28.56
CA VAL C 462 -9.15 46.37 -29.83
C VAL C 462 -7.76 45.82 -30.21
N GLU C 463 -6.71 46.54 -29.81
CA GLU C 463 -5.33 46.10 -30.06
C GLU C 463 -5.02 44.87 -29.21
N PHE C 464 -5.44 44.90 -27.96
CA PHE C 464 -5.32 43.74 -27.07
C PHE C 464 -6.01 42.52 -27.69
N ALA C 465 -7.22 42.72 -28.18
CA ALA C 465 -7.97 41.67 -28.87
C ALA C 465 -7.18 41.15 -30.06
N LYS C 466 -6.63 42.07 -30.86
CA LYS C 466 -5.81 41.70 -32.04
C LYS C 466 -4.55 40.93 -31.67
N SER C 467 -3.93 41.30 -30.55
CA SER C 467 -2.69 40.67 -30.09
C SER C 467 -2.92 39.27 -29.51
N LYS C 468 -3.99 39.10 -28.73
CA LYS C 468 -4.35 37.79 -28.18
C LYS C 468 -5.00 36.84 -29.20
N GLY C 469 -5.19 37.32 -30.43
CA GLY C 469 -5.75 36.53 -31.52
C GLY C 469 -7.20 36.17 -31.30
N TYR C 470 -8.02 37.17 -30.99
CA TYR C 470 -9.48 36.98 -30.88
C TYR C 470 -10.14 37.43 -32.18
N VAL C 471 -9.74 38.61 -32.64
CA VAL C 471 -10.24 39.19 -33.88
C VAL C 471 -9.13 39.34 -34.92
N GLN C 472 -9.49 39.17 -36.18
CA GLN C 472 -8.56 39.39 -37.30
C GLN C 472 -8.94 40.69 -37.98
N THR C 473 -8.49 40.88 -39.22
CA THR C 473 -8.89 42.04 -40.01
C THR C 473 -10.22 41.71 -40.70
N GLY C 474 -11.28 42.38 -40.26
CA GLY C 474 -12.60 42.19 -40.85
C GLY C 474 -13.58 41.42 -39.99
N ASP C 475 -13.26 41.24 -38.71
CA ASP C 475 -14.17 40.63 -37.75
C ASP C 475 -14.93 41.71 -36.98
N TYR C 476 -16.01 41.32 -36.31
CA TYR C 476 -16.84 42.28 -35.58
C TYR C 476 -16.45 42.39 -34.11
N CYS C 477 -16.47 43.62 -33.62
CA CYS C 477 -16.20 43.91 -32.22
C CYS C 477 -17.20 44.94 -31.70
N VAL C 478 -17.81 44.65 -30.55
CA VAL C 478 -18.85 45.51 -30.00
C VAL C 478 -18.31 46.34 -28.85
N VAL C 479 -18.56 47.65 -28.90
CA VAL C 479 -17.93 48.61 -27.99
C VAL C 479 -18.94 49.42 -27.20
N ILE C 480 -18.83 49.37 -25.87
CA ILE C 480 -19.77 50.08 -24.96
C ILE C 480 -19.04 51.13 -24.13
N HIS C 481 -19.68 52.30 -23.93
CA HIS C 481 -19.14 53.39 -23.10
C HIS C 481 -20.16 54.53 -22.86
N TYR C 489 -21.52 56.37 -16.38
CA TYR C 489 -21.89 55.00 -16.73
C TYR C 489 -21.98 54.82 -18.25
N ALA C 490 -22.09 53.57 -18.69
CA ALA C 490 -22.11 53.23 -20.13
C ALA C 490 -23.53 53.28 -20.70
N ASN C 491 -23.74 54.19 -21.65
CA ASN C 491 -25.06 54.42 -22.25
C ASN C 491 -25.02 54.58 -23.78
N GLN C 492 -23.91 54.17 -24.38
CA GLN C 492 -23.73 54.21 -25.84
C GLN C 492 -23.02 52.94 -26.31
N THR C 493 -23.56 52.32 -27.37
CA THR C 493 -23.01 51.07 -27.90
C THR C 493 -22.83 51.14 -29.42
N ARG C 494 -21.71 50.60 -29.91
CA ARG C 494 -21.36 50.62 -31.33
C ARG C 494 -20.80 49.27 -31.77
N ILE C 495 -21.12 48.86 -33.00
CA ILE C 495 -20.53 47.66 -33.60
C ILE C 495 -19.63 48.11 -34.73
N LEU C 496 -18.35 47.75 -34.65
CA LEU C 496 -17.36 48.21 -35.64
C LEU C 496 -16.54 47.10 -36.29
N LEU C 497 -16.12 47.36 -37.54
CA LEU C 497 -15.19 46.49 -38.26
C LEU C 497 -13.77 46.81 -37.81
N VAL C 498 -12.89 45.80 -37.85
CA VAL C 498 -11.52 45.97 -37.37
C VAL C 498 -10.48 45.91 -38.49
N GLU C 499 -9.50 46.81 -38.40
CA GLU C 499 -8.44 46.93 -39.40
C GLU C 499 -7.19 46.14 -39.02
N SER D 2 65.94 -7.14 7.31
CA SER D 2 65.16 -6.09 6.58
C SER D 2 64.81 -6.52 5.15
N GLN D 3 63.90 -5.78 4.54
CA GLN D 3 63.46 -6.02 3.16
C GLN D 3 64.64 -5.91 2.18
N LEU D 4 65.51 -4.93 2.43
CA LEU D 4 66.64 -4.68 1.54
C LEU D 4 67.71 -5.76 1.65
N ALA D 5 67.87 -6.34 2.83
CA ALA D 5 68.80 -7.47 3.04
C ALA D 5 68.30 -8.74 2.36
N HIS D 6 67.00 -8.96 2.42
CA HIS D 6 66.37 -10.12 1.79
C HIS D 6 66.45 -10.05 0.27
N ASN D 7 66.42 -8.85 -0.28
CA ASN D 7 66.56 -8.66 -1.72
C ASN D 7 67.90 -9.10 -2.27
N LEU D 8 68.93 -9.03 -1.43
CA LEU D 8 70.29 -9.34 -1.87
C LEU D 8 70.53 -10.84 -1.96
N THR D 9 69.72 -11.64 -1.27
CA THR D 9 69.84 -13.12 -1.27
C THR D 9 69.08 -13.79 -2.41
N LEU D 10 68.32 -13.01 -3.16
CA LEU D 10 67.57 -13.55 -4.29
C LEU D 10 68.45 -13.79 -5.52
N SER D 11 67.91 -14.56 -6.45
CA SER D 11 68.58 -14.89 -7.68
C SER D 11 67.54 -15.30 -8.69
N ILE D 12 67.77 -14.97 -9.96
CA ILE D 12 66.84 -15.33 -11.03
C ILE D 12 66.69 -16.86 -11.21
N PHE D 13 67.76 -17.59 -10.89
CA PHE D 13 67.79 -19.06 -11.07
C PHE D 13 67.12 -19.85 -9.95
N ASP D 14 66.75 -19.18 -8.86
CA ASP D 14 66.08 -19.79 -7.70
C ASP D 14 64.87 -20.62 -8.11
N PRO D 15 64.88 -21.93 -7.78
CA PRO D 15 63.79 -22.82 -8.18
C PRO D 15 62.47 -22.42 -7.54
N VAL D 16 61.40 -22.49 -8.32
CA VAL D 16 60.07 -22.12 -7.87
C VAL D 16 59.50 -23.13 -6.89
N ALA D 17 58.57 -22.69 -6.05
CA ALA D 17 57.88 -23.56 -5.11
C ALA D 17 57.09 -24.63 -5.87
N ASN D 18 56.79 -25.75 -5.21
CA ASN D 18 56.05 -26.84 -5.82
C ASN D 18 54.51 -26.69 -5.80
N TYR D 19 54.04 -25.52 -5.35
CA TYR D 19 52.61 -25.20 -5.32
C TYR D 19 52.36 -23.70 -5.44
N ARG D 20 51.24 -23.33 -6.06
CA ARG D 20 50.80 -21.92 -6.12
C ARG D 20 49.86 -21.58 -4.96
N ALA D 21 50.02 -20.36 -4.41
CA ALA D 21 49.22 -19.93 -3.26
C ALA D 21 48.12 -18.99 -3.68
N ALA D 22 48.48 -17.96 -4.44
CA ALA D 22 47.52 -16.97 -4.92
C ALA D 22 46.45 -17.62 -5.79
N ARG D 23 45.21 -17.18 -5.65
CA ARG D 23 44.09 -17.75 -6.37
C ARG D 23 43.61 -16.85 -7.51
N ILE D 24 43.57 -17.40 -8.73
CA ILE D 24 43.11 -16.67 -9.92
C ILE D 24 41.58 -16.69 -10.05
N ILE D 25 41.01 -15.55 -10.44
CA ILE D 25 39.58 -15.43 -10.73
C ILE D 25 39.40 -14.89 -12.15
N CYS D 26 38.63 -15.58 -12.97
CA CYS D 26 38.34 -15.12 -14.34
C CYS D 26 36.89 -14.73 -14.56
N THR D 27 36.69 -13.80 -15.50
CA THR D 27 35.37 -13.31 -15.86
C THR D 27 34.91 -14.02 -17.13
N ILE D 28 33.76 -14.68 -17.05
CA ILE D 28 33.23 -15.44 -18.17
C ILE D 28 32.53 -14.53 -19.17
N GLY D 29 32.98 -14.58 -20.43
CA GLY D 29 32.34 -13.82 -21.50
C GLY D 29 32.27 -14.60 -22.80
N PRO D 30 31.88 -13.94 -23.90
CA PRO D 30 31.78 -14.56 -25.23
C PRO D 30 33.00 -15.40 -25.62
N SER D 31 34.18 -15.02 -25.13
CA SER D 31 35.41 -15.75 -25.43
C SER D 31 35.56 -17.04 -24.61
N THR D 32 34.77 -17.19 -23.56
CA THR D 32 34.99 -18.23 -22.56
C THR D 32 33.75 -18.95 -22.00
N GLN D 33 32.60 -18.80 -22.64
CA GLN D 33 31.38 -19.40 -22.07
C GLN D 33 31.20 -20.89 -22.39
N SER D 34 31.72 -21.31 -23.54
CA SER D 34 31.70 -22.72 -23.95
C SER D 34 32.42 -23.60 -22.93
N VAL D 35 31.95 -24.84 -22.76
CA VAL D 35 32.61 -25.82 -21.90
C VAL D 35 34.04 -26.14 -22.36
N GLU D 36 34.24 -26.18 -23.68
CA GLU D 36 35.53 -26.47 -24.28
C GLU D 36 36.57 -25.38 -23.96
N ALA D 37 36.10 -24.17 -23.68
CA ALA D 37 36.98 -23.08 -23.28
C ALA D 37 37.11 -23.02 -21.76
N LEU D 38 36.00 -23.31 -21.06
CA LEU D 38 35.97 -23.32 -19.60
C LEU D 38 36.90 -24.37 -19.01
N LYS D 39 36.99 -25.52 -19.67
CA LYS D 39 37.96 -26.55 -19.31
C LYS D 39 39.36 -25.98 -19.45
N GLY D 40 39.59 -25.28 -20.57
CA GLY D 40 40.85 -24.61 -20.81
C GLY D 40 41.28 -23.70 -19.67
N LEU D 41 40.36 -22.88 -19.18
CA LEU D 41 40.66 -21.96 -18.09
C LEU D 41 40.99 -22.70 -16.78
N ILE D 42 40.29 -23.81 -16.53
CA ILE D 42 40.53 -24.61 -15.32
C ILE D 42 41.95 -25.21 -15.29
N GLN D 43 42.35 -25.79 -16.41
CA GLN D 43 43.69 -26.35 -16.61
C GLN D 43 44.77 -25.27 -16.64
N SER D 44 44.40 -24.08 -17.11
CA SER D 44 45.37 -22.98 -17.19
C SER D 44 45.63 -22.33 -15.84
N GLY D 45 44.66 -22.43 -14.93
CA GLY D 45 44.86 -22.01 -13.55
C GLY D 45 43.73 -21.27 -12.85
N MET D 46 42.60 -21.11 -13.53
CA MET D 46 41.43 -20.43 -12.96
C MET D 46 40.87 -21.19 -11.77
N SER D 47 40.61 -20.45 -10.69
CA SER D 47 40.05 -21.03 -9.49
C SER D 47 38.58 -20.67 -9.34
N VAL D 48 38.23 -19.43 -9.70
CA VAL D 48 36.86 -18.93 -9.60
C VAL D 48 36.36 -18.35 -10.92
N ALA D 49 35.09 -18.60 -11.22
CA ALA D 49 34.42 -17.99 -12.36
C ALA D 49 33.52 -16.88 -11.85
N ARG D 50 33.75 -15.69 -12.39
CA ARG D 50 32.98 -14.52 -12.04
C ARG D 50 31.99 -14.27 -13.16
N MET D 51 30.73 -14.01 -12.79
CA MET D 51 29.72 -13.54 -13.74
C MET D 51 29.42 -12.09 -13.44
N ASN D 52 29.59 -11.24 -14.46
CA ASN D 52 29.28 -9.82 -14.32
C ASN D 52 27.86 -9.57 -14.73
N PHE D 53 27.01 -9.32 -13.74
CA PHE D 53 25.59 -9.12 -13.98
C PHE D 53 25.24 -7.71 -14.45
N SER D 54 26.28 -6.94 -14.77
CA SER D 54 26.13 -5.65 -15.42
C SER D 54 25.90 -5.86 -16.91
N HIS D 55 26.05 -7.10 -17.36
CA HIS D 55 25.85 -7.46 -18.76
C HIS D 55 25.16 -8.81 -18.86
N GLY D 56 24.32 -8.95 -19.90
CA GLY D 56 23.64 -10.21 -20.18
C GLY D 56 22.43 -10.48 -19.31
N SER D 57 21.55 -11.34 -19.81
CA SER D 57 20.31 -11.67 -19.12
C SER D 57 20.50 -12.81 -18.15
N HIS D 58 19.48 -13.04 -17.33
CA HIS D 58 19.44 -14.20 -16.43
C HIS D 58 19.47 -15.49 -17.25
N GLU D 59 19.04 -15.39 -18.50
CA GLU D 59 19.09 -16.51 -19.43
C GLU D 59 20.53 -16.82 -19.84
N TYR D 60 21.32 -15.76 -19.96
CA TYR D 60 22.72 -15.88 -20.37
C TYR D 60 23.56 -16.48 -19.25
N HIS D 61 23.46 -15.88 -18.06
CA HIS D 61 24.28 -16.32 -16.91
C HIS D 61 23.92 -17.73 -16.46
N GLN D 62 22.70 -18.15 -16.76
CA GLN D 62 22.29 -19.52 -16.49
C GLN D 62 23.19 -20.48 -17.23
N THR D 63 23.40 -20.23 -18.52
CA THR D 63 24.25 -21.10 -19.34
C THR D 63 25.68 -21.09 -18.80
N THR D 64 26.18 -19.92 -18.39
CA THR D 64 27.49 -19.80 -17.75
C THR D 64 27.57 -20.75 -16.56
N ILE D 65 26.59 -20.66 -15.66
CA ILE D 65 26.52 -21.53 -14.49
C ILE D 65 26.49 -23.01 -14.89
N ASN D 66 25.61 -23.35 -15.84
CA ASN D 66 25.44 -24.74 -16.26
C ASN D 66 26.67 -25.33 -16.93
N ASN D 67 27.47 -24.47 -17.54
CA ASN D 67 28.70 -24.90 -18.22
C ASN D 67 29.96 -24.89 -17.35
N VAL D 68 30.07 -23.91 -16.45
CA VAL D 68 31.14 -23.90 -15.45
C VAL D 68 31.08 -25.19 -14.63
N ARG D 69 29.88 -25.52 -14.14
CA ARG D 69 29.66 -26.73 -13.36
C ARG D 69 29.93 -28.01 -14.14
N GLN D 70 29.53 -28.03 -15.40
CA GLN D 70 29.77 -29.19 -16.26
C GLN D 70 31.26 -29.41 -16.50
N ALA D 71 31.99 -28.33 -16.80
CA ALA D 71 33.44 -28.40 -17.05
C ALA D 71 34.23 -28.82 -15.80
N ALA D 72 33.72 -28.43 -14.63
CA ALA D 72 34.33 -28.81 -13.35
C ALA D 72 34.20 -30.31 -13.10
N ALA D 73 32.99 -30.84 -13.24
CA ALA D 73 32.71 -32.25 -13.00
C ALA D 73 33.46 -33.18 -13.96
N GLU D 74 33.64 -32.73 -15.20
CA GLU D 74 34.37 -33.51 -16.20
C GLU D 74 35.88 -33.57 -15.92
N LEU D 75 36.40 -32.56 -15.22
CA LEU D 75 37.81 -32.54 -14.83
C LEU D 75 38.05 -32.99 -13.39
N GLY D 76 36.97 -33.09 -12.62
CA GLY D 76 37.01 -33.63 -11.25
C GLY D 76 37.51 -32.66 -10.20
N VAL D 77 37.22 -31.38 -10.39
CA VAL D 77 37.64 -30.32 -9.47
C VAL D 77 36.46 -29.45 -9.02
N ASN D 78 36.62 -28.77 -7.89
CA ASN D 78 35.64 -27.80 -7.41
C ASN D 78 36.01 -26.40 -7.87
N ILE D 79 35.17 -25.81 -8.71
CA ILE D 79 35.36 -24.44 -9.20
C ILE D 79 34.23 -23.58 -8.70
N ALA D 80 34.57 -22.46 -8.06
CA ALA D 80 33.59 -21.54 -7.46
C ALA D 80 32.95 -20.61 -8.50
N ILE D 81 31.71 -20.20 -8.22
CA ILE D 81 30.95 -19.33 -9.09
C ILE D 81 30.59 -18.09 -8.28
N ALA D 82 30.88 -16.93 -8.83
CA ALA D 82 30.62 -15.66 -8.17
C ALA D 82 29.67 -14.79 -8.97
N LEU D 83 28.70 -14.20 -8.27
CA LEU D 83 27.82 -13.21 -8.86
C LEU D 83 28.36 -11.82 -8.53
N ASP D 84 28.47 -10.98 -9.54
CA ASP D 84 28.96 -9.62 -9.39
C ASP D 84 27.82 -8.64 -9.66
N THR D 85 27.32 -7.99 -8.61
CA THR D 85 26.13 -7.13 -8.70
C THR D 85 26.33 -5.93 -9.63
N LYS D 86 25.23 -5.36 -10.10
CA LYS D 86 25.31 -4.13 -10.90
C LYS D 86 25.46 -2.90 -9.99
N GLY D 87 24.41 -2.61 -9.24
CA GLY D 87 24.44 -1.58 -8.21
C GLY D 87 24.26 -0.17 -8.71
N PRO D 88 24.77 0.80 -7.94
CA PRO D 88 24.70 2.23 -8.23
C PRO D 88 25.61 2.68 -9.40
N GLU D 89 25.69 1.87 -10.46
CA GLU D 89 26.47 2.25 -11.63
C GLU D 89 25.62 2.99 -12.64
N ILE D 90 26.22 4.00 -13.29
CA ILE D 90 25.54 4.78 -14.32
C ILE D 90 26.11 4.43 -15.69
N ARG D 91 25.23 4.39 -16.68
CA ARG D 91 25.60 4.08 -18.06
C ARG D 91 25.10 5.17 -19.01
N THR D 92 25.74 5.29 -20.18
CA THR D 92 25.23 6.15 -21.24
C THR D 92 24.14 5.38 -21.98
N GLY D 93 23.49 6.05 -22.94
CA GLY D 93 22.53 5.36 -23.78
C GLY D 93 23.22 4.68 -24.95
N GLN D 94 22.43 4.32 -25.96
CA GLN D 94 22.96 3.77 -27.22
C GLN D 94 23.20 4.88 -28.23
N PHE D 95 24.01 4.59 -29.25
CA PHE D 95 24.29 5.56 -30.30
C PHE D 95 24.02 4.99 -31.67
N VAL D 96 23.17 5.68 -32.43
CA VAL D 96 22.95 5.38 -33.84
C VAL D 96 24.29 5.46 -34.58
N GLY D 97 24.64 4.38 -35.27
CA GLY D 97 25.95 4.29 -35.91
C GLY D 97 26.87 3.36 -35.13
N GLY D 98 26.65 3.29 -33.82
CA GLY D 98 27.44 2.40 -32.96
C GLY D 98 28.59 3.09 -32.23
N ASP D 99 28.85 4.34 -32.59
CA ASP D 99 29.85 5.15 -31.90
C ASP D 99 29.48 6.64 -31.80
N ALA D 100 30.23 7.37 -30.98
CA ALA D 100 30.08 8.81 -30.90
C ALA D 100 31.47 9.43 -30.81
N VAL D 101 31.78 10.31 -31.76
CA VAL D 101 33.10 10.89 -31.88
C VAL D 101 33.18 12.25 -31.18
N MET D 102 33.47 12.20 -29.88
CA MET D 102 33.54 13.41 -29.06
C MET D 102 34.88 14.10 -29.28
N GLU D 103 34.82 15.38 -29.63
CA GLU D 103 36.02 16.15 -29.98
C GLU D 103 36.26 17.34 -29.04
N ARG D 104 37.49 17.42 -28.53
CA ARG D 104 37.95 18.52 -27.68
C ARG D 104 37.51 19.89 -28.25
N GLY D 105 36.46 20.45 -27.64
CA GLY D 105 35.90 21.74 -28.05
C GLY D 105 34.44 21.72 -28.49
N ALA D 106 33.85 20.51 -28.56
CA ALA D 106 32.46 20.32 -28.98
C ALA D 106 31.45 20.47 -27.84
N THR D 107 30.20 20.78 -28.21
CA THR D 107 29.15 21.04 -27.24
C THR D 107 28.05 19.98 -27.33
N CYS D 108 28.12 18.99 -26.44
CA CYS D 108 27.16 17.89 -26.40
C CYS D 108 26.08 18.11 -25.34
N TYR D 109 24.88 17.60 -25.61
CA TYR D 109 23.73 17.74 -24.71
C TYR D 109 23.35 16.41 -24.07
N VAL D 110 23.62 16.26 -22.77
CA VAL D 110 23.25 15.04 -22.06
C VAL D 110 21.89 15.25 -21.39
N THR D 111 21.02 14.25 -21.50
CA THR D 111 19.66 14.39 -20.97
C THR D 111 19.18 13.16 -20.18
N THR D 112 18.26 13.40 -19.26
CA THR D 112 17.64 12.31 -18.51
C THR D 112 16.52 11.63 -19.30
N ASP D 113 16.14 12.25 -20.43
CA ASP D 113 14.99 11.86 -21.24
C ASP D 113 15.21 10.57 -22.04
N PRO D 114 14.44 9.49 -21.73
CA PRO D 114 14.61 8.18 -22.38
C PRO D 114 14.26 8.16 -23.87
N ALA D 115 13.64 9.23 -24.36
CA ALA D 115 13.32 9.33 -25.79
C ALA D 115 14.57 9.27 -26.64
N PHE D 116 15.65 9.90 -26.18
CA PHE D 116 16.93 9.87 -26.87
C PHE D 116 17.87 8.80 -26.30
N ALA D 117 17.29 7.72 -25.77
CA ALA D 117 18.10 6.60 -25.30
C ALA D 117 18.64 5.82 -26.50
N ASP D 118 17.72 5.40 -27.38
N ASP D 118 17.74 5.38 -27.38
CA ASP D 118 18.05 4.63 -28.57
CA ASP D 118 18.12 4.60 -28.55
C ASP D 118 18.70 5.48 -29.66
C ASP D 118 18.61 5.46 -29.73
N LYS D 119 18.49 6.78 -29.59
CA LYS D 119 18.91 7.71 -30.68
C LYS D 119 19.92 8.80 -30.27
N GLY D 120 20.97 8.39 -29.57
CA GLY D 120 22.03 9.32 -29.18
C GLY D 120 22.98 9.66 -30.30
N THR D 121 23.31 10.95 -30.42
CA THR D 121 24.31 11.43 -31.38
C THR D 121 25.53 11.99 -30.66
N LYS D 122 26.54 12.39 -31.41
CA LYS D 122 27.72 13.09 -30.89
C LYS D 122 27.35 14.47 -30.33
N ASP D 123 26.09 14.85 -30.50
CA ASP D 123 25.58 16.16 -30.07
C ASP D 123 24.67 16.06 -28.84
N LYS D 124 24.02 14.89 -28.68
CA LYS D 124 23.03 14.69 -27.63
C LYS D 124 22.82 13.19 -27.35
N PHE D 125 22.97 12.80 -26.09
CA PHE D 125 22.71 11.40 -25.68
C PHE D 125 21.99 11.22 -24.34
N TYR D 126 21.79 9.96 -23.97
CA TYR D 126 20.97 9.59 -22.81
C TYR D 126 21.67 9.80 -21.45
N ILE D 127 22.14 8.72 -20.81
CA ILE D 127 22.58 8.71 -19.39
C ILE D 127 21.39 8.42 -18.47
N ASP D 128 21.38 7.23 -17.87
CA ASP D 128 20.18 6.74 -17.20
C ASP D 128 20.06 7.10 -15.72
N TYR D 129 20.90 8.01 -15.24
CA TYR D 129 20.72 8.54 -13.89
C TYR D 129 19.65 9.62 -13.94
N GLN D 130 18.40 9.21 -13.76
CA GLN D 130 17.24 10.09 -13.92
C GLN D 130 17.24 11.31 -12.98
N ASN D 131 18.07 11.25 -11.94
CA ASN D 131 18.23 12.35 -11.00
C ASN D 131 19.50 13.18 -11.28
N LEU D 132 20.01 13.08 -12.52
CA LEU D 132 21.27 13.73 -12.93
C LEU D 132 21.24 15.24 -12.83
N SER D 133 20.19 15.84 -13.40
CA SER D 133 20.04 17.29 -13.50
C SER D 133 20.03 17.97 -12.12
N LYS D 134 19.52 17.25 -11.13
CA LYS D 134 19.40 17.78 -9.78
C LYS D 134 20.73 17.70 -9.01
N VAL D 135 21.58 16.75 -9.38
CA VAL D 135 22.85 16.50 -8.66
C VAL D 135 24.00 17.39 -9.15
N VAL D 136 24.24 17.39 -10.47
CA VAL D 136 25.35 18.15 -11.05
C VAL D 136 25.17 19.67 -10.91
N ARG D 137 26.27 20.41 -11.04
CA ARG D 137 26.27 21.86 -10.86
C ARG D 137 27.06 22.57 -11.97
N PRO D 138 27.11 23.93 -11.94
CA PRO D 138 27.98 24.68 -12.85
C PRO D 138 29.50 24.46 -12.61
N GLY D 139 30.11 23.68 -13.50
CA GLY D 139 31.57 23.47 -13.46
C GLY D 139 31.98 22.10 -12.97
N ASN D 140 31.12 21.12 -13.20
CA ASN D 140 31.38 19.75 -12.77
C ASN D 140 31.80 18.80 -13.89
N TYR D 141 32.63 17.84 -13.53
CA TYR D 141 33.15 16.88 -14.48
C TYR D 141 32.32 15.58 -14.54
N ILE D 142 32.08 15.13 -15.76
CA ILE D 142 31.43 13.85 -16.01
C ILE D 142 32.43 12.97 -16.76
N TYR D 143 32.73 11.82 -16.17
CA TYR D 143 33.70 10.89 -16.74
C TYR D 143 32.98 9.80 -17.49
N ILE D 144 33.46 9.45 -18.67
CA ILE D 144 32.83 8.40 -19.45
C ILE D 144 33.72 7.16 -19.52
N ASP D 145 34.10 6.75 -20.73
CA ASP D 145 34.68 5.43 -21.04
C ASP D 145 35.82 4.95 -20.09
N ASP D 146 35.45 4.42 -18.92
CA ASP D 146 36.42 4.09 -17.84
C ASP D 146 37.18 5.31 -17.34
N GLY D 147 36.51 6.47 -17.34
CA GLY D 147 37.11 7.74 -16.97
C GLY D 147 38.07 8.30 -18.01
N ILE D 148 37.79 8.02 -19.28
CA ILE D 148 38.67 8.39 -20.39
C ILE D 148 38.15 9.57 -21.20
N LEU D 149 36.85 9.80 -21.15
CA LEU D 149 36.28 10.99 -21.74
C LEU D 149 35.76 11.90 -20.62
N ILE D 150 36.12 13.17 -20.68
CA ILE D 150 35.75 14.13 -19.63
C ILE D 150 35.05 15.35 -20.21
N LEU D 151 33.89 15.66 -19.64
CA LEU D 151 33.07 16.78 -20.09
C LEU D 151 32.85 17.74 -18.91
N GLN D 152 32.55 19.00 -19.22
CA GLN D 152 32.33 20.02 -18.18
C GLN D 152 30.93 20.63 -18.24
N VAL D 153 30.15 20.39 -17.18
CA VAL D 153 28.76 20.84 -17.06
C VAL D 153 28.67 22.36 -16.94
N GLN D 154 28.04 23.00 -17.92
CA GLN D 154 27.95 24.45 -17.96
C GLN D 154 26.63 25.00 -17.41
N SER D 155 25.52 24.62 -18.05
CA SER D 155 24.20 25.08 -17.61
C SER D 155 23.13 24.00 -17.77
N HIS D 156 22.07 24.11 -16.96
CA HIS D 156 20.88 23.29 -17.14
C HIS D 156 20.06 23.89 -18.29
N GLU D 157 19.86 23.10 -19.35
CA GLU D 157 18.98 23.50 -20.46
C GLU D 157 17.53 23.51 -20.01
N ASP D 158 17.11 22.42 -19.35
CA ASP D 158 15.81 22.32 -18.70
C ASP D 158 15.88 21.32 -17.53
N GLU D 159 14.71 20.93 -17.01
CA GLU D 159 14.60 19.97 -15.91
C GLU D 159 15.08 18.56 -16.31
N GLN D 160 15.75 18.46 -17.46
CA GLN D 160 16.16 17.16 -18.02
C GLN D 160 17.55 17.17 -18.68
N THR D 161 17.92 18.29 -19.30
CA THR D 161 19.12 18.37 -20.12
C THR D 161 20.22 19.25 -19.52
N LEU D 162 21.45 18.99 -19.94
CA LEU D 162 22.62 19.80 -19.60
C LEU D 162 23.39 20.17 -20.86
N GLU D 163 23.82 21.44 -20.92
CA GLU D 163 24.68 21.93 -21.99
C GLU D 163 26.12 21.71 -21.54
N CYS D 164 26.77 20.72 -22.15
CA CYS D 164 28.13 20.33 -21.77
C CYS D 164 29.17 20.75 -22.79
N THR D 165 30.43 20.73 -22.38
CA THR D 165 31.54 20.99 -23.28
C THR D 165 32.52 19.85 -23.17
N VAL D 166 32.95 19.32 -24.32
CA VAL D 166 33.98 18.29 -24.34
C VAL D 166 35.33 18.95 -24.09
N THR D 167 36.12 18.35 -23.20
CA THR D 167 37.45 18.88 -22.88
C THR D 167 38.58 18.09 -23.56
N ASN D 168 38.26 16.90 -24.05
CA ASN D 168 39.24 16.06 -24.75
C ASN D 168 38.61 15.12 -25.77
N SER D 169 39.33 14.89 -26.87
CA SER D 169 38.84 14.07 -27.96
C SER D 169 38.92 12.58 -27.66
N HIS D 170 37.84 11.87 -28.01
CA HIS D 170 37.73 10.43 -27.82
C HIS D 170 36.43 9.89 -28.42
N THR D 171 36.49 8.69 -28.98
CA THR D 171 35.32 8.04 -29.56
C THR D 171 34.76 7.03 -28.56
N ILE D 172 33.43 7.01 -28.41
CA ILE D 172 32.76 6.13 -27.44
C ILE D 172 31.72 5.20 -28.07
N SER D 173 31.57 4.03 -27.49
CA SER D 173 30.61 3.02 -27.94
C SER D 173 29.26 3.14 -27.21
N ASP D 174 28.42 2.12 -27.34
CA ASP D 174 27.10 2.10 -26.70
C ASP D 174 27.20 1.67 -25.23
N ARG D 175 26.21 2.07 -24.43
CA ARG D 175 26.11 1.75 -23.00
C ARG D 175 27.46 1.63 -22.26
N ARG D 176 28.24 2.70 -22.30
CA ARG D 176 29.50 2.76 -21.57
C ARG D 176 29.22 3.35 -20.20
N GLY D 177 30.06 3.03 -19.22
CA GLY D 177 29.90 3.52 -17.84
C GLY D 177 30.27 4.98 -17.66
N VAL D 178 29.56 5.67 -16.77
CA VAL D 178 29.84 7.07 -16.46
C VAL D 178 30.04 7.31 -14.95
N ASN D 179 31.20 7.87 -14.59
CA ASN D 179 31.54 8.14 -13.20
C ASN D 179 31.41 9.62 -12.86
N LEU D 180 30.89 9.90 -11.68
CA LEU D 180 30.80 11.27 -11.17
C LEU D 180 31.42 11.29 -9.77
N PRO D 181 32.59 11.96 -9.63
CA PRO D 181 33.31 11.96 -8.36
C PRO D 181 32.91 13.10 -7.44
N GLY D 182 32.86 12.82 -6.14
CA GLY D 182 32.50 13.83 -5.13
C GLY D 182 31.04 14.20 -5.05
N CYS D 183 30.36 14.18 -6.20
CA CYS D 183 28.96 14.66 -6.34
C CYS D 183 27.93 13.94 -5.46
N ASP D 184 28.39 12.97 -4.66
CA ASP D 184 27.53 12.19 -3.76
C ASP D 184 26.20 11.86 -4.42
N VAL D 185 26.23 10.89 -5.34
CA VAL D 185 25.04 10.44 -6.03
C VAL D 185 24.05 9.79 -5.06
N ASP D 186 22.88 10.39 -4.95
CA ASP D 186 21.80 9.83 -4.13
C ASP D 186 21.23 8.64 -4.88
N LEU D 187 21.98 7.54 -4.84
CA LEU D 187 21.62 6.29 -5.51
C LEU D 187 21.39 5.21 -4.47
N PRO D 188 20.46 4.29 -4.75
CA PRO D 188 20.19 3.19 -3.83
C PRO D 188 21.41 2.30 -3.66
N ALA D 189 21.59 1.79 -2.45
CA ALA D 189 22.69 0.88 -2.16
C ALA D 189 22.53 -0.40 -2.99
N VAL D 190 21.55 -1.21 -2.61
CA VAL D 190 21.10 -2.34 -3.40
C VAL D 190 19.84 -1.91 -4.16
N SER D 191 20.04 -1.60 -5.44
CA SER D 191 18.98 -1.17 -6.35
C SER D 191 17.99 -2.28 -6.68
N ALA D 192 16.84 -1.90 -7.25
CA ALA D 192 15.79 -2.84 -7.61
C ALA D 192 16.30 -3.97 -8.50
N LYS D 193 17.07 -3.60 -9.53
CA LYS D 193 17.67 -4.55 -10.46
C LYS D 193 18.43 -5.62 -9.70
N ASP D 194 19.04 -5.24 -8.58
CA ASP D 194 19.93 -6.13 -7.81
C ASP D 194 19.18 -7.15 -6.99
N ARG D 195 18.10 -6.72 -6.33
CA ARG D 195 17.26 -7.63 -5.56
C ARG D 195 16.78 -8.77 -6.44
N VAL D 196 16.48 -8.45 -7.69
CA VAL D 196 16.16 -9.44 -8.71
C VAL D 196 17.36 -10.34 -8.95
N ASP D 197 18.52 -9.72 -9.19
CA ASP D 197 19.76 -10.43 -9.51
C ASP D 197 20.20 -11.34 -8.38
N LEU D 198 20.13 -10.82 -7.15
CA LEU D 198 20.58 -11.55 -5.97
C LEU D 198 19.74 -12.80 -5.68
N GLN D 199 18.42 -12.67 -5.76
N GLN D 199 18.42 -12.64 -5.75
CA GLN D 199 17.51 -13.79 -5.50
CA GLN D 199 17.48 -13.74 -5.55
C GLN D 199 17.69 -14.90 -6.53
C GLN D 199 17.79 -14.89 -6.50
N PHE D 200 18.12 -14.53 -7.74
CA PHE D 200 18.46 -15.49 -8.79
C PHE D 200 19.71 -16.27 -8.40
N GLY D 201 20.62 -15.60 -7.71
CA GLY D 201 21.85 -16.21 -7.24
C GLY D 201 21.59 -17.26 -6.19
N VAL D 202 20.72 -16.94 -5.24
CA VAL D 202 20.34 -17.88 -4.17
C VAL D 202 19.66 -19.13 -4.73
N GLU D 203 18.79 -18.94 -5.71
CA GLU D 203 18.04 -20.04 -6.33
C GLU D 203 18.97 -21.01 -7.06
N GLN D 204 19.87 -20.46 -7.88
CA GLN D 204 20.81 -21.29 -8.63
C GLN D 204 21.95 -21.81 -7.76
N GLY D 205 22.25 -21.09 -6.68
CA GLY D 205 23.20 -21.55 -5.67
C GLY D 205 24.62 -21.05 -5.90
N VAL D 206 24.75 -19.76 -6.18
CA VAL D 206 26.07 -19.12 -6.31
C VAL D 206 26.83 -19.18 -4.99
N ASP D 207 28.15 -19.28 -5.07
CA ASP D 207 28.99 -19.49 -3.89
C ASP D 207 29.32 -18.21 -3.14
N MET D 208 29.45 -17.10 -3.89
CA MET D 208 29.73 -15.78 -3.29
C MET D 208 29.17 -14.62 -4.13
N ILE D 209 28.90 -13.51 -3.44
CA ILE D 209 28.43 -12.28 -4.07
C ILE D 209 29.53 -11.22 -4.03
N PHE D 210 29.90 -10.71 -5.20
CA PHE D 210 30.78 -9.55 -5.26
C PHE D 210 29.94 -8.27 -5.29
N ALA D 211 29.66 -7.73 -4.12
CA ALA D 211 28.76 -6.59 -4.03
C ALA D 211 29.44 -5.32 -4.52
N SER D 212 28.88 -4.71 -5.56
CA SER D 212 29.46 -3.52 -6.19
C SER D 212 29.20 -2.25 -5.40
N PHE D 213 30.13 -1.29 -5.56
CA PHE D 213 29.99 0.08 -5.05
C PHE D 213 29.50 0.20 -3.59
N ILE D 214 29.98 -0.71 -2.74
CA ILE D 214 29.71 -0.66 -1.29
C ILE D 214 30.33 0.61 -0.71
N ARG D 215 29.58 1.29 0.16
CA ARG D 215 30.03 2.56 0.72
C ARG D 215 29.90 2.64 2.24
N SER D 216 29.08 1.77 2.83
CA SER D 216 28.84 1.78 4.27
C SER D 216 28.58 0.39 4.85
N ALA D 217 28.66 0.28 6.16
CA ALA D 217 28.38 -0.97 6.86
C ALA D 217 26.91 -1.38 6.70
N GLU D 218 26.02 -0.43 7.00
CA GLU D 218 24.57 -0.61 6.83
C GLU D 218 24.24 -1.20 5.48
N GLN D 219 24.95 -0.75 4.44
CA GLN D 219 24.75 -1.15 3.06
C GLN D 219 24.96 -2.66 2.86
N VAL D 220 25.93 -3.23 3.58
CA VAL D 220 26.24 -4.65 3.45
C VAL D 220 25.08 -5.49 3.99
N GLY D 221 24.53 -5.05 5.12
CA GLY D 221 23.38 -5.68 5.73
C GLY D 221 22.22 -5.79 4.76
N ASP D 222 21.95 -4.68 4.07
CA ASP D 222 20.89 -4.61 3.04
C ASP D 222 21.06 -5.67 1.96
N VAL D 223 22.30 -6.07 1.71
CA VAL D 223 22.59 -7.14 0.76
C VAL D 223 22.24 -8.52 1.34
N ARG D 224 22.76 -8.82 2.53
CA ARG D 224 22.51 -10.12 3.16
C ARG D 224 21.04 -10.30 3.51
N LYS D 225 20.40 -9.21 3.92
CA LYS D 225 18.98 -9.21 4.22
C LYS D 225 18.17 -9.48 2.94
N ALA D 226 18.64 -8.94 1.82
CA ALA D 226 17.99 -9.14 0.53
C ALA D 226 18.23 -10.53 -0.03
N LEU D 227 19.32 -11.17 0.39
CA LEU D 227 19.63 -12.55 -0.01
C LEU D 227 18.66 -13.53 0.63
N GLY D 228 18.06 -13.10 1.74
CA GLY D 228 17.08 -13.91 2.47
C GLY D 228 17.72 -14.91 3.41
N PRO D 229 16.88 -15.70 4.10
CA PRO D 229 17.38 -16.75 4.98
C PRO D 229 17.86 -17.97 4.20
N LYS D 230 17.41 -18.09 2.95
CA LYS D 230 17.82 -19.18 2.06
C LYS D 230 19.30 -19.08 1.67
N GLY D 231 19.82 -17.87 1.59
CA GLY D 231 21.22 -17.63 1.25
C GLY D 231 22.02 -17.00 2.37
N ARG D 232 21.97 -17.62 3.55
CA ARG D 232 22.77 -17.17 4.69
C ARG D 232 24.22 -17.64 4.55
N ASP D 233 24.39 -18.78 3.86
CA ASP D 233 25.69 -19.43 3.73
C ASP D 233 26.61 -18.79 2.68
N ILE D 234 26.01 -18.00 1.79
CA ILE D 234 26.75 -17.32 0.70
C ILE D 234 27.59 -16.14 1.21
N MET D 235 28.85 -16.09 0.75
CA MET D 235 29.79 -15.04 1.13
C MET D 235 29.50 -13.71 0.45
N ILE D 236 29.84 -12.61 1.13
CA ILE D 236 29.62 -11.27 0.61
C ILE D 236 30.92 -10.49 0.51
N ILE D 237 31.48 -10.43 -0.70
CA ILE D 237 32.71 -9.70 -0.92
C ILE D 237 32.41 -8.29 -1.38
N CYS D 238 32.74 -7.33 -0.52
CA CYS D 238 32.50 -5.92 -0.81
C CYS D 238 33.54 -5.32 -1.76
N LYS D 239 33.05 -4.77 -2.86
CA LYS D 239 33.90 -4.09 -3.82
C LYS D 239 34.04 -2.64 -3.40
N ILE D 240 35.21 -2.27 -2.87
CA ILE D 240 35.52 -0.88 -2.55
C ILE D 240 35.95 -0.15 -3.82
N GLU D 241 35.09 0.72 -4.33
CA GLU D 241 35.36 1.39 -5.59
C GLU D 241 34.84 2.83 -5.65
N ASN D 242 34.65 3.43 -4.49
CA ASN D 242 34.30 4.85 -4.41
C ASN D 242 34.92 5.54 -3.19
N HIS D 243 34.78 6.85 -3.16
CA HIS D 243 35.44 7.69 -2.17
C HIS D 243 35.19 7.27 -0.71
N GLN D 244 33.92 7.12 -0.35
CA GLN D 244 33.52 6.83 1.02
C GLN D 244 33.79 5.39 1.43
N GLY D 245 33.60 4.45 0.51
CA GLY D 245 33.89 3.04 0.77
C GLY D 245 35.28 2.82 1.33
N VAL D 246 36.24 3.60 0.85
CA VAL D 246 37.62 3.55 1.33
C VAL D 246 37.72 4.12 2.73
N GLN D 247 37.04 5.25 2.95
CA GLN D 247 37.06 5.93 4.24
C GLN D 247 36.40 5.09 5.34
N ASN D 248 35.39 4.31 4.96
CA ASN D 248 34.65 3.47 5.91
C ASN D 248 35.09 2.01 5.88
N ILE D 249 36.25 1.74 5.30
CA ILE D 249 36.78 0.37 5.14
C ILE D 249 36.69 -0.49 6.41
N ASP D 250 36.98 0.14 7.56
CA ASP D 250 37.00 -0.54 8.85
C ASP D 250 35.71 -1.31 9.12
N SER D 251 34.60 -0.57 9.16
CA SER D 251 33.28 -1.11 9.47
C SER D 251 32.74 -2.02 8.37
N ILE D 252 33.16 -1.76 7.12
CA ILE D 252 32.75 -2.59 5.99
C ILE D 252 33.39 -3.96 6.11
N ILE D 253 34.68 -3.99 6.41
CA ILE D 253 35.36 -5.25 6.63
C ILE D 253 34.66 -6.08 7.70
N GLU D 254 34.32 -5.43 8.83
CA GLU D 254 33.65 -6.07 9.96
C GLU D 254 32.38 -6.83 9.55
N GLU D 255 31.59 -6.23 8.67
CA GLU D 255 30.33 -6.82 8.22
C GLU D 255 30.56 -7.82 7.10
N SER D 256 31.53 -7.52 6.23
CA SER D 256 31.76 -8.31 5.02
C SER D 256 32.51 -9.60 5.29
N ASP D 257 32.50 -10.48 4.30
CA ASP D 257 33.23 -11.74 4.36
C ASP D 257 34.57 -11.60 3.66
N GLY D 258 34.73 -10.52 2.90
CA GLY D 258 35.99 -10.19 2.22
C GLY D 258 35.91 -8.90 1.42
N ILE D 259 37.05 -8.45 0.90
CA ILE D 259 37.11 -7.19 0.13
C ILE D 259 37.64 -7.42 -1.29
N MET D 260 37.09 -6.68 -2.24
CA MET D 260 37.74 -6.53 -3.55
C MET D 260 38.17 -5.08 -3.80
N VAL D 261 39.43 -4.88 -4.17
CA VAL D 261 39.89 -3.59 -4.61
C VAL D 261 39.55 -3.51 -6.08
N ALA D 262 38.33 -3.08 -6.38
CA ALA D 262 37.92 -2.88 -7.76
C ALA D 262 38.50 -1.56 -8.27
N ARG D 263 39.67 -1.65 -8.91
CA ARG D 263 40.47 -0.46 -9.24
C ARG D 263 39.92 0.34 -10.42
N GLY D 264 39.17 -0.33 -11.30
CA GLY D 264 38.55 0.33 -12.43
C GLY D 264 37.78 1.58 -12.04
N ASP D 265 36.74 1.37 -11.24
CA ASP D 265 35.91 2.49 -10.81
C ASP D 265 36.61 3.38 -9.80
N LEU D 266 37.50 2.79 -9.00
CA LEU D 266 38.22 3.51 -7.95
C LEU D 266 39.14 4.55 -8.57
N GLY D 267 39.87 4.14 -9.61
CA GLY D 267 40.82 5.00 -10.32
C GLY D 267 40.22 6.23 -10.97
N VAL D 268 38.89 6.29 -10.97
CA VAL D 268 38.19 7.46 -11.46
C VAL D 268 37.66 8.24 -10.26
N GLU D 269 37.06 7.51 -9.32
CA GLU D 269 36.43 8.11 -8.15
C GLU D 269 37.43 8.82 -7.23
N ILE D 270 38.66 8.30 -7.17
CA ILE D 270 39.75 8.98 -6.46
C ILE D 270 40.90 9.27 -7.43
N PRO D 271 41.78 10.24 -7.07
CA PRO D 271 42.94 10.56 -7.90
C PRO D 271 43.85 9.34 -8.10
N ALA D 272 44.04 8.96 -9.37
CA ALA D 272 44.65 7.68 -9.77
C ALA D 272 45.92 7.28 -9.00
N GLU D 273 46.76 8.25 -8.69
CA GLU D 273 47.97 7.98 -7.93
C GLU D 273 47.64 7.43 -6.53
N LYS D 274 46.53 7.86 -5.97
CA LYS D 274 46.11 7.44 -4.62
C LYS D 274 45.55 6.02 -4.59
N VAL D 275 45.19 5.50 -5.76
CA VAL D 275 44.74 4.13 -5.88
C VAL D 275 45.79 3.19 -5.28
N VAL D 276 47.06 3.51 -5.52
CA VAL D 276 48.19 2.72 -5.00
C VAL D 276 48.19 2.67 -3.46
N VAL D 277 47.88 3.80 -2.84
CA VAL D 277 47.91 3.89 -1.39
C VAL D 277 46.75 3.08 -0.87
N ALA D 278 45.57 3.29 -1.47
CA ALA D 278 44.37 2.52 -1.13
C ALA D 278 44.60 1.01 -1.18
N GLN D 279 45.16 0.52 -2.29
CA GLN D 279 45.44 -0.90 -2.46
C GLN D 279 46.13 -1.42 -1.20
N LYS D 280 47.30 -0.86 -0.90
CA LYS D 280 48.06 -1.26 0.28
C LYS D 280 47.17 -1.33 1.53
N ILE D 281 46.42 -0.25 1.78
CA ILE D 281 45.60 -0.11 2.99
C ILE D 281 44.57 -1.22 3.10
N LEU D 282 43.74 -1.40 2.06
CA LEU D 282 42.71 -2.43 2.08
C LEU D 282 43.37 -3.78 2.32
N ILE D 283 44.21 -4.20 1.38
CA ILE D 283 44.90 -5.49 1.47
C ILE D 283 45.42 -5.77 2.89
N SER D 284 46.30 -4.90 3.38
CA SER D 284 46.87 -5.10 4.71
C SER D 284 45.80 -5.22 5.79
N LYS D 285 44.76 -4.38 5.70
CA LYS D 285 43.69 -4.39 6.69
C LYS D 285 42.93 -5.71 6.69
N CYS D 286 42.79 -6.31 5.50
CA CYS D 286 42.22 -7.64 5.37
C CYS D 286 43.15 -8.69 5.92
N ASN D 287 44.43 -8.56 5.60
CA ASN D 287 45.42 -9.49 6.11
C ASN D 287 45.38 -9.60 7.64
N VAL D 288 45.17 -8.47 8.31
CA VAL D 288 45.13 -8.42 9.76
C VAL D 288 43.86 -9.09 10.28
N ALA D 289 42.74 -8.90 9.59
CA ALA D 289 41.47 -9.47 10.00
C ALA D 289 41.36 -10.97 9.67
N GLY D 290 41.99 -11.36 8.57
CA GLY D 290 41.95 -12.74 8.10
C GLY D 290 40.86 -12.94 7.07
N LYS D 291 40.33 -11.84 6.55
CA LYS D 291 39.29 -11.89 5.54
C LYS D 291 39.91 -11.70 4.15
N PRO D 292 39.66 -12.66 3.23
CA PRO D 292 40.35 -12.67 1.93
C PRO D 292 40.17 -11.35 1.14
N VAL D 293 41.21 -10.97 0.41
CA VAL D 293 41.22 -9.74 -0.37
C VAL D 293 41.52 -10.05 -1.84
N ILE D 294 40.79 -9.41 -2.76
CA ILE D 294 41.02 -9.61 -4.19
C ILE D 294 41.49 -8.34 -4.86
N CYS D 295 42.64 -8.41 -5.54
CA CYS D 295 43.08 -7.31 -6.38
C CYS D 295 42.67 -7.56 -7.83
N ALA D 296 42.18 -6.51 -8.50
CA ALA D 296 41.52 -6.67 -9.81
C ALA D 296 41.55 -5.45 -10.71
N THR D 297 41.29 -5.70 -12.00
CA THR D 297 41.12 -4.70 -13.07
C THR D 297 42.42 -4.23 -13.72
N GLN D 298 42.49 -4.42 -15.05
CA GLN D 298 43.59 -3.93 -15.89
C GLN D 298 44.98 -4.43 -15.51
N MET D 299 45.02 -5.53 -14.75
CA MET D 299 46.29 -6.08 -14.32
C MET D 299 47.08 -6.66 -15.48
N LEU D 300 46.38 -7.22 -16.45
CA LEU D 300 47.04 -7.76 -17.64
C LEU D 300 46.35 -7.28 -18.92
N GLU D 301 45.86 -6.04 -18.88
CA GLU D 301 45.01 -5.49 -19.93
C GLU D 301 45.49 -5.80 -21.35
N SER D 302 46.77 -5.56 -21.64
CA SER D 302 47.28 -5.70 -23.01
C SER D 302 47.19 -7.13 -23.54
N MET D 303 46.85 -8.10 -22.70
CA MET D 303 46.67 -9.48 -23.16
C MET D 303 45.25 -9.79 -23.66
N THR D 304 44.47 -8.74 -23.86
CA THR D 304 43.22 -8.82 -24.58
C THR D 304 43.54 -8.74 -26.08
N TYR D 305 44.74 -8.23 -26.41
CA TYR D 305 45.18 -8.00 -27.79
C TYR D 305 46.45 -8.77 -28.16
N ASN D 306 47.50 -8.61 -27.35
CA ASN D 306 48.78 -9.28 -27.58
C ASN D 306 48.87 -10.58 -26.78
N PRO D 307 49.79 -11.49 -27.18
CA PRO D 307 49.94 -12.73 -26.42
C PRO D 307 50.94 -12.65 -25.28
N ARG D 308 51.50 -11.45 -25.06
CA ARG D 308 52.52 -11.20 -24.03
C ARG D 308 52.30 -9.85 -23.34
N PRO D 309 52.27 -9.85 -21.99
CA PRO D 309 52.01 -8.62 -21.21
C PRO D 309 53.19 -7.65 -21.21
N THR D 310 52.93 -6.37 -20.90
CA THR D 310 54.02 -5.40 -20.77
C THR D 310 54.73 -5.56 -19.41
N ARG D 311 55.91 -4.95 -19.30
CA ARG D 311 56.74 -5.04 -18.08
C ARG D 311 56.08 -4.37 -16.88
N ALA D 312 55.17 -3.43 -17.17
CA ALA D 312 54.37 -2.81 -16.13
C ALA D 312 53.36 -3.82 -15.62
N GLU D 313 52.68 -4.48 -16.55
CA GLU D 313 51.62 -5.42 -16.22
C GLU D 313 52.14 -6.61 -15.43
N VAL D 314 53.29 -7.14 -15.82
CA VAL D 314 53.93 -8.17 -15.03
C VAL D 314 54.14 -7.63 -13.62
N SER D 315 54.89 -6.54 -13.51
CA SER D 315 55.17 -5.85 -12.24
C SER D 315 53.94 -5.82 -11.33
N ASP D 316 52.81 -5.36 -11.88
CA ASP D 316 51.55 -5.25 -11.14
C ASP D 316 51.14 -6.57 -10.50
N VAL D 317 50.97 -7.61 -11.32
CA VAL D 317 50.56 -8.93 -10.79
C VAL D 317 51.44 -9.34 -9.61
N ALA D 318 52.76 -9.35 -9.83
CA ALA D 318 53.72 -9.75 -8.81
C ALA D 318 53.62 -8.84 -7.59
N ASN D 319 53.80 -7.54 -7.80
CA ASN D 319 53.72 -6.59 -6.70
C ASN D 319 52.44 -6.70 -5.88
N ALA D 320 51.35 -7.09 -6.55
CA ALA D 320 50.07 -7.34 -5.86
C ALA D 320 50.19 -8.51 -4.89
N VAL D 321 50.82 -9.59 -5.34
CA VAL D 321 51.05 -10.76 -4.50
C VAL D 321 51.95 -10.42 -3.32
N PHE D 322 52.95 -9.59 -3.56
CA PHE D 322 53.82 -9.04 -2.51
C PHE D 322 53.05 -8.20 -1.47
N ASN D 323 52.10 -7.40 -1.94
CA ASN D 323 51.25 -6.58 -1.09
C ASN D 323 50.41 -7.40 -0.12
N GLY D 324 50.20 -8.67 -0.46
CA GLY D 324 49.49 -9.62 0.40
C GLY D 324 48.14 -10.07 -0.10
N ALA D 325 47.83 -9.74 -1.37
CA ALA D 325 46.57 -10.12 -1.99
C ALA D 325 46.40 -11.63 -1.95
N ASP D 326 45.21 -12.09 -1.59
CA ASP D 326 44.88 -13.51 -1.64
C ASP D 326 44.60 -13.91 -3.08
N CYS D 327 43.86 -13.04 -3.78
CA CYS D 327 43.38 -13.34 -5.12
C CYS D 327 43.70 -12.25 -6.11
N VAL D 328 44.12 -12.66 -7.31
CA VAL D 328 44.23 -11.74 -8.45
C VAL D 328 43.15 -12.10 -9.48
N MET D 329 42.51 -11.08 -10.06
CA MET D 329 41.35 -11.32 -10.92
C MET D 329 41.45 -10.73 -12.32
N LEU D 330 41.09 -11.54 -13.31
CA LEU D 330 41.05 -11.13 -14.71
C LEU D 330 39.64 -10.71 -15.14
N SER D 331 39.52 -9.52 -15.71
CA SER D 331 38.23 -8.99 -16.14
C SER D 331 38.05 -9.19 -17.64
N GLY D 332 38.25 -8.12 -18.41
CA GLY D 332 38.11 -8.15 -19.87
C GLY D 332 39.12 -9.05 -20.55
N GLU D 333 40.20 -9.35 -19.83
CA GLU D 333 41.30 -10.17 -20.32
C GLU D 333 40.87 -11.58 -20.76
N THR D 334 39.85 -12.12 -20.09
CA THR D 334 39.30 -13.44 -20.45
C THR D 334 37.91 -13.35 -21.06
N ALA D 335 37.15 -12.35 -20.62
CA ALA D 335 35.78 -12.15 -21.06
C ALA D 335 35.68 -11.95 -22.57
N LYS D 336 36.53 -11.10 -23.12
CA LYS D 336 36.51 -10.84 -24.56
C LYS D 336 37.89 -10.91 -25.21
N GLY D 337 38.88 -11.38 -24.45
CA GLY D 337 40.27 -11.47 -24.93
C GLY D 337 40.48 -12.45 -26.07
N LYS D 338 41.56 -12.25 -26.81
CA LYS D 338 41.96 -13.20 -27.87
C LYS D 338 42.76 -14.36 -27.29
N TYR D 339 43.41 -14.12 -26.16
CA TYR D 339 44.24 -15.13 -25.52
C TYR D 339 43.76 -15.39 -24.10
N PRO D 340 42.70 -16.19 -23.94
CA PRO D 340 42.13 -16.40 -22.63
C PRO D 340 42.85 -17.49 -21.83
N ASN D 341 43.51 -18.41 -22.52
CA ASN D 341 44.29 -19.42 -21.84
C ASN D 341 45.69 -18.92 -21.52
N GLU D 342 46.27 -18.18 -22.47
CA GLU D 342 47.60 -17.62 -22.32
C GLU D 342 47.66 -16.56 -21.23
N VAL D 343 46.58 -15.79 -21.08
CA VAL D 343 46.53 -14.77 -20.03
C VAL D 343 46.46 -15.36 -18.62
N VAL D 344 45.84 -16.54 -18.48
CA VAL D 344 45.73 -17.19 -17.17
C VAL D 344 47.04 -17.86 -16.79
N GLN D 345 47.65 -18.53 -17.77
CA GLN D 345 48.93 -19.19 -17.59
C GLN D 345 50.01 -18.21 -17.11
N TYR D 346 50.12 -17.08 -17.81
CA TYR D 346 51.08 -16.02 -17.44
C TYR D 346 50.85 -15.46 -16.04
N MET D 347 49.60 -15.37 -15.62
CA MET D 347 49.30 -14.91 -14.28
C MET D 347 49.68 -15.95 -13.23
N ALA D 348 49.37 -17.22 -13.50
CA ALA D 348 49.75 -18.31 -12.60
C ALA D 348 51.27 -18.38 -12.44
N ARG D 349 51.98 -18.14 -13.54
CA ARG D 349 53.44 -18.18 -13.59
C ARG D 349 54.08 -16.99 -12.86
N ILE D 350 53.53 -15.78 -13.07
CA ILE D 350 53.98 -14.59 -12.33
C ILE D 350 53.71 -14.72 -10.82
N CYS D 351 52.59 -15.35 -10.48
CA CYS D 351 52.23 -15.62 -9.08
C CYS D 351 53.24 -16.55 -8.41
N LEU D 352 53.57 -17.66 -9.07
CA LEU D 352 54.58 -18.55 -8.53
C LEU D 352 55.88 -17.80 -8.26
N GLU D 353 56.36 -17.07 -9.27
CA GLU D 353 57.64 -16.37 -9.19
C GLU D 353 57.69 -15.38 -8.05
N ALA D 354 56.65 -14.56 -7.92
CA ALA D 354 56.56 -13.61 -6.82
C ALA D 354 56.55 -14.32 -5.49
N GLN D 355 55.77 -15.40 -5.42
CA GLN D 355 55.57 -16.19 -4.19
C GLN D 355 56.84 -16.91 -3.74
N SER D 356 57.63 -17.38 -4.70
CA SER D 356 58.88 -18.07 -4.41
C SER D 356 59.94 -17.11 -3.91
N ALA D 357 59.96 -15.90 -4.49
CA ALA D 357 60.92 -14.86 -4.11
C ALA D 357 60.38 -13.99 -2.96
N LEU D 358 59.48 -14.58 -2.18
CA LEU D 358 58.93 -13.92 -0.99
C LEU D 358 59.36 -14.67 0.27
N ASN D 359 59.46 -13.94 1.38
CA ASN D 359 59.71 -14.55 2.68
C ASN D 359 58.45 -14.56 3.53
N GLU D 360 57.74 -15.69 3.51
CA GLU D 360 56.45 -15.84 4.19
C GLU D 360 56.59 -15.74 5.70
N TYR D 361 57.76 -16.15 6.19
CA TYR D 361 58.09 -16.11 7.61
C TYR D 361 57.91 -14.71 8.19
N VAL D 362 58.26 -13.68 7.41
CA VAL D 362 58.08 -12.28 7.83
C VAL D 362 56.60 -11.95 7.98
N PHE D 363 55.82 -12.32 6.97
CA PHE D 363 54.37 -12.11 6.93
C PHE D 363 53.71 -12.73 8.16
N PHE D 364 54.23 -13.89 8.56
CA PHE D 364 53.71 -14.65 9.69
C PHE D 364 53.89 -13.88 10.98
N ASN D 365 55.12 -13.44 11.25
CA ASN D 365 55.42 -12.62 12.43
C ASN D 365 54.71 -11.27 12.46
N SER D 366 54.71 -10.57 11.33
CA SER D 366 54.08 -9.27 11.25
C SER D 366 52.61 -9.34 11.63
N ILE D 367 51.90 -10.32 11.05
CA ILE D 367 50.47 -10.54 11.31
C ILE D 367 50.21 -10.93 12.77
N LYS D 368 50.99 -11.87 13.28
CA LYS D 368 50.91 -12.30 14.68
C LYS D 368 51.08 -11.13 15.65
N LYS D 369 52.05 -10.25 15.38
CA LYS D 369 52.29 -9.06 16.20
C LYS D 369 51.05 -8.19 16.34
N LEU D 370 50.30 -8.05 15.25
CA LEU D 370 49.15 -7.15 15.20
C LEU D 370 47.85 -7.81 15.61
N GLN D 371 47.95 -8.87 16.41
CA GLN D 371 46.77 -9.53 16.96
C GLN D 371 46.56 -9.12 18.41
N HIS D 372 45.30 -8.87 18.79
CA HIS D 372 45.00 -8.51 20.17
C HIS D 372 45.16 -9.70 21.12
N ILE D 373 46.14 -9.57 22.01
CA ILE D 373 46.35 -10.50 23.11
C ILE D 373 45.41 -10.05 24.22
N PRO D 374 44.59 -10.97 24.76
CA PRO D 374 44.57 -12.41 24.56
C PRO D 374 43.79 -12.87 23.35
N MET D 375 44.39 -13.76 22.56
CA MET D 375 43.73 -14.39 21.42
C MET D 375 42.62 -15.31 21.91
N SER D 376 41.74 -15.68 21.00
CA SER D 376 40.76 -16.72 21.29
C SER D 376 41.46 -18.06 21.39
N ALA D 377 40.76 -19.02 22.01
CA ALA D 377 41.29 -20.38 22.17
C ALA D 377 41.80 -20.96 20.85
N ASP D 378 40.92 -20.97 19.85
CA ASP D 378 41.21 -21.63 18.57
C ASP D 378 42.17 -20.84 17.66
N GLU D 379 42.20 -19.51 17.80
CA GLU D 379 43.10 -18.70 16.97
C GLU D 379 44.56 -18.90 17.38
N ALA D 380 44.80 -18.96 18.69
CA ALA D 380 46.13 -19.27 19.21
C ALA D 380 46.60 -20.61 18.65
N VAL D 381 45.72 -21.60 18.65
CA VAL D 381 46.01 -22.95 18.16
C VAL D 381 46.57 -22.93 16.73
N CYS D 382 45.90 -22.18 15.85
CA CYS D 382 46.32 -22.02 14.45
C CYS D 382 47.64 -21.26 14.34
N SER D 383 47.71 -20.15 15.06
CA SER D 383 48.94 -19.38 15.19
C SER D 383 50.09 -20.32 15.51
N SER D 384 50.08 -20.85 16.74
CA SER D 384 51.15 -21.75 17.20
C SER D 384 51.41 -22.94 16.28
N ALA D 385 50.36 -23.54 15.74
CA ALA D 385 50.50 -24.67 14.81
C ALA D 385 51.20 -24.27 13.50
N VAL D 386 51.13 -22.99 13.13
CA VAL D 386 51.91 -22.45 12.00
C VAL D 386 53.35 -22.12 12.43
N ASN D 387 53.48 -21.63 13.65
CA ASN D 387 54.79 -21.47 14.26
C ASN D 387 55.52 -22.80 14.28
N SER D 388 54.77 -23.89 14.50
CA SER D 388 55.29 -25.26 14.47
C SER D 388 55.83 -25.62 13.09
N VAL D 389 55.10 -25.24 12.04
CA VAL D 389 55.48 -25.53 10.66
C VAL D 389 56.84 -24.92 10.31
N TYR D 390 57.07 -23.68 10.77
CA TYR D 390 58.32 -22.99 10.47
C TYR D 390 59.55 -23.58 11.15
N GLU D 391 59.39 -24.01 12.40
CA GLU D 391 60.47 -24.59 13.17
C GLU D 391 60.81 -26.01 12.74
N THR D 392 59.82 -26.72 12.20
CA THR D 392 59.97 -28.12 11.83
C THR D 392 60.20 -28.35 10.32
N LYS D 393 60.14 -27.27 9.54
CA LYS D 393 60.19 -27.33 8.06
C LYS D 393 59.19 -28.33 7.47
N ALA D 394 58.00 -28.37 8.05
CA ALA D 394 56.92 -29.25 7.60
C ALA D 394 56.55 -28.89 6.18
N LYS D 395 56.40 -29.90 5.33
CA LYS D 395 56.14 -29.67 3.91
C LYS D 395 54.65 -29.62 3.54
N ALA D 396 53.77 -29.86 4.53
CA ALA D 396 52.31 -29.75 4.34
C ALA D 396 51.58 -29.62 5.66
N MET D 397 50.33 -29.18 5.58
CA MET D 397 49.48 -29.00 6.75
C MET D 397 48.07 -29.57 6.48
N VAL D 398 47.46 -30.16 7.50
CA VAL D 398 46.11 -30.72 7.36
C VAL D 398 45.17 -30.10 8.41
N VAL D 399 44.09 -29.50 7.91
CA VAL D 399 43.05 -28.92 8.78
C VAL D 399 41.66 -29.50 8.49
N LEU D 400 40.93 -29.78 9.56
CA LEU D 400 39.55 -30.25 9.47
C LEU D 400 38.59 -29.11 9.81
N SER D 401 38.00 -28.53 8.77
CA SER D 401 36.98 -27.49 8.92
C SER D 401 35.82 -27.80 8.00
N ASN D 402 34.63 -27.93 8.57
CA ASN D 402 33.44 -28.14 7.79
C ASN D 402 32.89 -26.83 7.24
N THR D 403 32.71 -25.85 8.13
CA THR D 403 32.25 -24.51 7.74
C THR D 403 33.27 -23.78 6.86
N GLY D 404 34.55 -23.96 7.16
CA GLY D 404 35.62 -23.30 6.42
C GLY D 404 36.41 -22.32 7.25
N ARG D 405 35.87 -21.91 8.40
CA ARG D 405 36.51 -20.92 9.28
C ARG D 405 37.94 -21.29 9.66
N SER D 406 38.11 -22.48 10.22
CA SER D 406 39.42 -22.95 10.72
C SER D 406 40.47 -22.93 9.62
N ALA D 407 40.06 -23.32 8.41
CA ALA D 407 40.95 -23.35 7.26
C ALA D 407 41.49 -21.96 6.98
N ARG D 408 40.59 -20.99 6.85
CA ARG D 408 40.96 -19.60 6.62
C ARG D 408 41.84 -19.08 7.76
N LEU D 409 41.38 -19.29 9.00
CA LEU D 409 42.12 -18.85 10.18
C LEU D 409 43.56 -19.34 10.21
N VAL D 410 43.81 -20.49 9.58
CA VAL D 410 45.18 -20.98 9.44
C VAL D 410 45.89 -20.22 8.34
N ALA D 411 45.28 -20.16 7.16
CA ALA D 411 45.83 -19.43 6.02
C ALA D 411 46.15 -17.97 6.38
N LYS D 412 45.48 -17.48 7.41
CA LYS D 412 45.69 -16.13 7.93
C LYS D 412 47.14 -15.90 8.32
N TYR D 413 47.79 -16.94 8.84
CA TYR D 413 49.13 -16.81 9.40
C TYR D 413 50.26 -17.23 8.44
N ARG D 414 49.90 -17.39 7.16
CA ARG D 414 50.86 -17.53 6.06
C ARG D 414 52.01 -18.51 6.31
N PRO D 415 51.72 -19.82 6.33
CA PRO D 415 52.78 -20.83 6.36
C PRO D 415 53.50 -20.98 5.01
N ASN D 416 54.66 -21.63 5.03
CA ASN D 416 55.46 -21.81 3.81
C ASN D 416 55.20 -23.14 3.08
N CYS D 417 54.11 -23.80 3.44
CA CYS D 417 53.69 -25.06 2.83
C CYS D 417 52.20 -25.01 2.44
N PRO D 418 51.75 -25.96 1.58
CA PRO D 418 50.34 -26.05 1.22
C PRO D 418 49.46 -26.45 2.41
N ILE D 419 48.28 -25.85 2.47
CA ILE D 419 47.29 -26.19 3.49
C ILE D 419 46.21 -27.07 2.88
N VAL D 420 46.22 -28.35 3.26
CA VAL D 420 45.19 -29.28 2.83
C VAL D 420 44.03 -29.18 3.82
N CYS D 421 42.86 -28.83 3.30
CA CYS D 421 41.66 -28.71 4.13
C CYS D 421 40.67 -29.81 3.83
N VAL D 422 40.42 -30.66 4.83
CA VAL D 422 39.47 -31.75 4.70
C VAL D 422 38.10 -31.35 5.25
N THR D 423 37.12 -31.27 4.35
CA THR D 423 35.75 -30.89 4.71
C THR D 423 34.70 -31.85 4.13
N THR D 424 33.64 -32.06 4.89
CA THR D 424 32.56 -32.95 4.50
C THR D 424 31.59 -32.27 3.53
N ARG D 425 31.53 -30.94 3.58
CA ARG D 425 30.59 -30.16 2.78
C ARG D 425 31.24 -29.64 1.50
N LEU D 426 30.64 -29.99 0.37
CA LEU D 426 31.21 -29.71 -0.96
C LEU D 426 31.28 -28.21 -1.29
N GLN D 427 30.33 -27.43 -0.78
CA GLN D 427 30.31 -25.97 -0.98
C GLN D 427 31.56 -25.29 -0.41
N THR D 428 31.98 -25.72 0.77
CA THR D 428 33.15 -25.17 1.46
C THR D 428 34.41 -25.28 0.59
N CYS D 429 34.46 -26.30 -0.26
CA CYS D 429 35.58 -26.50 -1.16
C CYS D 429 35.68 -25.39 -2.22
N ARG D 430 34.53 -25.00 -2.77
CA ARG D 430 34.46 -23.93 -3.75
C ARG D 430 34.73 -22.61 -3.06
N GLN D 431 34.07 -22.41 -1.92
CA GLN D 431 34.21 -21.18 -1.14
C GLN D 431 35.61 -20.93 -0.56
N LEU D 432 36.46 -21.96 -0.57
CA LEU D 432 37.85 -21.81 -0.15
C LEU D 432 38.76 -21.47 -1.33
N ASN D 433 38.19 -21.44 -2.53
CA ASN D 433 38.97 -21.11 -3.72
C ASN D 433 39.33 -19.64 -3.81
N ILE D 434 39.03 -18.87 -2.77
CA ILE D 434 39.43 -17.46 -2.74
C ILE D 434 40.38 -17.10 -1.60
N THR D 435 40.67 -18.06 -0.72
CA THR D 435 41.67 -17.84 0.32
C THR D 435 42.98 -18.50 -0.06
N GLN D 436 44.08 -17.74 0.05
CA GLN D 436 45.39 -18.12 -0.47
C GLN D 436 46.00 -19.39 0.13
N GLY D 437 46.70 -20.15 -0.70
CA GLY D 437 47.52 -21.28 -0.26
C GLY D 437 46.80 -22.42 0.41
N VAL D 438 45.58 -22.69 -0.05
CA VAL D 438 44.75 -23.76 0.50
C VAL D 438 44.28 -24.66 -0.62
N GLU D 439 44.29 -25.97 -0.37
CA GLU D 439 43.62 -26.92 -1.25
C GLU D 439 42.61 -27.76 -0.47
N SER D 440 41.45 -27.98 -1.07
CA SER D 440 40.32 -28.58 -0.37
C SER D 440 40.09 -30.00 -0.82
N VAL D 441 39.83 -30.90 0.13
CA VAL D 441 39.52 -32.28 -0.19
C VAL D 441 38.16 -32.67 0.40
N PHE D 442 37.27 -33.07 -0.50
CA PHE D 442 35.91 -33.43 -0.16
C PHE D 442 35.84 -34.83 0.43
N PHE D 443 35.45 -34.89 1.70
CA PHE D 443 35.21 -36.15 2.38
C PHE D 443 33.71 -36.42 2.38
N ASP D 444 33.30 -37.38 1.55
CA ASP D 444 31.89 -37.70 1.38
C ASP D 444 31.28 -38.27 2.67
N ALA D 445 30.43 -37.48 3.31
CA ALA D 445 29.83 -37.82 4.59
C ALA D 445 28.72 -38.85 4.47
N ASP D 446 28.01 -38.82 3.34
CA ASP D 446 26.83 -39.66 3.13
C ASP D 446 27.11 -41.05 2.59
N LYS D 447 28.39 -41.38 2.38
CA LYS D 447 28.79 -42.72 1.93
C LYS D 447 30.09 -43.25 2.56
N LEU D 448 30.66 -42.50 3.50
CA LEU D 448 31.87 -42.92 4.21
C LEU D 448 31.74 -42.80 5.73
N GLY D 449 30.55 -42.41 6.19
CA GLY D 449 30.25 -42.35 7.62
C GLY D 449 30.60 -41.03 8.29
N HIS D 450 30.02 -40.80 9.47
CA HIS D 450 30.25 -39.58 10.24
C HIS D 450 31.72 -39.38 10.60
N ASP D 451 32.35 -40.43 11.11
CA ASP D 451 33.75 -40.42 11.56
C ASP D 451 34.03 -39.32 12.59
N GLU D 452 33.42 -39.46 13.77
CA GLU D 452 33.63 -38.52 14.86
C GLU D 452 34.96 -38.78 15.59
N GLY D 453 35.72 -39.75 15.07
CA GLY D 453 37.05 -40.06 15.58
C GLY D 453 38.14 -39.34 14.81
N LYS D 454 37.76 -38.68 13.72
CA LYS D 454 38.64 -37.87 12.87
C LYS D 454 39.72 -38.67 12.12
N GLU D 455 39.84 -39.95 12.45
CA GLU D 455 40.91 -40.83 11.98
C GLU D 455 41.01 -40.96 10.46
N HIS D 456 39.88 -41.25 9.82
CA HIS D 456 39.82 -41.54 8.38
C HIS D 456 40.02 -40.28 7.54
N ARG D 457 39.52 -39.16 8.05
CA ARG D 457 39.60 -37.86 7.37
C ARG D 457 41.03 -37.34 7.34
N VAL D 458 41.65 -37.25 8.51
CA VAL D 458 43.03 -36.80 8.65
C VAL D 458 43.95 -37.56 7.69
N ALA D 459 43.80 -38.88 7.66
CA ALA D 459 44.61 -39.74 6.80
C ALA D 459 44.27 -39.58 5.32
N ALA D 460 43.07 -39.06 5.03
CA ALA D 460 42.67 -38.77 3.66
C ALA D 460 43.39 -37.52 3.16
N GLY D 461 43.49 -36.51 4.01
CA GLY D 461 44.21 -35.28 3.70
C GLY D 461 45.68 -35.52 3.45
N VAL D 462 46.28 -36.40 4.23
CA VAL D 462 47.68 -36.78 4.08
C VAL D 462 47.91 -37.55 2.77
N GLU D 463 46.91 -38.31 2.33
CA GLU D 463 46.99 -39.04 1.07
C GLU D 463 46.99 -38.08 -0.11
N PHE D 464 46.13 -37.06 -0.03
CA PHE D 464 46.10 -35.98 -1.02
C PHE D 464 47.48 -35.32 -1.11
N ALA D 465 48.06 -35.03 0.05
CA ALA D 465 49.40 -34.46 0.10
C ALA D 465 50.41 -35.39 -0.56
N LYS D 466 50.32 -36.68 -0.26
CA LYS D 466 51.21 -37.68 -0.85
C LYS D 466 51.06 -37.79 -2.37
N SER D 467 49.83 -37.67 -2.84
CA SER D 467 49.52 -37.79 -4.27
C SER D 467 49.97 -36.58 -5.07
N LYS D 468 49.77 -35.38 -4.52
CA LYS D 468 50.21 -34.14 -5.17
C LYS D 468 51.73 -33.89 -5.04
N GLY D 469 52.43 -34.78 -4.34
CA GLY D 469 53.88 -34.70 -4.19
C GLY D 469 54.31 -33.52 -3.35
N TYR D 470 53.69 -33.37 -2.18
CA TYR D 470 54.10 -32.35 -1.21
C TYR D 470 54.99 -32.97 -0.15
N VAL D 471 54.54 -34.11 0.38
CA VAL D 471 55.28 -34.88 1.37
C VAL D 471 55.69 -36.25 0.82
N GLN D 472 56.85 -36.73 1.26
CA GLN D 472 57.34 -38.07 0.93
C GLN D 472 57.18 -38.96 2.16
N THR D 473 57.89 -40.08 2.19
CA THR D 473 57.91 -40.92 3.38
C THR D 473 58.97 -40.40 4.32
N GLY D 474 58.53 -39.84 5.46
CA GLY D 474 59.45 -39.32 6.47
C GLY D 474 59.51 -37.81 6.56
N ASP D 475 58.54 -37.13 5.94
CA ASP D 475 58.42 -35.67 6.06
C ASP D 475 57.41 -35.32 7.13
N TYR D 476 57.42 -34.08 7.58
CA TYR D 476 56.52 -33.64 8.64
C TYR D 476 55.23 -33.02 8.11
N CYS D 477 54.12 -33.36 8.76
CA CYS D 477 52.82 -32.80 8.44
C CYS D 477 52.08 -32.42 9.72
N VAL D 478 51.54 -31.21 9.75
CA VAL D 478 50.90 -30.71 10.97
C VAL D 478 49.38 -30.77 10.82
N VAL D 479 48.71 -31.33 11.83
CA VAL D 479 47.28 -31.64 11.75
C VAL D 479 46.47 -30.96 12.85
N ILE D 480 45.46 -30.18 12.46
CA ILE D 480 44.61 -29.45 13.41
C ILE D 480 43.14 -29.91 13.33
N HIS D 481 42.48 -30.04 14.49
CA HIS D 481 41.05 -30.41 14.57
C HIS D 481 40.48 -30.26 15.99
N TYR D 489 34.81 -26.45 16.79
CA TYR D 489 35.99 -25.73 16.31
C TYR D 489 37.28 -26.50 16.60
N ALA D 490 38.39 -26.07 15.99
CA ALA D 490 39.67 -26.76 16.11
C ALA D 490 40.47 -26.30 17.34
N ASN D 491 40.70 -27.24 18.26
CA ASN D 491 41.38 -26.93 19.53
C ASN D 491 42.44 -27.96 19.93
N GLN D 492 42.84 -28.78 18.96
CA GLN D 492 43.88 -29.80 19.15
C GLN D 492 44.81 -29.84 17.93
N THR D 493 46.11 -29.85 18.19
CA THR D 493 47.12 -29.86 17.11
C THR D 493 48.19 -30.93 17.35
N ARG D 494 48.58 -31.62 16.27
CA ARG D 494 49.56 -32.70 16.31
C ARG D 494 50.54 -32.61 15.15
N ILE D 495 51.79 -32.95 15.39
CA ILE D 495 52.80 -33.04 14.33
C ILE D 495 53.15 -34.51 14.16
N LEU D 496 52.97 -35.03 12.95
CA LEU D 496 53.17 -36.46 12.69
C LEU D 496 54.12 -36.77 11.52
N LEU D 497 54.80 -37.90 11.62
CA LEU D 497 55.62 -38.44 10.54
C LEU D 497 54.71 -39.17 9.56
N VAL D 498 55.09 -39.20 8.28
CA VAL D 498 54.26 -39.81 7.23
C VAL D 498 54.87 -41.08 6.64
N GLU D 499 54.00 -42.07 6.42
CA GLU D 499 54.42 -43.37 5.91
C GLU D 499 54.28 -43.46 4.39
#